data_5VTE
# 
_entry.id   5VTE 
# 
_audit_conform.dict_name       mmcif_pdbx.dic 
_audit_conform.dict_version    5.362 
_audit_conform.dict_location   http://mmcif.pdb.org/dictionaries/ascii/mmcif_pdbx.dic 
# 
loop_
_database_2.database_id 
_database_2.database_code 
_database_2.pdbx_database_accession 
_database_2.pdbx_DOI 
PDB   5VTE         pdb_00005vte 10.2210/pdb5vte/pdb 
WWPDB D_1000227984 ?            ?                   
# 
_pdbx_database_status.status_code                     REL 
_pdbx_database_status.status_code_sf                  REL 
_pdbx_database_status.status_code_mr                  ? 
_pdbx_database_status.entry_id                        5VTE 
_pdbx_database_status.recvd_initial_deposition_date   2017-05-16 
_pdbx_database_status.SG_entry                        N 
_pdbx_database_status.deposit_site                    RCSB 
_pdbx_database_status.process_site                    RCSB 
_pdbx_database_status.status_code_cs                  ? 
_pdbx_database_status.methods_development_category    ? 
_pdbx_database_status.pdb_format_compatible           Y 
_pdbx_database_status.status_code_nmr_data            ? 
# 
loop_
_audit_author.name 
_audit_author.pdbx_ordinal 
_audit_author.identifier_ORCID 
'Spencer, R.K.'  1 0000-0002-1043-3913 
'Hochbaum, A.I.' 2 ?                   
# 
_citation.abstract                  ? 
_citation.abstract_id_CAS           ? 
_citation.book_id_ISBN              ? 
_citation.book_publisher            ? 
_citation.book_publisher_city       ? 
_citation.book_title                ? 
_citation.coordinate_linkage        ? 
_citation.country                   US 
_citation.database_id_Medline       ? 
_citation.details                   ? 
_citation.id                        primary 
_citation.journal_abbrev            Biochemistry 
_citation.journal_id_ASTM           BICHAW 
_citation.journal_id_CSD            0033 
_citation.journal_id_ISSN           1520-4995 
_citation.journal_full              ? 
_citation.journal_issue             ? 
_citation.journal_volume            56 
_citation.language                  ? 
_citation.page_first                5300 
_citation.page_last                 5308 
_citation.title                     
'The Phe-Ile Zipper: A Specific Interaction Motif Drives Antiparallel Coiled-Coil Hexamer Formation.' 
_citation.year                      2017 
_citation.database_id_CSD           ? 
_citation.pdbx_database_id_DOI      10.1021/acs.biochem.7b00756 
_citation.pdbx_database_id_PubMed   28876052 
_citation.unpublished_flag          ? 
# 
loop_
_citation_author.citation_id 
_citation_author.name 
_citation_author.ordinal 
_citation_author.identifier_ORCID 
primary 'Spencer, R.K.'  1 ? 
primary 'Hochbaum, A.I.' 2 ? 
# 
_cell.angle_alpha                  90.00 
_cell.angle_alpha_esd              ? 
_cell.angle_beta                   90.00 
_cell.angle_beta_esd               ? 
_cell.angle_gamma                  120.00 
_cell.angle_gamma_esd              ? 
_cell.entry_id                     5VTE 
_cell.details                      ? 
_cell.formula_units_Z              ? 
_cell.length_a                     48.970 
_cell.length_a_esd                 ? 
_cell.length_b                     48.970 
_cell.length_b_esd                 ? 
_cell.length_c                     141.821 
_cell.length_c_esd                 ? 
_cell.volume                       ? 
_cell.volume_esd                   ? 
_cell.Z_PDB                        18 
_cell.reciprocal_angle_alpha       ? 
_cell.reciprocal_angle_beta        ? 
_cell.reciprocal_angle_gamma       ? 
_cell.reciprocal_angle_alpha_esd   ? 
_cell.reciprocal_angle_beta_esd    ? 
_cell.reciprocal_angle_gamma_esd   ? 
_cell.reciprocal_length_a          ? 
_cell.reciprocal_length_b          ? 
_cell.reciprocal_length_c          ? 
_cell.reciprocal_length_a_esd      ? 
_cell.reciprocal_length_b_esd      ? 
_cell.reciprocal_length_c_esd      ? 
_cell.pdbx_unique_axis             ? 
# 
_symmetry.entry_id                         5VTE 
_symmetry.cell_setting                     ? 
_symmetry.Int_Tables_number                155 
_symmetry.space_group_name_Hall            ? 
_symmetry.space_group_name_H-M             'H 3 2' 
_symmetry.pdbx_full_space_group_name_H-M   ? 
# 
loop_
_entity.id 
_entity.type 
_entity.src_method 
_entity.pdbx_description 
_entity.formula_weight 
_entity.pdbx_number_of_molecules 
_entity.pdbx_ec 
_entity.pdbx_mutation 
_entity.pdbx_fragment 
_entity.details 
1 polymer syn 'de novo peptide 1' 3438.790 1  ? ? ? ? 
2 polymer syn 'de novo peptide 2' 3438.856 1  ? ? ? ? 
3 water   nat water               18.015   45 ? ? ? ? 
# 
loop_
_entity_poly.entity_id 
_entity_poly.type 
_entity_poly.nstd_linkage 
_entity_poly.nstd_monomer 
_entity_poly.pdbx_seq_one_letter_code 
_entity_poly.pdbx_seq_one_letter_code_can 
_entity_poly.pdbx_strand_id 
_entity_poly.pdbx_target_identifier 
1 'polypeptide(L)' no yes '(ACE)ELEAIAQKFEAIAKKFEAIA(PHI)KFEAIAQK(NH2)' XELEAIAQKFEAIAKKFEAIAFKFEAIAQKX A ? 
2 'polypeptide(L)' no yes '(ACE)ELKAIAQEFKAIAKEFKAIA(PHI)EFKAIAQK(NH2)' XELKAIAQEFKAIAKEFKAIAFEFKAIAQKX B ? 
# 
loop_
_entity_poly_seq.entity_id 
_entity_poly_seq.num 
_entity_poly_seq.mon_id 
_entity_poly_seq.hetero 
1 1  ACE n 
1 2  GLU n 
1 3  LEU n 
1 4  GLU n 
1 5  ALA n 
1 6  ILE n 
1 7  ALA n 
1 8  GLN n 
1 9  LYS n 
1 10 PHE n 
1 11 GLU n 
1 12 ALA n 
1 13 ILE n 
1 14 ALA n 
1 15 LYS n 
1 16 LYS n 
1 17 PHE n 
1 18 GLU n 
1 19 ALA n 
1 20 ILE n 
1 21 ALA n 
1 22 PHI n 
1 23 LYS n 
1 24 PHE n 
1 25 GLU n 
1 26 ALA n 
1 27 ILE n 
1 28 ALA n 
1 29 GLN n 
1 30 LYS n 
1 31 NH2 n 
2 1  ACE n 
2 2  GLU n 
2 3  LEU n 
2 4  LYS n 
2 5  ALA n 
2 6  ILE n 
2 7  ALA n 
2 8  GLN n 
2 9  GLU n 
2 10 PHE n 
2 11 LYS n 
2 12 ALA n 
2 13 ILE n 
2 14 ALA n 
2 15 LYS n 
2 16 GLU n 
2 17 PHE n 
2 18 LYS n 
2 19 ALA n 
2 20 ILE n 
2 21 ALA n 
2 22 PHI n 
2 23 GLU n 
2 24 PHE n 
2 25 LYS n 
2 26 ALA n 
2 27 ILE n 
2 28 ALA n 
2 29 GLN n 
2 30 LYS n 
2 31 NH2 n 
# 
loop_
_pdbx_entity_src_syn.entity_id 
_pdbx_entity_src_syn.pdbx_src_id 
_pdbx_entity_src_syn.pdbx_alt_source_flag 
_pdbx_entity_src_syn.pdbx_beg_seq_num 
_pdbx_entity_src_syn.pdbx_end_seq_num 
_pdbx_entity_src_syn.organism_scientific 
_pdbx_entity_src_syn.organism_common_name 
_pdbx_entity_src_syn.ncbi_taxonomy_id 
_pdbx_entity_src_syn.details 
1 1 sample 1 31 'synthetic construct' ? 32630 ? 
2 1 sample 1 31 'synthetic construct' ? 32630 ? 
# 
loop_
_struct_ref.id 
_struct_ref.db_name 
_struct_ref.db_code 
_struct_ref.pdbx_db_accession 
_struct_ref.pdbx_db_isoform 
_struct_ref.entity_id 
_struct_ref.pdbx_seq_one_letter_code 
_struct_ref.pdbx_align_begin 
1 PDB 5VTE 5VTE ? 1 ? 1 
2 PDB 5VTE 5VTE ? 2 ? 1 
# 
loop_
_struct_ref_seq.align_id 
_struct_ref_seq.ref_id 
_struct_ref_seq.pdbx_PDB_id_code 
_struct_ref_seq.pdbx_strand_id 
_struct_ref_seq.seq_align_beg 
_struct_ref_seq.pdbx_seq_align_beg_ins_code 
_struct_ref_seq.seq_align_end 
_struct_ref_seq.pdbx_seq_align_end_ins_code 
_struct_ref_seq.pdbx_db_accession 
_struct_ref_seq.db_align_beg 
_struct_ref_seq.pdbx_db_align_beg_ins_code 
_struct_ref_seq.db_align_end 
_struct_ref_seq.pdbx_db_align_end_ins_code 
_struct_ref_seq.pdbx_auth_seq_align_beg 
_struct_ref_seq.pdbx_auth_seq_align_end 
1 1 5VTE A 1 ? 31 ? 5VTE 1 ? 31 ? 1 31 
2 2 5VTE B 1 ? 31 ? 5VTE 1 ? 31 ? 1 31 
# 
loop_
_chem_comp.id 
_chem_comp.type 
_chem_comp.mon_nstd_flag 
_chem_comp.name 
_chem_comp.pdbx_synonyms 
_chem_comp.formula 
_chem_comp.formula_weight 
ACE non-polymer         . 'ACETYL GROUP'     ? 'C2 H4 O'        44.053  
ALA 'L-peptide linking' y ALANINE            ? 'C3 H7 N O2'     89.093  
GLN 'L-peptide linking' y GLUTAMINE          ? 'C5 H10 N2 O3'   146.144 
GLU 'L-peptide linking' y 'GLUTAMIC ACID'    ? 'C5 H9 N O4'     147.129 
HOH non-polymer         . WATER              ? 'H2 O'           18.015  
ILE 'L-peptide linking' y ISOLEUCINE         ? 'C6 H13 N O2'    131.173 
LEU 'L-peptide linking' y LEUCINE            ? 'C6 H13 N O2'    131.173 
LYS 'L-peptide linking' y LYSINE             ? 'C6 H15 N2 O2 1' 147.195 
NH2 non-polymer         . 'AMINO GROUP'      ? 'H2 N'           16.023  
PHE 'L-peptide linking' y PHENYLALANINE      ? 'C9 H11 N O2'    165.189 
PHI 'L-peptide linking' n IODO-PHENYLALANINE ? 'C9 H10 I N O2'  291.086 
# 
_exptl.absorpt_coefficient_mu     ? 
_exptl.absorpt_correction_T_max   ? 
_exptl.absorpt_correction_T_min   ? 
_exptl.absorpt_correction_type    ? 
_exptl.absorpt_process_details    ? 
_exptl.entry_id                   5VTE 
_exptl.crystals_number            1 
_exptl.details                    ? 
_exptl.method                     'X-RAY DIFFRACTION' 
_exptl.method_details             ? 
# 
_exptl_crystal.colour                      ? 
_exptl_crystal.density_diffrn              ? 
_exptl_crystal.density_Matthews            2.38 
_exptl_crystal.density_method              ? 
_exptl_crystal.density_percent_sol         48.29 
_exptl_crystal.description                 ? 
_exptl_crystal.F_000                       ? 
_exptl_crystal.id                          1 
_exptl_crystal.preparation                 ? 
_exptl_crystal.size_max                    ? 
_exptl_crystal.size_mid                    ? 
_exptl_crystal.size_min                    ? 
_exptl_crystal.size_rad                    ? 
_exptl_crystal.colour_lustre               ? 
_exptl_crystal.colour_modifier             ? 
_exptl_crystal.colour_primary              ? 
_exptl_crystal.density_meas                ? 
_exptl_crystal.density_meas_esd            ? 
_exptl_crystal.density_meas_gt             ? 
_exptl_crystal.density_meas_lt             ? 
_exptl_crystal.density_meas_temp           ? 
_exptl_crystal.density_meas_temp_esd       ? 
_exptl_crystal.density_meas_temp_gt        ? 
_exptl_crystal.density_meas_temp_lt        ? 
_exptl_crystal.pdbx_crystal_image_url      ? 
_exptl_crystal.pdbx_crystal_image_format   ? 
_exptl_crystal.pdbx_mosaicity              ? 
_exptl_crystal.pdbx_mosaicity_esd          ? 
# 
_exptl_crystal_grow.apparatus       ? 
_exptl_crystal_grow.atmosphere      ? 
_exptl_crystal_grow.crystal_id      1 
_exptl_crystal_grow.details         ? 
_exptl_crystal_grow.method          'VAPOR DIFFUSION, HANGING DROP' 
_exptl_crystal_grow.method_ref      ? 
_exptl_crystal_grow.pH              6.75 
_exptl_crystal_grow.pressure        ? 
_exptl_crystal_grow.pressure_esd    ? 
_exptl_crystal_grow.seeding         ? 
_exptl_crystal_grow.seeding_ref     ? 
_exptl_crystal_grow.temp            298 
_exptl_crystal_grow.temp_details    ? 
_exptl_crystal_grow.temp_esd        ? 
_exptl_crystal_grow.time            ? 
_exptl_crystal_grow.pdbx_details    '0.1 M sodium formate, pH 6.75, PEG 3350 24%' 
_exptl_crystal_grow.pdbx_pH_range   ? 
# 
_diffrn.ambient_environment    ? 
_diffrn.ambient_temp           100 
_diffrn.ambient_temp_details   ? 
_diffrn.ambient_temp_esd       ? 
_diffrn.crystal_id             1 
_diffrn.crystal_support        ? 
_diffrn.crystal_treatment      ? 
_diffrn.details                ? 
_diffrn.id                     1 
_diffrn.ambient_pressure       ? 
_diffrn.ambient_pressure_esd   ? 
_diffrn.ambient_pressure_gt    ? 
_diffrn.ambient_pressure_lt    ? 
_diffrn.ambient_temp_gt        ? 
_diffrn.ambient_temp_lt        ? 
# 
_diffrn_detector.details                      ? 
_diffrn_detector.detector                     CCD 
_diffrn_detector.diffrn_id                    1 
_diffrn_detector.type                         'ADSC QUANTUM 315r' 
_diffrn_detector.area_resol_mean              ? 
_diffrn_detector.dtime                        ? 
_diffrn_detector.pdbx_frames_total            ? 
_diffrn_detector.pdbx_collection_time_total   ? 
_diffrn_detector.pdbx_collection_date         2016-02-05 
# 
_diffrn_radiation.collimation                      ? 
_diffrn_radiation.diffrn_id                        1 
_diffrn_radiation.filter_edge                      ? 
_diffrn_radiation.inhomogeneity                    ? 
_diffrn_radiation.monochromator                    'Double-crystal Si(111)' 
_diffrn_radiation.polarisn_norm                    ? 
_diffrn_radiation.polarisn_ratio                   ? 
_diffrn_radiation.probe                            ? 
_diffrn_radiation.type                             ? 
_diffrn_radiation.xray_symbol                      ? 
_diffrn_radiation.wavelength_id                    1 
_diffrn_radiation.pdbx_monochromatic_or_laue_m_l   M 
_diffrn_radiation.pdbx_wavelength_list             ? 
_diffrn_radiation.pdbx_wavelength                  ? 
_diffrn_radiation.pdbx_diffrn_protocol             'SINGLE WAVELENGTH' 
_diffrn_radiation.pdbx_analyzer                    ? 
_diffrn_radiation.pdbx_scattering_type             x-ray 
# 
_diffrn_radiation_wavelength.id           1 
_diffrn_radiation_wavelength.wavelength   1.0 
_diffrn_radiation_wavelength.wt           1.0 
# 
_diffrn_source.current                     ? 
_diffrn_source.details                     ? 
_diffrn_source.diffrn_id                   1 
_diffrn_source.power                       ? 
_diffrn_source.size                        ? 
_diffrn_source.source                      SYNCHROTRON 
_diffrn_source.target                      ? 
_diffrn_source.type                        'ALS BEAMLINE 8.2.2' 
_diffrn_source.voltage                     ? 
_diffrn_source.take-off_angle              ? 
_diffrn_source.pdbx_wavelength_list        1.0 
_diffrn_source.pdbx_wavelength             ? 
_diffrn_source.pdbx_synchrotron_beamline   8.2.2 
_diffrn_source.pdbx_synchrotron_site       ALS 
# 
_reflns.B_iso_Wilson_estimate            20.58 
_reflns.entry_id                         5VTE 
_reflns.data_reduction_details           ? 
_reflns.data_reduction_method            ? 
_reflns.d_resolution_high                2.023 
_reflns.d_resolution_low                 47.274 
_reflns.details                          ? 
_reflns.limit_h_max                      ? 
_reflns.limit_h_min                      ? 
_reflns.limit_k_max                      ? 
_reflns.limit_k_min                      ? 
_reflns.limit_l_max                      ? 
_reflns.limit_l_min                      ? 
_reflns.number_all                       ? 
_reflns.number_obs                       8400 
_reflns.observed_criterion               ? 
_reflns.observed_criterion_F_max         ? 
_reflns.observed_criterion_F_min         ? 
_reflns.observed_criterion_I_max         ? 
_reflns.observed_criterion_I_min         ? 
_reflns.observed_criterion_sigma_F       ? 
_reflns.observed_criterion_sigma_I       ? 
_reflns.percent_possible_obs             93 
_reflns.R_free_details                   ? 
_reflns.Rmerge_F_all                     ? 
_reflns.Rmerge_F_obs                     ? 
_reflns.Friedel_coverage                 ? 
_reflns.number_gt                        ? 
_reflns.threshold_expression             ? 
_reflns.pdbx_redundancy                  5.4 
_reflns.pdbx_Rmerge_I_obs                0.04451 
_reflns.pdbx_Rmerge_I_all                ? 
_reflns.pdbx_Rsym_value                  ? 
_reflns.pdbx_netI_over_av_sigmaI         ? 
_reflns.pdbx_netI_over_sigmaI            10.63 
_reflns.pdbx_res_netI_over_av_sigmaI_2   ? 
_reflns.pdbx_res_netI_over_sigmaI_2      ? 
_reflns.pdbx_chi_squared                 ? 
_reflns.pdbx_scaling_rejects             ? 
_reflns.pdbx_d_res_high_opt              ? 
_reflns.pdbx_d_res_low_opt               ? 
_reflns.pdbx_d_res_opt_method            ? 
_reflns.phase_calculation_details        ? 
_reflns.pdbx_Rrim_I_all                  ? 
_reflns.pdbx_Rpim_I_all                  ? 
_reflns.pdbx_d_opt                       ? 
_reflns.pdbx_number_measured_all         ? 
_reflns.pdbx_diffrn_id                   1 
_reflns.pdbx_ordinal                     1 
_reflns.pdbx_CC_half                     0.993 
_reflns.pdbx_R_split                     ? 
# 
_reflns_shell.d_res_high                  2.023 
_reflns_shell.d_res_low                   2.096 
_reflns_shell.meanI_over_sigI_all         ? 
_reflns_shell.meanI_over_sigI_obs         3.76 
_reflns_shell.number_measured_all         ? 
_reflns_shell.number_measured_obs         ? 
_reflns_shell.number_possible             ? 
_reflns_shell.number_unique_all           ? 
_reflns_shell.number_unique_obs           342 
_reflns_shell.percent_possible_all        89 
_reflns_shell.percent_possible_obs        ? 
_reflns_shell.Rmerge_F_all                ? 
_reflns_shell.Rmerge_F_obs                ? 
_reflns_shell.Rmerge_I_all                ? 
_reflns_shell.Rmerge_I_obs                0.09103 
_reflns_shell.meanI_over_sigI_gt          ? 
_reflns_shell.meanI_over_uI_all           ? 
_reflns_shell.meanI_over_uI_gt            ? 
_reflns_shell.number_measured_gt          ? 
_reflns_shell.number_unique_gt            ? 
_reflns_shell.percent_possible_gt         ? 
_reflns_shell.Rmerge_F_gt                 ? 
_reflns_shell.Rmerge_I_gt                 ? 
_reflns_shell.pdbx_redundancy             4.3 
_reflns_shell.pdbx_Rsym_value             ? 
_reflns_shell.pdbx_chi_squared            ? 
_reflns_shell.pdbx_netI_over_sigmaI_all   ? 
_reflns_shell.pdbx_netI_over_sigmaI_obs   ? 
_reflns_shell.pdbx_Rrim_I_all             ? 
_reflns_shell.pdbx_Rpim_I_all             ? 
_reflns_shell.pdbx_rejects                ? 
_reflns_shell.pdbx_ordinal                1 
_reflns_shell.pdbx_diffrn_id              1 
_reflns_shell.pdbx_CC_half                0.977 
_reflns_shell.pdbx_R_split                ? 
# 
_refine.aniso_B[1][1]                            ? 
_refine.aniso_B[1][2]                            ? 
_refine.aniso_B[1][3]                            ? 
_refine.aniso_B[2][2]                            ? 
_refine.aniso_B[2][3]                            ? 
_refine.aniso_B[3][3]                            ? 
_refine.B_iso_max                                ? 
_refine.B_iso_mean                               ? 
_refine.B_iso_min                                ? 
_refine.correlation_coeff_Fo_to_Fc               ? 
_refine.correlation_coeff_Fo_to_Fc_free          ? 
_refine.details                                  ? 
_refine.diff_density_max                         ? 
_refine.diff_density_max_esd                     ? 
_refine.diff_density_min                         ? 
_refine.diff_density_min_esd                     ? 
_refine.diff_density_rms                         ? 
_refine.diff_density_rms_esd                     ? 
_refine.entry_id                                 5VTE 
_refine.pdbx_refine_id                           'X-RAY DIFFRACTION' 
_refine.ls_abs_structure_details                 ? 
_refine.ls_abs_structure_Flack                   ? 
_refine.ls_abs_structure_Flack_esd               ? 
_refine.ls_abs_structure_Rogers                  ? 
_refine.ls_abs_structure_Rogers_esd              ? 
_refine.ls_d_res_high                            2.023 
_refine.ls_d_res_low                             47.274 
_refine.ls_extinction_coef                       ? 
_refine.ls_extinction_coef_esd                   ? 
_refine.ls_extinction_expression                 ? 
_refine.ls_extinction_method                     ? 
_refine.ls_goodness_of_fit_all                   ? 
_refine.ls_goodness_of_fit_all_esd               ? 
_refine.ls_goodness_of_fit_obs                   ? 
_refine.ls_goodness_of_fit_obs_esd               ? 
_refine.ls_hydrogen_treatment                    ? 
_refine.ls_matrix_type                           ? 
_refine.ls_number_constraints                    ? 
_refine.ls_number_parameters                     ? 
_refine.ls_number_reflns_all                     ? 
_refine.ls_number_reflns_obs                     7666 
_refine.ls_number_reflns_R_free                  769 
_refine.ls_number_reflns_R_work                  ? 
_refine.ls_number_restraints                     ? 
_refine.ls_percent_reflns_obs                    92.13 
_refine.ls_percent_reflns_R_free                 10.03 
_refine.ls_R_factor_all                          ? 
_refine.ls_R_factor_obs                          0.2103 
_refine.ls_R_factor_R_free                       0.2370 
_refine.ls_R_factor_R_free_error                 ? 
_refine.ls_R_factor_R_free_error_details         ? 
_refine.ls_R_factor_R_work                       0.2074 
_refine.ls_R_Fsqd_factor_obs                     ? 
_refine.ls_R_I_factor_obs                        ? 
_refine.ls_redundancy_reflns_all                 ? 
_refine.ls_redundancy_reflns_obs                 ? 
_refine.ls_restrained_S_all                      ? 
_refine.ls_restrained_S_obs                      ? 
_refine.ls_shift_over_esd_max                    ? 
_refine.ls_shift_over_esd_mean                   ? 
_refine.ls_structure_factor_coef                 ? 
_refine.ls_weighting_details                     ? 
_refine.ls_weighting_scheme                      ? 
_refine.ls_wR_factor_all                         ? 
_refine.ls_wR_factor_obs                         ? 
_refine.ls_wR_factor_R_free                      ? 
_refine.ls_wR_factor_R_work                      ? 
_refine.occupancy_max                            ? 
_refine.occupancy_min                            ? 
_refine.solvent_model_details                    ? 
_refine.solvent_model_param_bsol                 ? 
_refine.solvent_model_param_ksol                 ? 
_refine.ls_R_factor_gt                           ? 
_refine.ls_goodness_of_fit_gt                    ? 
_refine.ls_goodness_of_fit_ref                   ? 
_refine.ls_shift_over_su_max                     ? 
_refine.ls_shift_over_su_max_lt                  ? 
_refine.ls_shift_over_su_mean                    ? 
_refine.ls_shift_over_su_mean_lt                 ? 
_refine.pdbx_ls_sigma_I                          ? 
_refine.pdbx_ls_sigma_F                          1.35 
_refine.pdbx_ls_sigma_Fsqd                       ? 
_refine.pdbx_data_cutoff_high_absF               ? 
_refine.pdbx_data_cutoff_high_rms_absF           ? 
_refine.pdbx_data_cutoff_low_absF                ? 
_refine.pdbx_isotropic_thermal_model             ? 
_refine.pdbx_ls_cross_valid_method               'FREE R-VALUE' 
_refine.pdbx_method_to_determine_struct          SAD 
_refine.pdbx_starting_model                      ? 
_refine.pdbx_stereochemistry_target_values       ? 
_refine.pdbx_R_Free_selection_details            ? 
_refine.pdbx_stereochem_target_val_spec_case     ? 
_refine.pdbx_overall_ESU_R                       ? 
_refine.pdbx_overall_ESU_R_Free                  ? 
_refine.pdbx_solvent_vdw_probe_radii             1.11 
_refine.pdbx_solvent_ion_probe_radii             ? 
_refine.pdbx_solvent_shrinkage_radii             0.90 
_refine.pdbx_real_space_R                        ? 
_refine.pdbx_density_correlation                 ? 
_refine.pdbx_pd_number_of_powder_patterns        ? 
_refine.pdbx_pd_number_of_points                 ? 
_refine.pdbx_pd_meas_number_of_points            ? 
_refine.pdbx_pd_proc_ls_prof_R_factor            ? 
_refine.pdbx_pd_proc_ls_prof_wR_factor           ? 
_refine.pdbx_pd_Marquardt_correlation_coeff      ? 
_refine.pdbx_pd_Fsqrd_R_factor                   ? 
_refine.pdbx_pd_ls_matrix_band_width             ? 
_refine.pdbx_overall_phase_error                 25.35 
_refine.pdbx_overall_SU_R_free_Cruickshank_DPI   ? 
_refine.pdbx_overall_SU_R_free_Blow_DPI          ? 
_refine.pdbx_overall_SU_R_Blow_DPI               ? 
_refine.pdbx_TLS_residual_ADP_flag               ? 
_refine.pdbx_diffrn_id                           1 
_refine.overall_SU_B                             ? 
_refine.overall_SU_ML                            0.17 
_refine.overall_SU_R_Cruickshank_DPI             ? 
_refine.overall_SU_R_free                        ? 
_refine.overall_FOM_free_R_set                   ? 
_refine.overall_FOM_work_R_set                   ? 
_refine.pdbx_average_fsc_overall                 ? 
_refine.pdbx_average_fsc_work                    ? 
_refine.pdbx_average_fsc_free                    ? 
# 
_refine_hist.pdbx_refine_id                   'X-RAY DIFFRACTION' 
_refine_hist.cycle_id                         LAST 
_refine_hist.pdbx_number_atoms_protein        474 
_refine_hist.pdbx_number_atoms_nucleic_acid   0 
_refine_hist.pdbx_number_atoms_ligand         0 
_refine_hist.number_atoms_solvent             45 
_refine_hist.number_atoms_total               519 
_refine_hist.d_res_high                       2.023 
_refine_hist.d_res_low                        47.274 
# 
loop_
_refine_ls_restr.pdbx_refine_id 
_refine_ls_restr.criterion 
_refine_ls_restr.dev_ideal 
_refine_ls_restr.dev_ideal_target 
_refine_ls_restr.number 
_refine_ls_restr.rejects 
_refine_ls_restr.type 
_refine_ls_restr.weight 
_refine_ls_restr.pdbx_restraint_function 
'X-RAY DIFFRACTION' ? 0.003  ? 480 ? f_bond_d           ? ? 
'X-RAY DIFFRACTION' ? 0.590  ? 637 ? f_angle_d          ? ? 
'X-RAY DIFFRACTION' ? 17.816 ? 287 ? f_dihedral_angle_d ? ? 
'X-RAY DIFFRACTION' ? 0.038  ? 68  ? f_chiral_restr     ? ? 
'X-RAY DIFFRACTION' ? 0.002  ? 81  ? f_plane_restr      ? ? 
# 
loop_
_refine_ls_shell.pdbx_refine_id 
_refine_ls_shell.d_res_high 
_refine_ls_shell.d_res_low 
_refine_ls_shell.number_reflns_all 
_refine_ls_shell.number_reflns_obs 
_refine_ls_shell.number_reflns_R_free 
_refine_ls_shell.number_reflns_R_work 
_refine_ls_shell.percent_reflns_obs 
_refine_ls_shell.percent_reflns_R_free 
_refine_ls_shell.R_factor_all 
_refine_ls_shell.R_factor_obs 
_refine_ls_shell.R_factor_R_free 
_refine_ls_shell.R_factor_R_free_error 
_refine_ls_shell.R_factor_R_work 
_refine_ls_shell.redundancy_reflns_all 
_refine_ls_shell.redundancy_reflns_obs 
_refine_ls_shell.wR_factor_all 
_refine_ls_shell.wR_factor_obs 
_refine_ls_shell.wR_factor_R_free 
_refine_ls_shell.wR_factor_R_work 
_refine_ls_shell.pdbx_total_number_of_bins_used 
_refine_ls_shell.pdbx_phase_error 
_refine_ls_shell.pdbx_fsc_work 
_refine_ls_shell.pdbx_fsc_free 
'X-RAY DIFFRACTION' 2.0233 2.1795  . . 147 1315 87.00  . . . 0.2534 . 0.2180 . . . . . . . . . . 
'X-RAY DIFFRACTION' 2.1795 2.3988  . . 146 1321 88.00  . . . 0.2843 . 0.2562 . . . . . . . . . . 
'X-RAY DIFFRACTION' 2.3988 2.7459  . . 163 1417 95.00  . . . 0.2813 . 0.2132 . . . . . . . . . . 
'X-RAY DIFFRACTION' 2.7459 3.4593  . . 161 1452 100.00 . . . 0.2168 . 0.2054 . . . . . . . . . . 
'X-RAY DIFFRACTION' 3.4593 47.2866 . . 152 1392 93.00  . . . 0.2066 . 0.1853 . . . . . . . . . . 
# 
_struct.entry_id                     5VTE 
_struct.title                        'Hetero antiparallel coiled coil hexamer formed by de novo peptides' 
_struct.pdbx_model_details           ? 
_struct.pdbx_formula_weight          ? 
_struct.pdbx_formula_weight_method   ? 
_struct.pdbx_model_type_details      ? 
_struct.pdbx_CASP_flag               N 
# 
_struct_keywords.entry_id        5VTE 
_struct_keywords.text            'antiparallel, hexamer, de novo, phe-ile zipper, DE NOVO PROTEIN' 
_struct_keywords.pdbx_keywords   'DE NOVO PROTEIN' 
# 
loop_
_struct_asym.id 
_struct_asym.pdbx_blank_PDB_chainid_flag 
_struct_asym.pdbx_modified 
_struct_asym.entity_id 
_struct_asym.details 
A N N 1 ? 
B N N 2 ? 
C N N 3 ? 
D N N 3 ? 
# 
loop_
_struct_conf.conf_type_id 
_struct_conf.id 
_struct_conf.pdbx_PDB_helix_id 
_struct_conf.beg_label_comp_id 
_struct_conf.beg_label_asym_id 
_struct_conf.beg_label_seq_id 
_struct_conf.pdbx_beg_PDB_ins_code 
_struct_conf.end_label_comp_id 
_struct_conf.end_label_asym_id 
_struct_conf.end_label_seq_id 
_struct_conf.pdbx_end_PDB_ins_code 
_struct_conf.beg_auth_comp_id 
_struct_conf.beg_auth_asym_id 
_struct_conf.beg_auth_seq_id 
_struct_conf.end_auth_comp_id 
_struct_conf.end_auth_asym_id 
_struct_conf.end_auth_seq_id 
_struct_conf.pdbx_PDB_helix_class 
_struct_conf.details 
_struct_conf.pdbx_PDB_helix_length 
HELX_P HELX_P1 AA1 GLU A 2 ? LYS A 30 ? GLU A 2 LYS A 30 1 ? 29 
HELX_P HELX_P2 AA2 GLU B 2 ? GLN B 29 ? GLU B 2 GLN B 29 1 ? 28 
# 
_struct_conf_type.id          HELX_P 
_struct_conf_type.criteria    ? 
_struct_conf_type.reference   ? 
# 
loop_
_struct_conn.id 
_struct_conn.conn_type_id 
_struct_conn.pdbx_leaving_atom_flag 
_struct_conn.pdbx_PDB_id 
_struct_conn.ptnr1_label_asym_id 
_struct_conn.ptnr1_label_comp_id 
_struct_conn.ptnr1_label_seq_id 
_struct_conn.ptnr1_label_atom_id 
_struct_conn.pdbx_ptnr1_label_alt_id 
_struct_conn.pdbx_ptnr1_PDB_ins_code 
_struct_conn.pdbx_ptnr1_standard_comp_id 
_struct_conn.ptnr1_symmetry 
_struct_conn.ptnr2_label_asym_id 
_struct_conn.ptnr2_label_comp_id 
_struct_conn.ptnr2_label_seq_id 
_struct_conn.ptnr2_label_atom_id 
_struct_conn.pdbx_ptnr2_label_alt_id 
_struct_conn.pdbx_ptnr2_PDB_ins_code 
_struct_conn.ptnr1_auth_asym_id 
_struct_conn.ptnr1_auth_comp_id 
_struct_conn.ptnr1_auth_seq_id 
_struct_conn.ptnr2_auth_asym_id 
_struct_conn.ptnr2_auth_comp_id 
_struct_conn.ptnr2_auth_seq_id 
_struct_conn.ptnr2_symmetry 
_struct_conn.pdbx_ptnr3_label_atom_id 
_struct_conn.pdbx_ptnr3_label_seq_id 
_struct_conn.pdbx_ptnr3_label_comp_id 
_struct_conn.pdbx_ptnr3_label_asym_id 
_struct_conn.pdbx_ptnr3_label_alt_id 
_struct_conn.pdbx_ptnr3_PDB_ins_code 
_struct_conn.details 
_struct_conn.pdbx_dist_value 
_struct_conn.pdbx_value_order 
_struct_conn.pdbx_role 
covale1 covale both ? A ACE 1  C ? ? ? 1_555 A GLU 2  N ? ? A ACE 1  A GLU 2  1_555 ? ? ? ? ? ? ? 1.330 ? ? 
covale2 covale both ? A ALA 21 C ? ? ? 1_555 A PHI 22 N ? ? A ALA 21 A PHI 22 1_555 ? ? ? ? ? ? ? 1.330 ? ? 
covale3 covale both ? A PHI 22 C ? ? ? 1_555 A LYS 23 N ? ? A PHI 22 A LYS 23 1_555 ? ? ? ? ? ? ? 1.330 ? ? 
covale4 covale both ? A LYS 30 C ? ? ? 1_555 A NH2 31 N ? ? A LYS 30 A NH2 31 1_555 ? ? ? ? ? ? ? 1.449 ? ? 
covale5 covale both ? B ACE 1  C ? ? ? 1_555 B GLU 2  N ? ? B ACE 1  B GLU 2  1_555 ? ? ? ? ? ? ? 1.331 ? ? 
covale6 covale both ? B ALA 21 C ? ? ? 1_555 B PHI 22 N ? ? B ALA 21 B PHI 22 1_555 ? ? ? ? ? ? ? 1.328 ? ? 
covale7 covale both ? B PHI 22 C ? ? ? 1_555 B GLU 23 N ? ? B PHI 22 B GLU 23 1_555 ? ? ? ? ? ? ? 1.331 ? ? 
covale8 covale both ? B LYS 30 C ? ? ? 1_555 B NH2 31 N ? ? B LYS 30 B NH2 31 1_555 ? ? ? ? ? ? ? 1.448 ? ? 
# 
_struct_conn_type.id          covale 
_struct_conn_type.criteria    ? 
_struct_conn_type.reference   ? 
# 
_atom_sites.entry_id                    5VTE 
_atom_sites.fract_transf_matrix[1][1]   0.00152134 
_atom_sites.fract_transf_matrix[1][2]   0.02236191 
_atom_sites.fract_transf_matrix[1][3]   -0.00732473 
_atom_sites.fract_transf_matrix[2][1]   0.01143319 
_atom_sites.fract_transf_matrix[2][2]   0.00510997 
_atom_sites.fract_transf_matrix[2][3]   -0.01997966 
_atom_sites.fract_transf_matrix[3][1]   -0.00599417 
_atom_sites.fract_transf_matrix[3][2]   -0.00078119 
_atom_sites.fract_transf_matrix[3][3]   -0.00362991 
_atom_sites.fract_transf_vector[1]      -0.367157 
_atom_sites.fract_transf_vector[2]      0.156495 
_atom_sites.fract_transf_vector[3]      0.084740 
# 
loop_
_atom_type.symbol 
C 
H 
I 
N 
O 
# 
loop_
_atom_site.group_PDB 
_atom_site.id 
_atom_site.type_symbol 
_atom_site.label_atom_id 
_atom_site.label_alt_id 
_atom_site.label_comp_id 
_atom_site.label_asym_id 
_atom_site.label_entity_id 
_atom_site.label_seq_id 
_atom_site.pdbx_PDB_ins_code 
_atom_site.Cartn_x 
_atom_site.Cartn_y 
_atom_site.Cartn_z 
_atom_site.occupancy 
_atom_site.B_iso_or_equiv 
_atom_site.pdbx_formal_charge 
_atom_site.auth_seq_id 
_atom_site.auth_comp_id 
_atom_site.auth_asym_id 
_atom_site.auth_atom_id 
_atom_site.pdbx_PDB_model_num 
HETATM 1    C C    . ACE A 1 1  ? -13.789 -11.272 -9.698  1.00 33.95 ? 1   ACE A C    1 
HETATM 2    O O    . ACE A 1 1  ? -13.092 -11.237 -8.687  1.00 33.80 ? 1   ACE A O    1 
HETATM 3    C CH3  . ACE A 1 1  ? -15.256 -11.587 -9.646  1.00 36.28 ? 1   ACE A CH3  1 
ATOM   4    N N    . GLU A 1 2  ? -13.287 -11.037 -10.907 1.00 33.53 ? 2   GLU A N    1 
ATOM   5    C CA   . GLU A 1 2  ? -11.876 -10.720 -11.094 1.00 31.58 ? 2   GLU A CA   1 
ATOM   6    C C    . GLU A 1 2  ? -11.549 -9.357  -10.506 1.00 30.03 ? 2   GLU A C    1 
ATOM   7    O O    . GLU A 1 2  ? -10.480 -9.157  -9.932  1.00 28.43 ? 2   GLU A O    1 
ATOM   8    C CB   . GLU A 1 2  ? -11.501 -10.751 -12.577 1.00 35.98 ? 2   GLU A CB   1 
ATOM   9    C CG   . GLU A 1 2  ? -11.368 -12.156 -13.158 1.00 41.14 ? 2   GLU A CG   1 
ATOM   10   C CD   . GLU A 1 2  ? -12.704 -12.795 -13.485 1.00 37.01 ? 2   GLU A CD   1 
ATOM   11   O OE1  . GLU A 1 2  ? -13.681 -12.054 -13.723 1.00 45.11 ? 2   GLU A OE1  1 
ATOM   12   O OE2  . GLU A 1 2  ? -12.775 -14.042 -13.506 1.00 40.62 ? 2   GLU A OE2  1 
ATOM   13   H H    . GLU A 1 2  ? -13.745 -11.054 -11.636 1.00 40.24 ? 2   GLU A H    1 
ATOM   14   H HA   . GLU A 1 2  ? -11.339 -11.384 -10.634 1.00 37.90 ? 2   GLU A HA   1 
ATOM   15   H HB2  . GLU A 1 2  ? -12.186 -10.286 -13.081 1.00 43.18 ? 2   GLU A HB2  1 
ATOM   16   H HB3  . GLU A 1 2  ? -10.648 -10.302 -12.691 1.00 43.18 ? 2   GLU A HB3  1 
ATOM   17   H HG2  . GLU A 1 2  ? -10.851 -12.110 -13.977 1.00 49.36 ? 2   GLU A HG2  1 
ATOM   18   H HG3  . GLU A 1 2  ? -10.917 -12.721 -12.512 1.00 49.36 ? 2   GLU A HG3  1 
ATOM   19   N N    . LEU A 1 3  ? -12.485 -8.419  -10.651 1.00 30.71 ? 3   LEU A N    1 
ATOM   20   C CA   . LEU A 1 3  ? -12.264 -7.068  -10.147 1.00 39.29 ? 3   LEU A CA   1 
ATOM   21   C C    . LEU A 1 3  ? -12.132 -7.060  -8.630  1.00 28.95 ? 3   LEU A C    1 
ATOM   22   O O    . LEU A 1 3  ? -11.290 -6.342  -8.078  1.00 27.47 ? 3   LEU A O    1 
ATOM   23   C CB   . LEU A 1 3  ? -13.406 -6.156  -10.595 1.00 30.90 ? 3   LEU A CB   1 
ATOM   24   C CG   . LEU A 1 3  ? -13.563 -6.020  -12.111 1.00 31.73 ? 3   LEU A CG   1 
ATOM   25   C CD1  . LEU A 1 3  ? -14.979 -5.614  -12.474 1.00 42.65 ? 3   LEU A CD1  1 
ATOM   26   C CD2  . LEU A 1 3  ? -12.554 -5.018  -12.655 1.00 30.40 ? 3   LEU A CD2  1 
ATOM   27   H H    . LEU A 1 3  ? -13.245 -8.538  -11.035 1.00 36.85 ? 3   LEU A H    1 
ATOM   28   H HA   . LEU A 1 3  ? -11.439 -6.721  -10.522 1.00 47.15 ? 3   LEU A HA   1 
ATOM   29   H HB2  . LEU A 1 3  ? -14.239 -6.509  -10.245 1.00 37.08 ? 3   LEU A HB2  1 
ATOM   30   H HB3  . LEU A 1 3  ? -13.252 -5.268  -10.235 1.00 37.08 ? 3   LEU A HB3  1 
ATOM   31   H HG   . LEU A 1 3  ? -13.383 -6.879  -12.524 1.00 38.07 ? 3   LEU A HG   1 
ATOM   32   H HD11 . LEU A 1 3  ? -15.047 -5.536  -13.439 1.00 51.18 ? 3   LEU A HD11 1 
ATOM   33   H HD12 . LEU A 1 3  ? -15.594 -6.292  -12.152 1.00 51.18 ? 3   LEU A HD12 1 
ATOM   34   H HD13 . LEU A 1 3  ? -15.179 -4.761  -12.058 1.00 51.18 ? 3   LEU A HD13 1 
ATOM   35   H HD21 . LEU A 1 3  ? -12.668 -4.945  -13.615 1.00 36.48 ? 3   LEU A HD21 1 
ATOM   36   H HD22 . LEU A 1 3  ? -12.708 -4.157  -12.237 1.00 36.48 ? 3   LEU A HD22 1 
ATOM   37   H HD23 . LEU A 1 3  ? -11.658 -5.329  -12.451 1.00 36.48 ? 3   LEU A HD23 1 
ATOM   38   N N    . GLU A 1 4  ? -12.956 -7.850  -7.936  1.00 41.60 ? 4   GLU A N    1 
ATOM   39   C CA   . GLU A 1 4  ? -12.845 -7.937  -6.483  1.00 29.92 ? 4   GLU A CA   1 
ATOM   40   C C    . GLU A 1 4  ? -11.542 -8.614  -6.073  1.00 28.76 ? 4   GLU A C    1 
ATOM   41   O O    . GLU A 1 4  ? -10.928 -8.234  -5.068  1.00 27.52 ? 4   GLU A O    1 
ATOM   42   C CB   . GLU A 1 4  ? -14.045 -8.691  -5.910  1.00 40.03 ? 4   GLU A CB   1 
ATOM   43   C CG   . GLU A 1 4  ? -15.388 -8.043  -6.210  1.00 41.86 ? 4   GLU A CG   1 
ATOM   44   C CD   . GLU A 1 4  ? -16.079 -8.663  -7.409  1.00 48.35 ? 4   GLU A CD   1 
ATOM   45   O OE1  . GLU A 1 4  ? -15.470 -8.699  -8.499  1.00 56.76 ? 4   GLU A OE1  1 
ATOM   46   O OE2  . GLU A 1 4  ? -17.228 -9.127  -7.255  1.00 39.62 ? 4   GLU A OE2  1 
ATOM   47   H H    . GLU A 1 4  ? -13.576 -8.337  -8.279  1.00 49.92 ? 4   GLU A H    1 
ATOM   48   H HA   . GLU A 1 4  ? -12.848 -7.041  -6.112  1.00 35.91 ? 4   GLU A HA   1 
ATOM   49   H HB2  . GLU A 1 4  ? -14.059 -9.585  -6.286  1.00 48.03 ? 4   GLU A HB2  1 
ATOM   50   H HB3  . GLU A 1 4  ? -13.950 -8.741  -4.946  1.00 48.03 ? 4   GLU A HB3  1 
ATOM   51   H HG2  . GLU A 1 4  ? -15.969 -8.149  -5.440  1.00 50.23 ? 4   GLU A HG2  1 
ATOM   52   H HG3  . GLU A 1 4  ? -15.251 -7.101  -6.395  1.00 50.23 ? 4   GLU A HG3  1 
ATOM   53   N N    . ALA A 1 5  ? -11.110 -9.622  -6.833  1.00 28.67 ? 5   ALA A N    1 
ATOM   54   C CA   . ALA A 1 5  ? -9.810  -10.232 -6.578  1.00 30.06 ? 5   ALA A CA   1 
ATOM   55   C C    . ALA A 1 5  ? -8.672  -9.256  -6.850  1.00 25.69 ? 5   ALA A C    1 
ATOM   56   O O    . ALA A 1 5  ? -7.648  -9.293  -6.159  1.00 36.09 ? 5   ALA A O    1 
ATOM   57   C CB   . ALA A 1 5  ? -9.640  -11.488 -7.429  1.00 28.40 ? 5   ALA A CB   1 
ATOM   58   H H    . ALA A 1 5  ? -11.544 -9.966  -7.491  1.00 34.41 ? 5   ALA A H    1 
ATOM   59   H HA   . ALA A 1 5  ? -9.763  -10.493 -5.645  1.00 36.07 ? 5   ALA A HA   1 
ATOM   60   H HB1  . ALA A 1 5  ? -8.772  -11.880 -7.246  1.00 34.08 ? 5   ALA A HB1  1 
ATOM   61   H HB2  . ALA A 1 5  ? -10.341 -12.120 -7.204  1.00 34.08 ? 5   ALA A HB2  1 
ATOM   62   H HB3  . ALA A 1 5  ? -9.703  -11.246 -8.366  1.00 34.08 ? 5   ALA A HB3  1 
ATOM   63   N N    . ILE A 1 6  ? -8.827  -8.381  -7.844  1.00 37.57 ? 6   ILE A N    1 
ATOM   64   C CA   . ILE A 1 6  ? -7.794  -7.389  -8.123  1.00 28.00 ? 6   ILE A CA   1 
ATOM   65   C C    . ILE A 1 6  ? -7.719  -6.370  -6.991  1.00 23.31 ? 6   ILE A C    1 
ATOM   66   O O    . ILE A 1 6  ? -6.630  -5.933  -6.601  1.00 22.06 ? 6   ILE A O    1 
ATOM   67   C CB   . ILE A 1 6  ? -8.053  -6.719  -9.485  1.00 32.22 ? 6   ILE A CB   1 
ATOM   68   C CG1  . ILE A 1 6  ? -7.828  -7.725  -10.618 1.00 25.20 ? 6   ILE A CG1  1 
ATOM   69   C CG2  . ILE A 1 6  ? -7.142  -5.511  -9.682  1.00 23.28 ? 6   ILE A CG2  1 
ATOM   70   C CD1  . ILE A 1 6  ? -8.384  -7.281  -11.963 1.00 32.15 ? 6   ILE A CD1  1 
ATOM   71   H H    . ILE A 1 6  ? -9.511  -8.341  -8.365  1.00 45.08 ? 6   ILE A H    1 
ATOM   72   H HA   . ILE A 1 6  ? -6.936  -7.839  -8.173  1.00 33.59 ? 6   ILE A HA   1 
ATOM   73   H HB   . ILE A 1 6  ? -8.976  -6.421  -9.514  1.00 38.66 ? 6   ILE A HB   1 
ATOM   74   H HG12 . ILE A 1 6  ? -6.875  -7.865  -10.724 1.00 30.23 ? 6   ILE A HG12 1 
ATOM   75   H HG13 . ILE A 1 6  ? -8.259  -8.561  -10.382 1.00 30.23 ? 6   ILE A HG13 1 
ATOM   76   H HG21 . ILE A 1 6  ? -7.329  -5.112  -10.546 1.00 27.93 ? 6   ILE A HG21 1 
ATOM   77   H HG22 . ILE A 1 6  ? -7.315  -4.869  -8.976  1.00 27.93 ? 6   ILE A HG22 1 
ATOM   78   H HG23 . ILE A 1 6  ? -6.218  -5.803  -9.644  1.00 27.93 ? 6   ILE A HG23 1 
ATOM   79   H HD11 . ILE A 1 6  ? -8.201  -7.969  -12.622 1.00 38.59 ? 6   ILE A HD11 1 
ATOM   80   H HD12 . ILE A 1 6  ? -9.341  -7.147  -11.880 1.00 38.59 ? 6   ILE A HD12 1 
ATOM   81   H HD13 . ILE A 1 6  ? -7.955  -6.451  -12.223 1.00 38.59 ? 6   ILE A HD13 1 
ATOM   82   N N    . ALA A 1 7  ? -8.874  -5.974  -6.448  1.00 24.26 ? 7   ALA A N    1 
ATOM   83   C CA   . ALA A 1 7  ? -8.888  -5.058  -5.312  1.00 23.89 ? 7   ALA A CA   1 
ATOM   84   C C    . ALA A 1 7  ? -8.262  -5.696  -4.079  1.00 23.39 ? 7   ALA A C    1 
ATOM   85   O O    . ALA A 1 7  ? -7.492  -5.050  -3.359  1.00 22.43 ? 7   ALA A O    1 
ATOM   86   C CB   . ALA A 1 7  ? -10.323 -4.625  -5.012  1.00 29.45 ? 7   ALA A CB   1 
ATOM   87   H H    . ALA A 1 7  ? -9.653  -6.222  -6.716  1.00 29.12 ? 7   ALA A H    1 
ATOM   88   H HA   . ALA A 1 7  ? -8.375  -4.266  -5.536  1.00 28.66 ? 7   ALA A HA   1 
ATOM   89   H HB1  . ALA A 1 7  ? -10.317 -4.016  -4.256  1.00 35.34 ? 7   ALA A HB1  1 
ATOM   90   H HB2  . ALA A 1 7  ? -10.688 -4.178  -5.792  1.00 35.34 ? 7   ALA A HB2  1 
ATOM   91   H HB3  . ALA A 1 7  ? -10.851 -5.409  -4.801  1.00 35.34 ? 7   ALA A HB3  1 
ATOM   92   N N    . GLN A 1 8  ? -8.594  -6.962  -3.818  1.00 24.23 ? 8   GLN A N    1 
ATOM   93   C CA   . GLN A 1 8  ? -8.035  -7.675  -2.675  1.00 24.06 ? 8   GLN A CA   1 
ATOM   94   C C    . GLN A 1 8  ? -6.512  -7.699  -2.727  1.00 22.54 ? 8   GLN A C    1 
ATOM   95   O O    . GLN A 1 8  ? -5.839  -7.463  -1.717  1.00 24.45 ? 8   GLN A O    1 
ATOM   96   C CB   . GLN A 1 8  ? -8.594  -9.097  -2.647  1.00 25.44 ? 8   GLN A CB   1 
ATOM   97   C CG   . GLN A 1 8  ? -8.053  -9.981  -1.534  1.00 34.99 ? 8   GLN A CG   1 
ATOM   98   C CD   . GLN A 1 8  ? -8.576  -11.402 -1.627  1.00 41.04 ? 8   GLN A CD   1 
ATOM   99   O OE1  . GLN A 1 8  ? -8.973  -11.862 -2.699  1.00 44.03 ? 8   GLN A OE1  1 
ATOM   100  N NE2  . GLN A 1 8  ? -8.581  -12.106 -0.500  1.00 46.63 ? 8   GLN A NE2  1 
ATOM   101  H H    . GLN A 1 8  ? -9.142  -7.428  -4.289  1.00 29.08 ? 8   GLN A H    1 
ATOM   102  H HA   . GLN A 1 8  ? -8.303  -7.229  -1.857  1.00 28.87 ? 8   GLN A HA   1 
ATOM   103  H HB2  . GLN A 1 8  ? -9.557  -9.046  -2.538  1.00 30.53 ? 8   GLN A HB2  1 
ATOM   104  H HB3  . GLN A 1 8  ? -8.385  -9.527  -3.491  1.00 30.53 ? 8   GLN A HB3  1 
ATOM   105  H HG2  . GLN A 1 8  ? -7.086  -10.011 -1.595  1.00 41.99 ? 8   GLN A HG2  1 
ATOM   106  H HG3  . GLN A 1 8  ? -8.323  -9.615  -0.678  1.00 41.99 ? 8   GLN A HG3  1 
ATOM   107  H HE21 . GLN A 1 8  ? -8.298  -11.750 0.230   1.00 55.95 ? 8   GLN A HE21 1 
ATOM   108  H HE22 . GLN A 1 8  ? -8.868  -12.916 -0.501  1.00 55.95 ? 8   GLN A HE22 1 
ATOM   109  N N    . LYS A 1 9  ? -5.949  -7.992  -3.900  1.00 22.11 ? 9   LYS A N    1 
ATOM   110  C CA   . LYS A 1 9  ? -4.498  -8.088  -4.016  1.00 28.66 ? 9   LYS A CA   1 
ATOM   111  C C    . LYS A 1 9  ? -3.836  -6.718  -3.922  1.00 19.80 ? 9   LYS A C    1 
ATOM   112  O O    . LYS A 1 9  ? -2.735  -6.604  -3.366  1.00 18.99 ? 9   LYS A O    1 
ATOM   113  C CB   . LYS A 1 9  ? -4.130  -8.787  -5.326  1.00 28.04 ? 9   LYS A CB   1 
ATOM   114  C CG   . LYS A 1 9  ? -4.587  -10.245 -5.383  1.00 22.45 ? 9   LYS A CG   1 
ATOM   115  C CD   . LYS A 1 9  ? -4.504  -10.818 -6.789  1.00 23.04 ? 9   LYS A CD   1 
ATOM   116  C CE   . LYS A 1 9  ? -5.002  -12.259 -6.832  1.00 26.90 ? 9   LYS A CE   1 
ATOM   117  N NZ   . LYS A 1 9  ? -4.149  -13.176 -6.019  1.00 25.84 ? 9   LYS A NZ   1 
ATOM   118  H H    . LYS A 1 9  ? -6.379  -8.139  -4.632  1.00 26.53 ? 9   LYS A H    1 
ATOM   119  H HA   . LYS A 1 9  ? -4.162  -8.631  -3.286  1.00 34.40 ? 9   LYS A HA   1 
ATOM   120  H HB2  . LYS A 1 9  ? -4.549  -8.314  -6.063  1.00 33.64 ? 9   LYS A HB2  1 
ATOM   121  H HB3  . LYS A 1 9  ? -3.167  -8.772  -5.431  1.00 33.64 ? 9   LYS A HB3  1 
ATOM   122  H HG2  . LYS A 1 9  ? -4.019  -10.779 -4.805  1.00 26.94 ? 9   LYS A HG2  1 
ATOM   123  H HG3  . LYS A 1 9  ? -5.510  -10.300 -5.089  1.00 26.94 ? 9   LYS A HG3  1 
ATOM   124  H HD2  . LYS A 1 9  ? -5.056  -10.287 -7.385  1.00 27.65 ? 9   LYS A HD2  1 
ATOM   125  H HD3  . LYS A 1 9  ? -3.580  -10.806 -7.086  1.00 27.65 ? 9   LYS A HD3  1 
ATOM   126  H HE2  . LYS A 1 9  ? -5.905  -12.295 -6.480  1.00 32.28 ? 9   LYS A HE2  1 
ATOM   127  H HE3  . LYS A 1 9  ? -4.990  -12.573 -7.751  1.00 32.28 ? 9   LYS A HE3  1 
ATOM   128  H HZ1  . LYS A 1 9  ? -4.465  -14.007 -6.065  1.00 31.01 ? 9   LYS A HZ1  1 
ATOM   129  H HZ2  . LYS A 1 9  ? -3.314  -13.167 -6.326  1.00 31.01 ? 9   LYS A HZ2  1 
ATOM   130  H HZ3  . LYS A 1 9  ? -4.147  -12.915 -5.168  1.00 31.01 ? 9   LYS A HZ3  1 
ATOM   131  N N    . PHE A 1 10 ? -4.478  -5.672  -4.449  1.00 23.78 ? 10  PHE A N    1 
ATOM   132  C CA   . PHE A 1 10 ? -3.955  -4.320  -4.269  1.00 27.72 ? 10  PHE A CA   1 
ATOM   133  C C    . PHE A 1 10 ? -3.927  -3.933  -2.794  1.00 19.04 ? 10  PHE A C    1 
ATOM   134  O O    . PHE A 1 10 ? -3.032  -3.200  -2.361  1.00 18.30 ? 10  PHE A O    1 
ATOM   135  C CB   . PHE A 1 10 ? -4.792  -3.314  -5.064  1.00 19.65 ? 10  PHE A CB   1 
ATOM   136  C CG   . PHE A 1 10 ? -4.417  -3.217  -6.522  1.00 19.56 ? 10  PHE A CG   1 
ATOM   137  C CD1  . PHE A 1 10 ? -3.091  -3.113  -6.912  1.00 18.71 ? 10  PHE A CD1  1 
ATOM   138  C CD2  . PHE A 1 10 ? -5.394  -3.218  -7.501  1.00 24.57 ? 10  PHE A CD2  1 
ATOM   139  C CE1  . PHE A 1 10 ? -2.749  -3.020  -8.250  1.00 23.53 ? 10  PHE A CE1  1 
ATOM   140  C CE2  . PHE A 1 10 ? -5.057  -3.128  -8.841  1.00 30.55 ? 10  PHE A CE2  1 
ATOM   141  C CZ   . PHE A 1 10 ? -3.735  -3.028  -9.213  1.00 26.59 ? 10  PHE A CZ   1 
ATOM   142  H H    . PHE A 1 10 ? -5.205  -5.718  -4.905  1.00 28.54 ? 10  PHE A H    1 
ATOM   143  H HA   . PHE A 1 10 ? -3.046  -4.287  -4.605  1.00 33.27 ? 10  PHE A HA   1 
ATOM   144  H HB2  . PHE A 1 10 ? -5.724  -3.577  -5.017  1.00 23.58 ? 10  PHE A HB2  1 
ATOM   145  H HB3  . PHE A 1 10 ? -4.678  -2.434  -4.671  1.00 23.58 ? 10  PHE A HB3  1 
ATOM   146  H HD1  . PHE A 1 10 ? -2.422  -3.108  -6.266  1.00 22.46 ? 10  PHE A HD1  1 
ATOM   147  H HD2  . PHE A 1 10 ? -6.289  -3.287  -7.257  1.00 29.49 ? 10  PHE A HD2  1 
ATOM   148  H HE1  . PHE A 1 10 ? -1.856  -2.954  -8.500  1.00 28.24 ? 10  PHE A HE1  1 
ATOM   149  H HE2  . PHE A 1 10 ? -5.723  -3.132  -9.490  1.00 36.66 ? 10  PHE A HE2  1 
ATOM   150  H HZ   . PHE A 1 10 ? -3.508  -2.966  -10.113 1.00 31.91 ? 10  PHE A HZ   1 
ATOM   151  N N    . GLU A 1 11 ? -4.891  -4.415  -2.010  1.00 19.99 ? 11  GLU A N    1 
ATOM   152  C CA   . GLU A 1 11 ? -4.865  -4.160  -0.574  1.00 20.18 ? 11  GLU A CA   1 
ATOM   153  C C    . GLU A 1 11 ? -3.781  -4.984  0.107   1.00 45.58 ? 11  GLU A C    1 
ATOM   154  O O    . GLU A 1 11 ? -3.130  -4.510  1.045   1.00 22.77 ? 11  GLU A O    1 
ATOM   155  C CB   . GLU A 1 11 ? -6.239  -4.448  0.027   1.00 28.68 ? 11  GLU A CB   1 
ATOM   156  C CG   . GLU A 1 11 ? -7.296  -3.453  -0.424  1.00 25.41 ? 11  GLU A CG   1 
ATOM   157  C CD   . GLU A 1 11 ? -8.713  -3.928  -0.164  1.00 39.53 ? 11  GLU A CD   1 
ATOM   158  O OE1  . GLU A 1 11 ? -8.908  -5.141  0.050   1.00 35.18 ? 11  GLU A OE1  1 
ATOM   159  O OE2  . GLU A 1 11 ? -9.633  -3.082  -0.179  1.00 25.08 ? 11  GLU A OE2  1 
ATOM   160  H H    . GLU A 1 11 ? -5.560  -4.884  -2.281  1.00 23.99 ? 11  GLU A H    1 
ATOM   161  H HA   . GLU A 1 11 ? -4.665  -3.222  -0.425  1.00 24.22 ? 11  GLU A HA   1 
ATOM   162  H HB2  . GLU A 1 11 ? -6.525  -5.333  -0.247  1.00 34.42 ? 11  GLU A HB2  1 
ATOM   163  H HB3  . GLU A 1 11 ? -6.177  -4.402  0.993   1.00 34.42 ? 11  GLU A HB3  1 
ATOM   164  H HG2  . GLU A 1 11 ? -7.169  -2.620  0.056   1.00 30.49 ? 11  GLU A HG2  1 
ATOM   165  H HG3  . GLU A 1 11 ? -7.202  -3.304  -1.378  1.00 30.49 ? 11  GLU A HG3  1 
ATOM   166  N N    . ALA A 1 12 ? -3.558  -6.212  -0.362  1.00 19.78 ? 12  ALA A N    1 
ATOM   167  C CA   . ALA A 1 12 ? -2.445  -6.999  0.150   1.00 19.43 ? 12  ALA A CA   1 
ATOM   168  C C    . ALA A 1 12 ? -1.112  -6.348  -0.206  1.00 24.29 ? 12  ALA A C    1 
ATOM   169  O O    . ALA A 1 12 ? -0.198  -6.294  0.624   1.00 21.94 ? 12  ALA A O    1 
ATOM   170  C CB   . ALA A 1 12 ? -2.521  -8.427  -0.393  1.00 26.80 ? 12  ALA A CB   1 
ATOM   171  H H    . ALA A 1 12 ? -4.030  -6.604  -0.966  1.00 23.73 ? 12  ALA A H    1 
ATOM   172  H HA   . ALA A 1 12 ? -2.508  -7.043  1.117   1.00 23.31 ? 12  ALA A HA   1 
ATOM   173  H HB1  . ALA A 1 12 ? -1.774  -8.937  -0.042  1.00 32.16 ? 12  ALA A HB1  1 
ATOM   174  H HB2  . ALA A 1 12 ? -3.357  -8.828  -0.110  1.00 32.16 ? 12  ALA A HB2  1 
ATOM   175  H HB3  . ALA A 1 12 ? -2.478  -8.399  -1.362  1.00 32.16 ? 12  ALA A HB3  1 
ATOM   176  N N    . ILE A 1 13 ? -0.991  -5.837  -1.433  1.00 28.40 ? 13  ILE A N    1 
ATOM   177  C CA   . ILE A 1 13 ? 0.211   -5.104  -1.823  1.00 18.56 ? 13  ILE A CA   1 
ATOM   178  C C    . ILE A 1 13 ? 0.404   -3.887  -0.928  1.00 16.56 ? 13  ILE A C    1 
ATOM   179  O O    . ILE A 1 13 ? 1.521   -3.591  -0.484  1.00 18.64 ? 13  ILE A O    1 
ATOM   180  C CB   . ILE A 1 13 ? 0.128   -4.716  -3.313  1.00 16.75 ? 13  ILE A CB   1 
ATOM   181  C CG1  . ILE A 1 13 ? 0.417   -5.940  -4.192  1.00 23.41 ? 13  ILE A CG1  1 
ATOM   182  C CG2  . ILE A 1 13 ? 1.087   -3.565  -3.648  1.00 24.88 ? 13  ILE A CG2  1 
ATOM   183  C CD1  . ILE A 1 13 ? 0.199   -5.710  -5.678  1.00 21.59 ? 13  ILE A CD1  1 
ATOM   184  H H    . ILE A 1 13 ? -1.585  -5.899  -2.051  1.00 34.08 ? 13  ILE A H    1 
ATOM   185  H HA   . ILE A 1 13 ? 0.982   -5.682  -1.709  1.00 22.27 ? 13  ILE A HA   1 
ATOM   186  H HB   . ILE A 1 13 ? -0.777  -4.419  -3.499  1.00 20.10 ? 13  ILE A HB   1 
ATOM   187  H HG12 . ILE A 1 13 ? 1.343   -6.201  -4.068  1.00 28.10 ? 13  ILE A HG12 1 
ATOM   188  H HG13 . ILE A 1 13 ? -0.166  -6.664  -3.918  1.00 28.10 ? 13  ILE A HG13 1 
ATOM   189  H HG21 . ILE A 1 13 ? 1.006   -3.350  -4.590  1.00 29.86 ? 13  ILE A HG21 1 
ATOM   190  H HG22 . ILE A 1 13 ? 0.851   -2.792  -3.110  1.00 29.86 ? 13  ILE A HG22 1 
ATOM   191  H HG23 . ILE A 1 13 ? 1.994   -3.842  -3.447  1.00 29.86 ? 13  ILE A HG23 1 
ATOM   192  H HD11 . ILE A 1 13 ? 0.404   -6.529  -6.157  1.00 25.91 ? 13  ILE A HD11 1 
ATOM   193  H HD12 . ILE A 1 13 ? -0.727  -5.462  -5.827  1.00 25.91 ? 13  ILE A HD12 1 
ATOM   194  H HD13 . ILE A 1 13 ? 0.785   -4.997  -5.976  1.00 25.91 ? 13  ILE A HD13 1 
ATOM   195  N N    . ALA A 1 14 ? -0.676  -3.155  -0.654  1.00 17.03 ? 14  ALA A N    1 
ATOM   196  C CA   . ALA A 1 14 ? -0.585  -2.005  0.238   1.00 17.06 ? 14  ALA A CA   1 
ATOM   197  C C    . ALA A 1 14 ? -0.012  -2.409  1.591   1.00 17.16 ? 14  ALA A C    1 
ATOM   198  O O    . ALA A 1 14 ? 0.876   -1.738  2.131   1.00 20.89 ? 14  ALA A O    1 
ATOM   199  C CB   . ALA A 1 14 ? -1.962  -1.367  0.403   1.00 27.16 ? 14  ALA A CB   1 
ATOM   200  H H    . ALA A 1 14 ? -1.463  -3.304  -0.967  1.00 20.44 ? 14  ALA A H    1 
ATOM   201  H HA   . ALA A 1 14 ? 0.008   -1.346  -0.155  1.00 20.47 ? 14  ALA A HA   1 
ATOM   202  H HB1  . ALA A 1 14 ? -1.887  -0.604  0.997   1.00 32.59 ? 14  ALA A HB1  1 
ATOM   203  H HB2  . ALA A 1 14 ? -2.282  -1.079  -0.466  1.00 32.59 ? 14  ALA A HB2  1 
ATOM   204  H HB3  . ALA A 1 14 ? -2.570  -2.021  0.779   1.00 32.59 ? 14  ALA A HB3  1 
ATOM   205  N N    . LYS A 1 15 ? -0.503  -3.514  2.153   1.00 24.96 ? 15  LYS A N    1 
ATOM   206  C CA   . LYS A 1 15 ? 0.003   -3.971  3.442   1.00 18.12 ? 15  LYS A CA   1 
ATOM   207  C C    . LYS A 1 15 ? 1.499   -4.253  3.378   1.00 26.96 ? 15  LYS A C    1 
ATOM   208  O O    . LYS A 1 15 ? 2.239   -3.940  4.317   1.00 17.47 ? 15  LYS A O    1 
ATOM   209  C CB   . LYS A 1 15 ? -0.759  -5.217  3.886   1.00 19.10 ? 15  LYS A CB   1 
ATOM   210  C CG   . LYS A 1 15 ? -0.495  -5.608  5.330   1.00 35.64 ? 15  LYS A CG   1 
ATOM   211  C CD   . LYS A 1 15 ? -1.435  -6.704  5.803   1.00 37.48 ? 15  LYS A CD   1 
ATOM   212  C CE   . LYS A 1 15 ? -1.175  -7.057  7.263   1.00 41.11 ? 15  LYS A CE   1 
ATOM   213  N NZ   . LYS A 1 15 ? -2.298  -7.826  7.865   1.00 48.85 ? 15  LYS A NZ   1 
ATOM   214  H H    . LYS A 1 15 ? -1.120  -4.007  1.813   1.00 29.95 ? 15  LYS A H    1 
ATOM   215  H HA   . LYS A 1 15 ? -0.145  -3.277  4.103   1.00 21.74 ? 15  LYS A HA   1 
ATOM   216  H HB2  . LYS A 1 15 ? -1.710  -5.052  3.792   1.00 22.92 ? 15  LYS A HB2  1 
ATOM   217  H HB3  . LYS A 1 15 ? -0.496  -5.962  3.323   1.00 22.92 ? 15  LYS A HB3  1 
ATOM   218  H HG2  . LYS A 1 15 ? 0.416   -5.934  5.410   1.00 42.77 ? 15  LYS A HG2  1 
ATOM   219  H HG3  . LYS A 1 15 ? -0.623  -4.833  5.899   1.00 42.77 ? 15  LYS A HG3  1 
ATOM   220  H HD2  . LYS A 1 15 ? -2.351  -6.399  5.722   1.00 44.98 ? 15  LYS A HD2  1 
ATOM   221  H HD3  . LYS A 1 15 ? -1.295  -7.500  5.267   1.00 44.98 ? 15  LYS A HD3  1 
ATOM   222  H HE2  . LYS A 1 15 ? -0.373  -7.600  7.320   1.00 49.33 ? 15  LYS A HE2  1 
ATOM   223  H HE3  . LYS A 1 15 ? -1.061  -6.240  7.772   1.00 49.33 ? 15  LYS A HE3  1 
ATOM   224  H HZ1  . LYS A 1 15 ? -2.115  -8.016  8.715   1.00 58.62 ? 15  LYS A HZ1  1 
ATOM   225  H HZ2  . LYS A 1 15 ? -3.047  -7.347  7.830   1.00 58.62 ? 15  LYS A HZ2  1 
ATOM   226  H HZ3  . LYS A 1 15 ? -2.420  -8.586  7.418   1.00 58.62 ? 15  LYS A HZ3  1 
ATOM   227  N N    . LYS A 1 16 ? 1.966   -4.829  2.268   1.00 16.92 ? 16  LYS A N    1 
ATOM   228  C CA   . LYS A 1 16 ? 3.376   -5.190  2.160   1.00 22.38 ? 16  LYS A CA   1 
ATOM   229  C C    . LYS A 1 16 ? 4.264   -3.956  2.054   1.00 19.64 ? 16  LYS A C    1 
ATOM   230  O O    . LYS A 1 16 ? 5.363   -3.928  2.619   1.00 15.89 ? 16  LYS A O    1 
ATOM   231  C CB   . LYS A 1 16 ? 3.588   -6.113  0.963   1.00 16.44 ? 16  LYS A CB   1 
ATOM   232  C CG   . LYS A 1 16 ? 2.909   -7.465  1.115   1.00 24.57 ? 16  LYS A CG   1 
ATOM   233  C CD   . LYS A 1 16 ? 3.394   -8.455  0.073   1.00 25.35 ? 16  LYS A CD   1 
ATOM   234  C CE   . LYS A 1 16 ? 2.380   -9.565  -0.137  1.00 22.90 ? 16  LYS A CE   1 
ATOM   235  N NZ   . LYS A 1 16 ? 2.134   -10.347 1.103   1.00 28.32 ? 16  LYS A NZ   1 
ATOM   236  H H    . LYS A 1 16 ? 1.494   -5.018  1.575   1.00 20.30 ? 16  LYS A H    1 
ATOM   237  H HA   . LYS A 1 16 ? 3.637   -5.675  2.958   1.00 26.86 ? 16  LYS A HA   1 
ATOM   238  H HB2  . LYS A 1 16 ? 3.226   -5.686  0.170   1.00 19.73 ? 16  LYS A HB2  1 
ATOM   239  H HB3  . LYS A 1 16 ? 4.539   -6.268  0.849   1.00 19.73 ? 16  LYS A HB3  1 
ATOM   240  H HG2  . LYS A 1 16 ? 3.110   -7.826  1.993   1.00 29.48 ? 16  LYS A HG2  1 
ATOM   241  H HG3  . LYS A 1 16 ? 1.952   -7.357  1.008   1.00 29.48 ? 16  LYS A HG3  1 
ATOM   242  H HD2  . LYS A 1 16 ? 3.523   -7.996  -0.771  1.00 30.42 ? 16  LYS A HD2  1 
ATOM   243  H HD3  . LYS A 1 16 ? 4.227   -8.854  0.371   1.00 30.42 ? 16  LYS A HD3  1 
ATOM   244  H HE2  . LYS A 1 16 ? 1.538   -9.176  -0.420  1.00 27.47 ? 16  LYS A HE2  1 
ATOM   245  H HE3  . LYS A 1 16 ? 2.712   -10.173 -0.816  1.00 27.47 ? 16  LYS A HE3  1 
ATOM   246  H HZ1  . LYS A 1 16 ? 1.536   -10.987 0.945   1.00 33.99 ? 16  LYS A HZ1  1 
ATOM   247  H HZ2  . LYS A 1 16 ? 2.891   -10.721 1.381   1.00 33.99 ? 16  LYS A HZ2  1 
ATOM   248  H HZ3  . LYS A 1 16 ? 1.822   -9.811  1.742   1.00 33.99 ? 16  LYS A HZ3  1 
ATOM   249  N N    . PHE A 1 17 ? 3.816   -2.927  1.332   1.00 15.64 ? 17  PHE A N    1 
ATOM   250  C CA   . PHE A 1 17 ? 4.585   -1.688  1.278   1.00 15.35 ? 17  PHE A CA   1 
ATOM   251  C C    . PHE A 1 17 ? 4.650   -1.029  2.650   1.00 15.74 ? 17  PHE A C    1 
ATOM   252  O O    . PHE A 1 17 ? 5.679   -0.451  3.022   1.00 15.72 ? 17  PHE A O    1 
ATOM   253  C CB   . PHE A 1 17 ? 3.986   -0.734  0.249   1.00 37.63 ? 17  PHE A CB   1 
ATOM   254  C CG   . PHE A 1 17 ? 4.369   -1.052  -1.164  1.00 15.01 ? 17  PHE A CG   1 
ATOM   255  C CD1  . PHE A 1 17 ? 5.695   -1.004  -1.558  1.00 24.64 ? 17  PHE A CD1  1 
ATOM   256  C CD2  . PHE A 1 17 ? 3.409   -1.386  -2.102  1.00 21.95 ? 17  PHE A CD2  1 
ATOM   257  C CE1  . PHE A 1 17 ? 6.058   -1.289  -2.857  1.00 22.54 ? 17  PHE A CE1  1 
ATOM   258  C CE2  . PHE A 1 17 ? 3.766   -1.673  -3.406  1.00 27.54 ? 17  PHE A CE2  1 
ATOM   259  C CZ   . PHE A 1 17 ? 5.091   -1.626  -3.783  1.00 24.63 ? 17  PHE A CZ   1 
ATOM   260  H H    . PHE A 1 17 ? 3.086   -2.921  0.876   1.00 18.77 ? 17  PHE A H    1 
ATOM   261  H HA   . PHE A 1 17 ? 5.493   -1.893  1.003   1.00 18.43 ? 17  PHE A HA   1 
ATOM   262  H HB2  . PHE A 1 17 ? 3.018   -0.775  0.312   1.00 45.16 ? 17  PHE A HB2  1 
ATOM   263  H HB3  . PHE A 1 17 ? 4.289   0.167   0.443   1.00 45.16 ? 17  PHE A HB3  1 
ATOM   264  H HD1  . PHE A 1 17 ? 6.350   -0.779  -0.937  1.00 29.56 ? 17  PHE A HD1  1 
ATOM   265  H HD2  . PHE A 1 17 ? 2.514   -1.420  -1.852  1.00 26.34 ? 17  PHE A HD2  1 
ATOM   266  H HE1  . PHE A 1 17 ? 6.952   -1.257  -3.109  1.00 27.05 ? 17  PHE A HE1  1 
ATOM   267  H HE2  . PHE A 1 17 ? 3.113   -1.899  -4.028  1.00 33.04 ? 17  PHE A HE2  1 
ATOM   268  H HZ   . PHE A 1 17 ? 5.333   -1.819  -4.660  1.00 29.56 ? 17  PHE A HZ   1 
ATOM   269  N N    . GLU A 1 18 ? 3.563   -1.114  3.420   1.00 16.31 ? 18  GLU A N    1 
ATOM   270  C CA   . GLU A 1 18 ? 3.592   -0.644  4.800   1.00 16.96 ? 18  GLU A CA   1 
ATOM   271  C C    . GLU A 1 18 ? 4.587   -1.448  5.628   1.00 19.64 ? 18  GLU A C    1 
ATOM   272  O O    . GLU A 1 18 ? 5.303   -0.888  6.465   1.00 17.45 ? 18  GLU A O    1 
ATOM   273  C CB   . GLU A 1 18 ? 2.191   -0.721  5.409   1.00 29.55 ? 18  GLU A CB   1 
ATOM   274  C CG   . GLU A 1 18 ? 1.253   0.371   4.920   1.00 18.07 ? 18  GLU A CG   1 
ATOM   275  C CD   . GLU A 1 18 ? -0.189  0.132   5.319   1.00 33.74 ? 18  GLU A CD   1 
ATOM   276  O OE1  . GLU A 1 18 ? -0.494  -0.963  5.837   1.00 41.90 ? 18  GLU A OE1  1 
ATOM   277  O OE2  . GLU A 1 18 ? -1.018  1.045   5.113   1.00 23.23 ? 18  GLU A OE2  1 
ATOM   278  H H    . GLU A 1 18 ? 2.805   -1.435  3.169   1.00 19.57 ? 18  GLU A H    1 
ATOM   279  H HA   . GLU A 1 18 ? 3.873   0.285   4.811   1.00 20.36 ? 18  GLU A HA   1 
ATOM   280  H HB2  . GLU A 1 18 ? 1.797   -1.577  5.179   1.00 35.47 ? 18  GLU A HB2  1 
ATOM   281  H HB3  . GLU A 1 18 ? 2.265   -0.641  6.373   1.00 35.47 ? 18  GLU A HB3  1 
ATOM   282  H HG2  . GLU A 1 18 ? 1.532   1.219   5.299   1.00 21.69 ? 18  GLU A HG2  1 
ATOM   283  H HG3  . GLU A 1 18 ? 1.292   0.411   3.952   1.00 21.69 ? 18  GLU A HG3  1 
ATOM   284  N N    . ALA A 1 19 ? 4.649   -2.764  5.406   1.00 17.07 ? 19  ALA A N    1 
ATOM   285  C CA   . ALA A 1 19 ? 5.625   -3.584  6.120   1.00 17.40 ? 19  ALA A CA   1 
ATOM   286  C C    . ALA A 1 19 ? 7.042   -3.172  5.757   1.00 16.95 ? 19  ALA A C    1 
ATOM   287  O O    . ALA A 1 19 ? 7.921   -3.099  6.625   1.00 17.39 ? 19  ALA A O    1 
ATOM   288  C CB   . ALA A 1 19 ? 5.402   -5.061  5.806   1.00 26.25 ? 19  ALA A CB   1 
ATOM   289  H H    . ALA A 1 19 ? 4.148   -3.196  4.858   1.00 20.48 ? 19  ALA A H    1 
ATOM   290  H HA   . ALA A 1 19 ? 5.509   -3.457  7.074   1.00 20.88 ? 19  ALA A HA   1 
ATOM   291  H HB1  . ALA A 1 19 ? 6.058   -5.588  6.287   1.00 31.50 ? 19  ALA A HB1  1 
ATOM   292  H HB2  . ALA A 1 19 ? 4.506   -5.311  6.084   1.00 31.50 ? 19  ALA A HB2  1 
ATOM   293  H HB3  . ALA A 1 19 ? 5.502   -5.199  4.850   1.00 31.50 ? 19  ALA A HB3  1 
ATOM   294  N N    . ILE A 1 20 ? 7.283   -2.893  4.477   1.00 16.37 ? 20  ILE A N    1 
ATOM   295  C CA   . ILE A 1 20 ? 8.585   -2.405  4.040   1.00 16.04 ? 20  ILE A CA   1 
ATOM   296  C C    . ILE A 1 20 ? 8.911   -1.080  4.720   1.00 16.28 ? 20  ILE A C    1 
ATOM   297  O O    . ILE A 1 20 ? 10.045  -0.847  5.154   1.00 19.95 ? 20  ILE A O    1 
ATOM   298  C CB   . ILE A 1 20 ? 8.608   -2.283  2.505   1.00 15.51 ? 20  ILE A CB   1 
ATOM   299  C CG1  . ILE A 1 20 ? 8.679   -3.678  1.878   1.00 15.56 ? 20  ILE A CG1  1 
ATOM   300  C CG2  . ILE A 1 20 ? 9.771   -1.408  2.043   1.00 28.32 ? 20  ILE A CG2  1 
ATOM   301  C CD1  . ILE A 1 20 ? 8.543   -3.682  0.370   1.00 26.06 ? 20  ILE A CD1  1 
ATOM   302  H H    . ILE A 1 20 ? 6.707   -2.979  3.843   1.00 19.65 ? 20  ILE A H    1 
ATOM   303  H HA   . ILE A 1 20 ? 9.265   -3.047  4.299   1.00 19.25 ? 20  ILE A HA   1 
ATOM   304  H HB   . ILE A 1 20 ? 7.780   -1.864  2.221   1.00 18.61 ? 20  ILE A HB   1 
ATOM   305  H HG12 . ILE A 1 20 ? 9.536   -4.076  2.098   1.00 18.68 ? 20  ILE A HG12 1 
ATOM   306  H HG13 . ILE A 1 20 ? 7.961   -4.221  2.240   1.00 18.68 ? 20  ILE A HG13 1 
ATOM   307  H HG21 . ILE A 1 20 ? 9.758   -1.351  1.075   1.00 33.98 ? 20  ILE A HG21 1 
ATOM   308  H HG22 . ILE A 1 20 ? 9.673   -0.523  2.428   1.00 33.98 ? 20  ILE A HG22 1 
ATOM   309  H HG23 . ILE A 1 20 ? 10.604  -1.807  2.340   1.00 33.98 ? 20  ILE A HG23 1 
ATOM   310  H HD11 . ILE A 1 20 ? 8.598   -4.596  0.050   1.00 31.27 ? 20  ILE A HD11 1 
ATOM   311  H HD12 . ILE A 1 20 ? 7.686   -3.298  0.130   1.00 31.27 ? 20  ILE A HD12 1 
ATOM   312  H HD13 . ILE A 1 20 ? 9.261   -3.153  -0.013  1.00 31.27 ? 20  ILE A HD13 1 
ATOM   313  N N    . ALA A 1 21 ? 7.924   -0.195  4.820   1.00 16.32 ? 21  ALA A N    1 
ATOM   314  C CA   . ALA A 1 21 ? 8.123   1.112   5.434   1.00 16.79 ? 21  ALA A CA   1 
ATOM   315  C C    . ALA A 1 21 ? 8.686   0.978   6.842   1.00 18.50 ? 21  ALA A C    1 
ATOM   316  O O    . ALA A 1 21 ? 9.663   1.640   7.195   1.00 17.96 ? 21  ALA A O    1 
ATOM   317  C CB   . ALA A 1 21 ? 6.812   1.886   5.466   1.00 17.03 ? 21  ALA A CB   1 
ATOM   318  H H    . ALA A 1 21 ? 7.124   -0.329  4.536   1.00 19.59 ? 21  ALA A H    1 
ATOM   319  H HA   . ALA A 1 21 ? 8.758   1.619   4.904   1.00 20.15 ? 21  ALA A HA   1 
ATOM   320  H HB1  . ALA A 1 21 ? 6.966   2.751   5.878   1.00 20.44 ? 21  ALA A HB1  1 
ATOM   321  H HB2  . ALA A 1 21 ? 6.493   2.003   4.558   1.00 20.44 ? 21  ALA A HB2  1 
ATOM   322  H HB3  . ALA A 1 21 ? 6.162   1.384   5.983   1.00 20.44 ? 21  ALA A HB3  1 
HETATM 323  N N    . PHI A 1 22 ? 8.065   0.117   7.642   1.00 17.94 ? 22  PHI A N    1 
HETATM 324  C CA   . PHI A 1 22 ? 8.442   -0.051  9.025   1.00 18.91 ? 22  PHI A CA   1 
HETATM 325  C CB   . PHI A 1 22 ? 7.514   -0.923  9.904   1.00 19.62 ? 22  PHI A CB   1 
HETATM 326  C CG   . PHI A 1 22 ? 6.110   -0.441  9.785   1.00 19.74 ? 22  PHI A CG   1 
HETATM 327  C CD1  . PHI A 1 22 ? 5.098   -1.271  9.289   1.00 26.10 ? 22  PHI A CD1  1 
HETATM 328  C CD2  . PHI A 1 22 ? 5.790   0.870   10.146  1.00 27.47 ? 22  PHI A CD2  1 
HETATM 329  C CE1  . PHI A 1 22 ? 3.790   -0.797  9.164   1.00 22.62 ? 22  PHI A CE1  1 
HETATM 330  C CE2  . PHI A 1 22 ? 4.485   1.344   10.022  1.00 22.25 ? 22  PHI A CE2  1 
HETATM 331  C CZ   . PHI A 1 22 ? 3.477   0.515   9.530   1.00 28.11 ? 22  PHI A CZ   1 
HETATM 332  I I    . PHI A 1 22 ? 1.586   1.219   9.362   1.00 28.42 ? 22  PHI A I    1 
HETATM 333  C C    . PHI A 1 22 ? 9.848   -0.618  9.168   1.00 22.18 ? 22  PHI A C    1 
HETATM 334  O O    . PHI A 1 22 ? 10.586  -0.368  10.125  1.00 19.87 ? 22  PHI A O    1 
HETATM 335  H H    . PHI A 1 22 ? 7.303   -0.482  7.390   1.00 21.53 ? 22  PHI A H    1 
HETATM 336  H HA   . PHI A 1 22 ? 8.450   0.988   9.476   1.00 22.69 ? 22  PHI A HA   1 
HETATM 337  H HB2  . PHI A 1 22 ? 7.854   -0.883  10.973  1.00 23.54 ? 22  PHI A HB2  1 
HETATM 338  H HB3  . PHI A 1 22 ? 7.591   -1.987  9.556   1.00 23.54 ? 22  PHI A HB3  1 
HETATM 339  H HD1  . PHI A 1 22 ? 5.333   -2.305  8.992   1.00 31.32 ? 22  PHI A HD1  1 
HETATM 340  H HD2  . PHI A 1 22 ? 6.577   1.537   10.531  1.00 32.96 ? 22  PHI A HD2  1 
HETATM 341  H HE1  . PHI A 1 22 ? 3.008   -1.469  8.776   1.00 27.15 ? 22  PHI A HE1  1 
HETATM 342  H HE2  . PHI A 1 22 ? 4.260   2.381   10.318  1.00 26.70 ? 22  PHI A HE2  1 
ATOM   343  N N    . LYS A 1 23 ? 10.239  -1.414  8.177   1.00 18.36 ? 23  LYS A N    1 
ATOM   344  C CA   . LYS A 1 23 ? 11.595  -1.948  8.131   1.00 18.60 ? 23  LYS A CA   1 
ATOM   345  C C    . LYS A 1 23 ? 12.605  -0.825  7.902   1.00 18.69 ? 23  LYS A C    1 
ATOM   346  O O    . LYS A 1 23 ? 13.654  -0.787  8.538   1.00 19.46 ? 23  LYS A O    1 
ATOM   347  C CB   . LYS A 1 23 ? 11.735  -3.006  7.033   1.00 20.86 ? 23  LYS A CB   1 
ATOM   348  C CG   . LYS A 1 23 ? 10.947  -4.286  7.280   1.00 18.32 ? 23  LYS A CG   1 
ATOM   349  C CD   . LYS A 1 23 ? 11.450  -5.035  8.503   1.00 33.13 ? 23  LYS A CD   1 
ATOM   350  C CE   . LYS A 1 23 ? 10.676  -6.328  8.720   1.00 34.51 ? 23  LYS A CE   1 
ATOM   351  N NZ   . LYS A 1 23 ? 10.898  -6.893  10.078  1.00 43.22 ? 23  LYS A NZ   1 
ATOM   352  H H    . LYS A 1 23 ? 9.739   -1.660  7.522   1.00 22.03 ? 23  LYS A H    1 
ATOM   353  H HA   . LYS A 1 23 ? 11.799  -2.367  8.982   1.00 22.32 ? 23  LYS A HA   1 
ATOM   354  H HB2  . LYS A 1 23 ? 11.424  -2.628  6.196   1.00 25.03 ? 23  LYS A HB2  1 
ATOM   355  H HB3  . LYS A 1 23 ? 12.670  -3.249  6.954   1.00 25.03 ? 23  LYS A HB3  1 
ATOM   356  H HG2  . LYS A 1 23 ? 10.013  -4.062  7.425   1.00 21.99 ? 23  LYS A HG2  1 
ATOM   357  H HG3  . LYS A 1 23 ? 11.035  -4.869  6.510   1.00 21.99 ? 23  LYS A HG3  1 
ATOM   358  H HD2  . LYS A 1 23 ? 12.386  -5.258  8.378   1.00 39.76 ? 23  LYS A HD2  1 
ATOM   359  H HD3  . LYS A 1 23 ? 11.339  -4.477  9.289   1.00 39.76 ? 23  LYS A HD3  1 
ATOM   360  H HE2  . LYS A 1 23 ? 9.727   -6.151  8.618   1.00 41.41 ? 23  LYS A HE2  1 
ATOM   361  H HE3  . LYS A 1 23 ? 10.965  -6.985  8.068   1.00 41.41 ? 23  LYS A HE3  1 
ATOM   362  H HZ1  . LYS A 1 23 ? 10.433  -7.646  10.174  1.00 51.86 ? 23  LYS A HZ1  1 
ATOM   363  H HZ2  . LYS A 1 23 ? 11.763  -7.070  10.196  1.00 51.86 ? 23  LYS A HZ2  1 
ATOM   364  H HZ3  . LYS A 1 23 ? 10.635  -6.310  10.697  1.00 51.86 ? 23  LYS A HZ3  1 
ATOM   365  N N    . PHE A 1 24 ? 12.293  0.086   6.980   1.00 26.51 ? 24  PHE A N    1 
ATOM   366  C CA   . PHE A 1 24 ? 13.186  1.215   6.740   1.00 18.41 ? 24  PHE A CA   1 
ATOM   367  C C    . PHE A 1 24 ? 13.258  2.123   7.962   1.00 19.34 ? 24  PHE A C    1 
ATOM   368  O O    . PHE A 1 24 ? 14.320  2.673   8.275   1.00 20.09 ? 24  PHE A O    1 
ATOM   369  C CB   . PHE A 1 24 ? 12.732  1.997   5.507   1.00 17.82 ? 24  PHE A CB   1 
ATOM   370  C CG   . PHE A 1 24 ? 13.258  1.442   4.206   1.00 20.90 ? 24  PHE A CG   1 
ATOM   371  C CD1  . PHE A 1 24 ? 14.592  1.600   3.862   1.00 28.94 ? 24  PHE A CD1  1 
ATOM   372  C CD2  . PHE A 1 24 ? 12.423  0.770   3.329   1.00 20.67 ? 24  PHE A CD2  1 
ATOM   373  C CE1  . PHE A 1 24 ? 15.081  1.095   2.670   1.00 29.68 ? 24  PHE A CE1  1 
ATOM   374  C CE2  . PHE A 1 24 ? 12.907  0.263   2.136   1.00 22.98 ? 24  PHE A CE2  1 
ATOM   375  C CZ   . PHE A 1 24 ? 14.238  0.426   1.808   1.00 24.49 ? 24  PHE A CZ   1 
ATOM   376  H H    . PHE A 1 24 ? 11.585  0.074   6.490   1.00 31.81 ? 24  PHE A H    1 
ATOM   377  H HA   . PHE A 1 24 ? 14.080  0.878   6.567   1.00 22.10 ? 24  PHE A HA   1 
ATOM   378  H HB2  . PHE A 1 24 ? 11.763  1.980   5.466   1.00 21.38 ? 24  PHE A HB2  1 
ATOM   379  H HB3  . PHE A 1 24 ? 13.042  2.913   5.585   1.00 21.38 ? 24  PHE A HB3  1 
ATOM   380  H HD1  . PHE A 1 24 ? 15.165  2.050   4.440   1.00 34.73 ? 24  PHE A HD1  1 
ATOM   381  H HD2  . PHE A 1 24 ? 11.526  0.656   3.546   1.00 24.81 ? 24  PHE A HD2  1 
ATOM   382  H HE1  . PHE A 1 24 ? 15.978  1.206   2.450   1.00 35.61 ? 24  PHE A HE1  1 
ATOM   383  H HE2  . PHE A 1 24 ? 12.337  -0.188  1.556   1.00 27.58 ? 24  PHE A HE2  1 
ATOM   384  H HZ   . PHE A 1 24 ? 14.566  0.087   1.007   1.00 29.38 ? 24  PHE A HZ   1 
ATOM   385  N N    . GLU A 1 25 ? 12.139  2.291   8.669   1.00 19.50 ? 25  GLU A N    1 
ATOM   386  C CA   . GLU A 1 25 ? 12.173  3.049   9.913   1.00 20.65 ? 25  GLU A CA   1 
ATOM   387  C C    . GLU A 1 25 ? 13.096  2.385   10.922  1.00 21.51 ? 25  GLU A C    1 
ATOM   388  O O    . GLU A 1 25 ? 13.808  3.068   11.667  1.00 22.58 ? 25  GLU A O    1 
ATOM   389  C CB   . GLU A 1 25 ? 10.764  3.188   10.488  1.00 20.90 ? 25  GLU A CB   1 
ATOM   390  C CG   . GLU A 1 25 ? 9.887   4.170   9.740   1.00 20.58 ? 25  GLU A CG   1 
ATOM   391  C CD   . GLU A 1 25 ? 8.584   4.450   10.469  1.00 36.01 ? 25  GLU A CD   1 
ATOM   392  O OE1  . GLU A 1 25 ? 7.658   3.619   10.383  1.00 47.97 ? 25  GLU A OE1  1 
ATOM   393  O OE2  . GLU A 1 25 ? 8.495   5.500   11.141  1.00 57.60 ? 25  GLU A OE2  1 
ATOM   394  H H    . GLU A 1 25 ? 11.367  1.982   8.453   1.00 23.40 ? 25  GLU A H    1 
ATOM   395  H HA   . GLU A 1 25 ? 12.513  3.939   9.733   1.00 24.78 ? 25  GLU A HA   1 
ATOM   396  H HB2  . GLU A 1 25 ? 10.329  2.321   10.459  1.00 25.08 ? 25  GLU A HB2  1 
ATOM   397  H HB3  . GLU A 1 25 ? 10.830  3.490   11.407  1.00 25.08 ? 25  GLU A HB3  1 
ATOM   398  H HG2  . GLU A 1 25 ? 10.362  5.009   9.641   1.00 24.70 ? 25  GLU A HG2  1 
ATOM   399  H HG3  . GLU A 1 25 ? 9.671   3.804   8.868   1.00 24.70 ? 25  GLU A HG3  1 
ATOM   400  N N    . ALA A 1 26 ? 13.106  1.049   10.952  1.00 25.29 ? 26  ALA A N    1 
ATOM   401  C CA   . ALA A 1 26 ? 13.975  0.328   11.875  1.00 22.24 ? 26  ALA A CA   1 
ATOM   402  C C    . ALA A 1 26 ? 15.445  0.530   11.526  1.00 22.56 ? 26  ALA A C    1 
ATOM   403  O O    . ALA A 1 26 ? 16.281  0.697   12.420  1.00 23.78 ? 26  ALA A O    1 
ATOM   404  C CB   . ALA A 1 26 ? 13.620  -1.159  11.872  1.00 22.05 ? 26  ALA A CB   1 
ATOM   405  H H    . ALA A 1 26 ? 12.622  0.545   10.452  1.00 30.35 ? 26  ALA A H    1 
ATOM   406  H HA   . ALA A 1 26 ? 13.832  0.668   12.772  1.00 26.69 ? 26  ALA A HA   1 
ATOM   407  H HB1  . ALA A 1 26 ? 14.206  -1.624  12.490  1.00 26.47 ? 26  ALA A HB1  1 
ATOM   408  H HB2  . ALA A 1 26 ? 12.697  -1.263  12.149  1.00 26.47 ? 26  ALA A HB2  1 
ATOM   409  H HB3  . ALA A 1 26 ? 13.738  -1.509  10.976  1.00 26.47 ? 26  ALA A HB3  1 
ATOM   410  N N    . ILE A 1 27 ? 15.784  0.511   10.233  1.00 21.68 ? 27  ILE A N    1 
ATOM   411  C CA   . ILE A 1 27 ? 17.161  0.791   9.832   1.00 30.72 ? 27  ILE A CA   1 
ATOM   412  C C    . ILE A 1 27 ? 17.513  2.239   10.148  1.00 24.63 ? 27  ILE A C    1 
ATOM   413  O O    . ILE A 1 27 ? 18.632  2.541   10.580  1.00 34.17 ? 27  ILE A O    1 
ATOM   414  C CB   . ILE A 1 27 ? 17.366  0.483   8.337   1.00 23.10 ? 27  ILE A CB   1 
ATOM   415  C CG1  . ILE A 1 27 ? 17.055  -0.981  8.025   1.00 25.48 ? 27  ILE A CG1  1 
ATOM   416  C CG2  . ILE A 1 27 ? 18.802  0.797   7.922   1.00 28.42 ? 27  ILE A CG2  1 
ATOM   417  C CD1  . ILE A 1 27 ? 16.936  -1.258  6.542   1.00 20.03 ? 27  ILE A CD1  1 
ATOM   418  H H    . ILE A 1 27 ? 15.247  0.340   9.584   1.00 26.02 ? 27  ILE A H    1 
ATOM   419  H HA   . ILE A 1 27 ? 17.759  0.221   10.339  1.00 36.86 ? 27  ILE A HA   1 
ATOM   420  H HB   . ILE A 1 27 ? 16.766  1.044   7.821   1.00 27.72 ? 27  ILE A HB   1 
ATOM   421  H HG12 . ILE A 1 27 ? 17.768  -1.536  8.377   1.00 30.58 ? 27  ILE A HG12 1 
ATOM   422  H HG13 . ILE A 1 27 ? 16.212  -1.220  8.442   1.00 30.58 ? 27  ILE A HG13 1 
ATOM   423  H HG21 . ILE A 1 27 ? 18.909  0.597   6.980   1.00 34.10 ? 27  ILE A HG21 1 
ATOM   424  H HG22 . ILE A 1 27 ? 18.978  1.737   8.083   1.00 34.10 ? 27  ILE A HG22 1 
ATOM   425  H HG23 . ILE A 1 27 ? 19.408  0.252   8.449   1.00 34.10 ? 27  ILE A HG23 1 
ATOM   426  H HD11 . ILE A 1 27 ? 16.739  -2.199  6.413   1.00 24.03 ? 27  ILE A HD11 1 
ATOM   427  H HD12 . ILE A 1 27 ? 16.220  -0.716  6.176   1.00 24.03 ? 27  ILE A HD12 1 
ATOM   428  H HD13 . ILE A 1 27 ? 17.776  -1.034  6.111   1.00 24.03 ? 27  ILE A HD13 1 
ATOM   429  N N    . ALA A 1 28 ? 16.566  3.156   9.928   1.00 24.96 ? 28  ALA A N    1 
ATOM   430  C CA   . ALA A 1 28 ? 16.810  4.566   10.216  1.00 24.89 ? 28  ALA A CA   1 
ATOM   431  C C    . ALA A 1 28 ? 17.076  4.786   11.696  1.00 26.94 ? 28  ALA A C    1 
ATOM   432  O O    . ALA A 1 28 ? 17.897  5.632   12.070  1.00 27.72 ? 28  ALA A O    1 
ATOM   433  C CB   . ALA A 1 28 ? 15.618  5.404   9.758   1.00 40.53 ? 28  ALA A CB   1 
ATOM   434  H H    . ALA A 1 28 ? 15.782  2.986   9.614   1.00 29.95 ? 28  ALA A H    1 
ATOM   435  H HA   . ALA A 1 28 ? 17.592  4.858   9.722   1.00 29.87 ? 28  ALA A HA   1 
ATOM   436  H HB1  . ALA A 1 28 ? 15.794  6.337   9.955   1.00 48.64 ? 28  ALA A HB1  1 
ATOM   437  H HB2  . ALA A 1 28 ? 15.495  5.284   8.803   1.00 48.64 ? 28  ALA A HB2  1 
ATOM   438  H HB3  . ALA A 1 28 ? 14.825  5.109   10.232  1.00 48.64 ? 28  ALA A HB3  1 
ATOM   439  N N    . GLN A 1 29 ? 16.380  4.049   12.555  1.00 26.82 ? 29  GLN A N    1 
ATOM   440  C CA   . GLN A 1 29 ? 16.614  4.124   13.992  1.00 30.09 ? 29  GLN A CA   1 
ATOM   441  C C    . GLN A 1 29 ? 18.054  3.721   14.295  1.00 35.08 ? 29  GLN A C    1 
ATOM   442  O O    . GLN A 1 29 ? 18.675  4.257   15.213  1.00 37.48 ? 29  GLN A O    1 
ATOM   443  C CB   . GLN A 1 29 ? 15.633  3.222   14.743  1.00 34.13 ? 29  GLN A CB   1 
ATOM   444  C CG   . GLN A 1 29 ? 15.487  3.539   16.225  1.00 28.11 ? 29  GLN A CG   1 
ATOM   445  C CD   . GLN A 1 29 ? 14.915  4.921   16.479  1.00 28.77 ? 29  GLN A CD   1 
ATOM   446  O OE1  . GLN A 1 29 ? 15.436  5.677   17.296  1.00 39.20 ? 29  GLN A OE1  1 
ATOM   447  N NE2  . GLN A 1 29 ? 13.837  5.255   15.777  1.00 29.99 ? 29  GLN A NE2  1 
ATOM   448  H H    . GLN A 1 29 ? 15.763  3.494   12.331  1.00 32.18 ? 29  GLN A H    1 
ATOM   449  H HA   . GLN A 1 29 ? 16.482  5.038   14.291  1.00 36.11 ? 29  GLN A HA   1 
ATOM   450  H HB2  . GLN A 1 29 ? 14.757  3.310   14.336  1.00 40.96 ? 29  GLN A HB2  1 
ATOM   451  H HB3  . GLN A 1 29 ? 15.936  2.304   14.667  1.00 40.96 ? 29  GLN A HB3  1 
ATOM   452  H HG2  . GLN A 1 29 ? 14.891  2.889   16.630  1.00 33.73 ? 29  GLN A HG2  1 
ATOM   453  H HG3  . GLN A 1 29 ? 16.360  3.494   16.646  1.00 33.73 ? 29  GLN A HG3  1 
ATOM   454  H HE21 . GLN A 1 29 ? 13.501  4.698   15.214  1.00 35.99 ? 29  GLN A HE21 1 
ATOM   455  H HE22 . GLN A 1 29 ? 13.476  6.029   15.885  1.00 35.99 ? 29  GLN A HE22 1 
ATOM   456  N N    . LYS A 1 30 ? 18.559  2.764   13.516  1.00 53.50 ? 30  LYS A N    1 
ATOM   457  C CA   . LYS A 1 30 ? 19.802  2.354   13.598  1.00 47.31 ? 30  LYS A CA   1 
ATOM   458  C C    . LYS A 1 30 ? 19.953  0.869   14.034  1.00 54.57 ? 30  LYS A C    1 
ATOM   459  O O    . LYS A 1 30 ? 20.374  0.062   13.243  1.00 64.39 ? 30  LYS A O    1 
ATOM   460  C CB   . LYS A 1 30 ? 20.920  3.368   13.884  1.00 54.35 ? 30  LYS A CB   1 
ATOM   461  C CG   . LYS A 1 30 ? 20.948  4.437   12.821  1.00 48.03 ? 30  LYS A CG   1 
ATOM   462  C CD   . LYS A 1 30 ? 21.510  5.723   13.404  1.00 53.60 ? 30  LYS A CD   1 
ATOM   463  C CE   . LYS A 1 30 ? 20.359  6.679   13.823  1.00 48.49 ? 30  LYS A CE   1 
ATOM   464  N NZ   . LYS A 1 30 ? 20.644  7.232   15.165  1.00 54.00 1 30  LYS A NZ   1 
ATOM   465  H H    . LYS A 1 30 ? 18.050  2.364   12.899  1.00 64.20 ? 30  LYS A H    1 
ATOM   466  H HA   . LYS A 1 30 ? 20.065  2.199   12.649  1.00 56.77 ? 30  LYS A HA   1 
ATOM   467  H HB2  . LYS A 1 30 ? 20.769  3.776   14.741  1.00 65.22 ? 30  LYS A HB2  1 
ATOM   468  H HB3  . LYS A 1 30 ? 21.758  2.914   13.896  1.00 65.22 ? 30  LYS A HB3  1 
ATOM   469  H HG2  . LYS A 1 30 ? 21.509  4.142   12.081  1.00 57.64 ? 30  LYS A HG2  1 
ATOM   470  H HG3  . LYS A 1 30 ? 20.046  4.595   12.500  1.00 57.64 ? 30  LYS A HG3  1 
ATOM   471  H HD2  . LYS A 1 30 ? 22.060  5.508   14.198  1.00 64.32 ? 30  LYS A HD2  1 
ATOM   472  H HD3  . LYS A 1 30 ? 22.073  6.168   12.728  1.00 64.32 ? 30  LYS A HD3  1 
ATOM   473  H HE2  . LYS A 1 30 ? 20.292  7.408   13.179  1.00 58.19 ? 30  LYS A HE2  1 
ATOM   474  H HE3  . LYS A 1 30 ? 19.510  6.182   13.847  1.00 58.19 ? 30  LYS A HE3  1 
ATOM   475  H HZ1  . LYS A 1 30 ? 20.746  6.541   15.768  1.00 64.80 ? 30  LYS A HZ1  1 
ATOM   476  H HZ2  . LYS A 1 30 ? 19.932  7.781   15.436  1.00 64.80 ? 30  LYS A HZ2  1 
ATOM   477  H HZ3  . LYS A 1 30 ? 21.417  7.728   15.135  1.00 64.80 ? 30  LYS A HZ3  1 
HETATM 478  N N    . NH2 A 1 31 ? 19.591  0.456   15.375  1.00 43.95 ? 31  NH2 A N    1 
HETATM 479  H HN1  . NH2 A 1 31 ? 19.683  -0.422  15.624  1.00 52.74 ? 31  NH2 A HN1  1 
HETATM 480  H HN2  . NH2 A 1 31 ? 19.270  1.072   15.977  1.00 52.74 ? 31  NH2 A HN2  1 
HETATM 481  C C    . ACE B 2 1  ? 16.077  10.934  5.916   1.00 26.87 ? 1   ACE B C    1 
HETATM 482  O O    . ACE B 2 1  ? 14.863  10.938  5.715   1.00 29.85 ? 1   ACE B O    1 
HETATM 483  C CH3  . ACE B 2 1  ? 16.678  11.498  7.170   1.00 30.03 ? 1   ACE B CH3  1 
ATOM   484  N N    . GLU B 2 2  ? 16.951  10.439  5.042   1.00 24.62 ? 2   GLU B N    1 
ATOM   485  C CA   . GLU B 2 2  ? 16.524  9.851   3.775   1.00 29.73 ? 2   GLU B CA   1 
ATOM   486  C C    . GLU B 2 2  ? 15.749  8.553   4.025   1.00 21.97 ? 2   GLU B C    1 
ATOM   487  O O    . GLU B 2 2  ? 14.719  8.309   3.397   1.00 21.06 ? 2   GLU B O    1 
ATOM   488  C CB   . GLU B 2 2  ? 17.715  9.568   2.838   1.00 25.21 ? 2   GLU B CB   1 
ATOM   489  C CG   . GLU B 2 2  ? 19.101  10.073  3.256   1.00 37.05 ? 2   GLU B CG   1 
ATOM   490  C CD   . GLU B 2 2  ? 19.262  11.572  3.090   1.00 33.24 ? 2   GLU B CD   1 
ATOM   491  O OE1  . GLU B 2 2  ? 18.312  12.233  2.620   1.00 63.25 ? 2   GLU B OE1  1 
ATOM   492  O OE2  . GLU B 2 2  ? 20.348  12.090  3.426   1.00 48.72 ? 2   GLU B OE2  1 
ATOM   493  H H    . GLU B 2 2  ? 17.803  10.427  5.163   1.00 29.55 ? 2   GLU B H    1 
ATOM   494  H HA   . GLU B 2 2  ? 15.931  10.472  3.325   1.00 35.68 ? 2   GLU B HA   1 
ATOM   495  H HB2  . GLU B 2 2  ? 17.787  8.606   2.731   1.00 30.25 ? 2   GLU B HB2  1 
ATOM   496  H HB3  . GLU B 2 2  ? 17.518  9.968   1.977   1.00 30.25 ? 2   GLU B HB3  1 
ATOM   497  H HG2  . GLU B 2 2  ? 19.245  9.858   4.190   1.00 44.46 ? 2   GLU B HG2  1 
ATOM   498  H HG3  . GLU B 2 2  ? 19.774  9.638   2.709   1.00 44.46 ? 2   GLU B HG3  1 
ATOM   499  N N    . LEU B 2 3  ? 16.250  7.721   4.941   1.00 22.81 ? 3   LEU B N    1 
ATOM   500  C CA   . LEU B 2 3  ? 15.611  6.432   5.194   1.00 21.27 ? 3   LEU B CA   1 
ATOM   501  C C    . LEU B 2 3  ? 14.186  6.622   5.696   1.00 20.46 ? 3   LEU B C    1 
ATOM   502  O O    . LEU B 2 3  ? 13.249  5.985   5.201   1.00 19.49 ? 3   LEU B O    1 
ATOM   503  C CB   . LEU B 2 3  ? 16.419  5.616   6.206   1.00 29.62 ? 3   LEU B CB   1 
ATOM   504  C CG   . LEU B 2 3  ? 17.794  5.046   5.830   1.00 28.16 ? 3   LEU B CG   1 
ATOM   505  C CD1  . LEU B 2 3  ? 17.779  4.352   4.476   1.00 30.00 ? 3   LEU B CD1  1 
ATOM   506  C CD2  . LEU B 2 3  ? 18.859  6.126   5.860   1.00 40.95 ? 3   LEU B CD2  1 
ATOM   507  H H    . LEU B 2 3  ? 16.946  7.876   5.421   1.00 27.37 ? 3   LEU B H    1 
ATOM   508  H HA   . LEU B 2 3  ? 15.572  5.929   4.365   1.00 25.52 ? 3   LEU B HA   1 
ATOM   509  H HB2  . LEU B 2 3  ? 16.560  6.179   6.983   1.00 35.54 ? 3   LEU B HB2  1 
ATOM   510  H HB3  . LEU B 2 3  ? 15.872  4.859   6.469   1.00 35.54 ? 3   LEU B HB3  1 
ATOM   511  H HG   . LEU B 2 3  ? 18.039  4.380   6.492   1.00 33.80 ? 3   LEU B HG   1 
ATOM   512  H HD11 . LEU B 2 3  ? 18.667  4.012   4.287   1.00 36.00 ? 3   LEU B HD11 1 
ATOM   513  H HD12 . LEU B 2 3  ? 17.142  3.621   4.504   1.00 36.00 ? 3   LEU B HD12 1 
ATOM   514  H HD13 . LEU B 2 3  ? 17.517  4.994   3.796   1.00 36.00 ? 3   LEU B HD13 1 
ATOM   515  H HD21 . LEU B 2 3  ? 19.713  5.733   5.618   1.00 49.14 ? 3   LEU B HD21 1 
ATOM   516  H HD22 . LEU B 2 3  ? 18.622  6.820   5.226   1.00 49.14 ? 3   LEU B HD22 1 
ATOM   517  H HD23 . LEU B 2 3  ? 18.907  6.497   6.754   1.00 49.14 ? 3   LEU B HD23 1 
ATOM   518  N N    . LYS B 2 4  ? 14.003  7.493   6.689   1.00 30.46 ? 4   LYS B N    1 
ATOM   519  C CA   . LYS B 2 4  ? 12.663  7.757   7.195   1.00 33.71 ? 4   LYS B CA   1 
ATOM   520  C C    . LYS B 2 4  ? 11.777  8.343   6.101   1.00 21.01 ? 4   LYS B C    1 
ATOM   521  O O    . LYS B 2 4  ? 10.597  7.991   5.990   1.00 20.45 ? 4   LYS B O    1 
ATOM   522  C CB   . LYS B 2 4  ? 12.740  8.690   8.405   1.00 22.87 ? 4   LYS B CB   1 
ATOM   523  C CG   . LYS B 2 4  ? 11.391  9.120   8.976   1.00 35.60 ? 4   LYS B CG   1 
ATOM   524  C CD   . LYS B 2 4  ? 11.111  8.483   10.332  1.00 38.53 ? 4   LYS B CD   1 
ATOM   525  C CE   . LYS B 2 4  ? 9.935   9.156   11.031  1.00 37.16 ? 4   LYS B CE   1 
ATOM   526  N NZ   . LYS B 2 4  ? 10.213  10.586  11.349  1.00 49.10 ? 4   LYS B NZ   1 
ATOM   527  H H    . LYS B 2 4  ? 14.629  7.936   7.079   1.00 36.56 ? 4   LYS B H    1 
ATOM   528  H HA   . LYS B 2 4  ? 12.265  6.921   7.486   1.00 40.45 ? 4   LYS B HA   1 
ATOM   529  H HB2  . LYS B 2 4  ? 13.227  8.238   9.112   1.00 27.44 ? 4   LYS B HB2  1 
ATOM   530  H HB3  . LYS B 2 4  ? 13.217  9.493   8.143   1.00 27.44 ? 4   LYS B HB3  1 
ATOM   531  H HG2  . LYS B 2 4  ? 11.387  10.083  9.089   1.00 42.73 ? 4   LYS B HG2  1 
ATOM   532  H HG3  . LYS B 2 4  ? 10.687  8.852   8.365   1.00 42.73 ? 4   LYS B HG3  1 
ATOM   533  H HD2  . LYS B 2 4  ? 10.895  7.546   10.207  1.00 46.24 ? 4   LYS B HD2  1 
ATOM   534  H HD3  . LYS B 2 4  ? 11.894  8.575   10.897  1.00 46.24 ? 4   LYS B HD3  1 
ATOM   535  H HE2  . LYS B 2 4  ? 9.158   9.121   10.451  1.00 44.59 ? 4   LYS B HE2  1 
ATOM   536  H HE3  . LYS B 2 4  ? 9.752   8.693   11.863  1.00 44.59 ? 4   LYS B HE3  1 
ATOM   537  H HZ1  . LYS B 2 4  ? 9.510   10.951  11.755  1.00 58.92 ? 4   LYS B HZ1  1 
ATOM   538  H HZ2  . LYS B 2 4  ? 10.921  10.647  11.886  1.00 58.92 ? 4   LYS B HZ2  1 
ATOM   539  H HZ3  . LYS B 2 4  ? 10.379  11.037  10.600  1.00 58.92 ? 4   LYS B HZ3  1 
ATOM   540  N N    . ALA B 2 5  ? 12.337  9.224   5.264   1.00 29.15 ? 5   ALA B N    1 
ATOM   541  C CA   . ALA B 2 5  ? 11.562  9.795   4.166   1.00 23.86 ? 5   ALA B CA   1 
ATOM   542  C C    . ALA B 2 5  ? 11.139  8.718   3.175   1.00 27.27 ? 5   ALA B C    1 
ATOM   543  O O    . ALA B 2 5  ? 10.013  8.740   2.662   1.00 23.71 ? 5   ALA B O    1 
ATOM   544  C CB   . ALA B 2 5  ? 12.370  10.885  3.458   1.00 25.93 ? 5   ALA B CB   1 
ATOM   545  H H    . ALA B 2 5  ? 13.150  9.501   5.312   1.00 34.98 ? 5   ALA B H    1 
ATOM   546  H HA   . ALA B 2 5  ? 10.759  10.204  4.526   1.00 28.64 ? 5   ALA B HA   1 
ATOM   547  H HB1  . ALA B 2 5  ? 11.840  11.251  2.734   1.00 31.11 ? 5   ALA B HB1  1 
ATOM   548  H HB2  . ALA B 2 5  ? 12.585  11.582  4.097   1.00 31.11 ? 5   ALA B HB2  1 
ATOM   549  H HB3  . ALA B 2 5  ? 13.186  10.495  3.108   1.00 31.11 ? 5   ALA B HB3  1 
ATOM   550  N N    . ILE B 2 6  ? 12.028  7.765   2.892   1.00 19.43 ? 6   ILE B N    1 
ATOM   551  C CA   . ILE B 2 6  ? 11.655  6.636   2.045   1.00 18.37 ? 6   ILE B CA   1 
ATOM   552  C C    . ILE B 2 6  ? 10.524  5.845   2.690   1.00 17.76 ? 6   ILE B C    1 
ATOM   553  O O    . ILE B 2 6  ? 9.606   5.372   2.007   1.00 17.17 ? 6   ILE B O    1 
ATOM   554  C CB   . ILE B 2 6  ? 12.886  5.754   1.768   1.00 18.22 ? 6   ILE B CB   1 
ATOM   555  C CG1  . ILE B 2 6  ? 13.852  6.483   0.828   1.00 18.95 ? 6   ILE B CG1  1 
ATOM   556  C CG2  . ILE B 2 6  ? 12.466  4.401   1.179   1.00 23.57 ? 6   ILE B CG2  1 
ATOM   557  C CD1  . ILE B 2 6  ? 15.201  5.811   0.673   1.00 19.26 ? 6   ILE B CD1  1 
ATOM   558  H H    . ILE B 2 6  ? 12.840  7.749   3.174   1.00 23.32 ? 6   ILE B H    1 
ATOM   559  H HA   . ILE B 2 6  ? 11.333  6.975   1.194   1.00 22.04 ? 6   ILE B HA   1 
ATOM   560  H HB   . ILE B 2 6  ? 13.341  5.592   2.609   1.00 21.87 ? 6   ILE B HB   1 
ATOM   561  H HG12 . ILE B 2 6  ? 13.447  6.538   -0.052  1.00 22.74 ? 6   ILE B HG12 1 
ATOM   562  H HG13 . ILE B 2 6  ? 14.005  7.376   1.173   1.00 22.74 ? 6   ILE B HG13 1 
ATOM   563  H HG21 . ILE B 2 6  ? 13.260  3.868   1.016   1.00 28.28 ? 6   ILE B HG21 1 
ATOM   564  H HG22 . ILE B 2 6  ? 11.888  3.948   1.812   1.00 28.28 ? 6   ILE B HG22 1 
ATOM   565  H HG23 . ILE B 2 6  ? 11.992  4.553   0.347   1.00 28.28 ? 6   ILE B HG23 1 
ATOM   566  H HD11 . ILE B 2 6  ? 15.747  6.334   0.067   1.00 23.12 ? 6   ILE B HD11 1 
ATOM   567  H HD12 . ILE B 2 6  ? 15.629  5.759   1.543   1.00 23.12 ? 6   ILE B HD12 1 
ATOM   568  H HD13 . ILE B 2 6  ? 15.069  4.919   0.316   1.00 23.12 ? 6   ILE B HD13 1 
ATOM   569  N N    . ALA B 2 7  ? 10.573  5.681   4.012   1.00 18.09 ? 7   ALA B N    1 
ATOM   570  C CA   . ALA B 2 7  ? 9.505   4.973   4.708   1.00 17.84 ? 7   ALA B CA   1 
ATOM   571  C C    . ALA B 2 7  ? 8.175   5.696   4.545   1.00 18.07 ? 7   ALA B C    1 
ATOM   572  O O    . ALA B 2 7  ? 7.135   5.061   4.331   1.00 20.14 ? 7   ALA B O    1 
ATOM   573  C CB   . ALA B 2 7  ? 9.859   4.823   6.187   1.00 18.52 ? 7   ALA B CB   1 
ATOM   574  H H    . ALA B 2 7  ? 11.204  5.967   4.521   1.00 21.71 ? 7   ALA B H    1 
ATOM   575  H HA   . ALA B 2 7  ? 9.414   4.085   4.329   1.00 21.41 ? 7   ALA B HA   1 
ATOM   576  H HB1  . ALA B 2 7  ? 9.141   4.351   6.636   1.00 22.22 ? 7   ALA B HB1  1 
ATOM   577  H HB2  . ALA B 2 7  ? 10.686  4.321   6.264   1.00 22.22 ? 7   ALA B HB2  1 
ATOM   578  H HB3  . ALA B 2 7  ? 9.970   5.705   6.575   1.00 22.22 ? 7   ALA B HB3  1 
ATOM   579  N N    . GLN B 2 8  ? 8.191   7.027   4.631   1.00 18.92 ? 8   GLN B N    1 
ATOM   580  C CA   . GLN B 2 8  ? 6.964   7.801   4.486   1.00 19.45 ? 8   GLN B CA   1 
ATOM   581  C C    . GLN B 2 8  ? 6.369   7.640   3.093   1.00 18.83 ? 8   GLN B C    1 
ATOM   582  O O    . GLN B 2 8  ? 5.149   7.518   2.942   1.00 26.23 ? 8   GLN B O    1 
ATOM   583  C CB   . GLN B 2 8  ? 7.245   9.276   4.778   1.00 30.83 ? 8   GLN B CB   1 
ATOM   584  C CG   . GLN B 2 8  ? 7.698   9.555   6.203   1.00 34.36 ? 8   GLN B CG   1 
ATOM   585  C CD   . GLN B 2 8  ? 6.666   9.149   7.237   1.00 29.19 ? 8   GLN B CD   1 
ATOM   586  O OE1  . GLN B 2 8  ? 6.776   8.090   7.855   1.00 49.22 ? 8   GLN B OE1  1 
ATOM   587  N NE2  . GLN B 2 8  ? 5.660   9.992   7.432   1.00 53.10 ? 8   GLN B NE2  1 
ATOM   588  H H    . GLN B 2 8  ? 8.895   7.500   4.773   1.00 22.71 ? 8   GLN B H    1 
ATOM   589  H HA   . GLN B 2 8  ? 6.312   7.485   5.131   1.00 23.34 ? 8   GLN B HA   1 
ATOM   590  H HB2  . GLN B 2 8  ? 7.943   9.584   4.180   1.00 37.00 ? 8   GLN B HB2  1 
ATOM   591  H HB3  . GLN B 2 8  ? 6.432   9.784   4.621   1.00 37.00 ? 8   GLN B HB3  1 
ATOM   592  H HG2  . GLN B 2 8  ? 8.511   9.057   6.379   1.00 41.24 ? 8   GLN B HG2  1 
ATOM   593  H HG3  . GLN B 2 8  ? 7.863   10.507  6.301   1.00 41.24 ? 8   GLN B HG3  1 
ATOM   594  H HE21 . GLN B 2 8  ? 5.619   10.725  6.984   1.00 63.72 ? 8   GLN B HE21 1 
ATOM   595  H HE22 . GLN B 2 8  ? 5.049   9.806   8.009   1.00 63.72 ? 8   GLN B HE22 1 
ATOM   596  N N    . GLU B 2 9  ? 7.215   7.638   2.060   1.00 18.45 ? 9   GLU B N    1 
ATOM   597  C CA   . GLU B 2 9  ? 6.710   7.486   0.699   1.00 18.07 ? 9   GLU B CA   1 
ATOM   598  C C    . GLU B 2 9  ? 6.048   6.127   0.510   1.00 17.20 ? 9   GLU B C    1 
ATOM   599  O O    . GLU B 2 9  ? 4.974   6.031   -0.094  1.00 19.02 ? 9   GLU B O    1 
ATOM   600  C CB   . GLU B 2 9  ? 7.845   7.690   -0.305  1.00 18.08 ? 9   GLU B CB   1 
ATOM   601  C CG   . GLU B 2 9  ? 8.274   9.143   -0.458  1.00 33.29 ? 9   GLU B CG   1 
ATOM   602  C CD   . GLU B 2 9  ? 7.205   10.010  -1.105  1.00 19.92 ? 9   GLU B CD   1 
ATOM   603  O OE1  . GLU B 2 9  ? 6.815   9.715   -2.253  1.00 49.74 ? 9   GLU B OE1  1 
ATOM   604  O OE2  . GLU B 2 9  ? 6.748   10.978  -0.461  1.00 60.59 ? 9   GLU B OE2  1 
ATOM   605  H H    . GLU B 2 9  ? 8.069   7.722   2.120   1.00 22.14 ? 9   GLU B H    1 
ATOM   606  H HA   . GLU B 2 9  ? 6.040   8.169   0.534   1.00 21.68 ? 9   GLU B HA   1 
ATOM   607  H HB2  . GLU B 2 9  ? 8.617   7.182   -0.010  1.00 21.70 ? 9   GLU B HB2  1 
ATOM   608  H HB3  . GLU B 2 9  ? 7.555   7.372   -1.174  1.00 21.70 ? 9   GLU B HB3  1 
ATOM   609  H HG2  . GLU B 2 9  ? 8.466   9.510   0.419   1.00 39.95 ? 9   GLU B HG2  1 
ATOM   610  H HG3  . GLU B 2 9  ? 9.068   9.180   -1.014  1.00 39.95 ? 9   GLU B HG3  1 
ATOM   611  N N    . PHE B 2 10 ? 6.660   5.064   1.037   1.00 21.42 ? 10  PHE B N    1 
ATOM   612  C CA   . PHE B 2 10 ? 6.058   3.740   0.918   1.00 16.07 ? 10  PHE B CA   1 
ATOM   613  C C    . PHE B 2 10 ? 4.698   3.695   1.606   1.00 16.41 ? 10  PHE B C    1 
ATOM   614  O O    . PHE B 2 10 ? 3.771   3.040   1.119   1.00 16.26 ? 10  PHE B O    1 
ATOM   615  C CB   . PHE B 2 10 ? 6.995   2.680   1.498   1.00 15.76 ? 10  PHE B CB   1 
ATOM   616  C CG   . PHE B 2 10 ? 8.071   2.227   0.546   1.00 15.47 ? 10  PHE B CG   1 
ATOM   617  C CD1  . PHE B 2 10 ? 7.759   1.806   -0.738  1.00 30.75 ? 10  PHE B CD1  1 
ATOM   618  C CD2  . PHE B 2 10 ? 9.399   2.223   0.939   1.00 17.58 ? 10  PHE B CD2  1 
ATOM   619  C CE1  . PHE B 2 10 ? 8.750   1.387   -1.607  1.00 29.73 ? 10  PHE B CE1  1 
ATOM   620  C CE2  . PHE B 2 10 ? 10.394  1.808   0.076   1.00 34.09 ? 10  PHE B CE2  1 
ATOM   621  C CZ   . PHE B 2 10 ? 10.069  1.390   -1.200  1.00 33.74 ? 10  PHE B CZ   1 
ATOM   622  H H    . PHE B 2 10 ? 7.408   5.082   1.459   1.00 25.70 ? 10  PHE B H    1 
ATOM   623  H HA   . PHE B 2 10 ? 5.924   3.539   -0.021  1.00 19.29 ? 10  PHE B HA   1 
ATOM   624  H HB2  . PHE B 2 10 ? 7.429   3.044   2.285   1.00 18.91 ? 10  PHE B HB2  1 
ATOM   625  H HB3  . PHE B 2 10 ? 6.471   1.901   1.743   1.00 18.91 ? 10  PHE B HB3  1 
ATOM   626  H HD1  . PHE B 2 10 ? 6.872   1.802   -1.017  1.00 36.90 ? 10  PHE B HD1  1 
ATOM   627  H HD2  . PHE B 2 10 ? 9.624   2.503   1.798   1.00 21.10 ? 10  PHE B HD2  1 
ATOM   628  H HE1  . PHE B 2 10 ? 8.529   1.107   -2.467  1.00 35.68 ? 10  PHE B HE1  1 
ATOM   629  H HE2  . PHE B 2 10 ? 11.281  1.810   0.353   1.00 40.91 ? 10  PHE B HE2  1 
ATOM   630  H HZ   . PHE B 2 10 ? 10.738  1.110   -1.782  1.00 40.49 ? 10  PHE B HZ   1 
ATOM   631  N N    . LYS B 2 11 ? 4.557   4.397   2.735   1.00 17.10 ? 11  LYS B N    1 
ATOM   632  C CA   . LYS B 2 11 ? 3.251   4.510   3.377   1.00 17.76 ? 11  LYS B CA   1 
ATOM   633  C C    . LYS B 2 11 ? 2.254   5.222   2.473   1.00 29.82 ? 11  LYS B C    1 
ATOM   634  O O    . LYS B 2 11 ? 1.101   4.796   2.354   1.00 19.79 ? 11  LYS B O    1 
ATOM   635  C CB   . LYS B 2 11 ? 3.380   5.250   4.707   1.00 18.71 ? 11  LYS B CB   1 
ATOM   636  C CG   . LYS B 2 11 ? 3.913   4.395   5.848   1.00 18.74 ? 11  LYS B CG   1 
ATOM   637  C CD   . LYS B 2 11 ? 4.808   5.208   6.773   1.00 23.90 ? 11  LYS B CD   1 
ATOM   638  C CE   . LYS B 2 11 ? 4.609   4.841   8.233   1.00 25.42 ? 11  LYS B CE   1 
ATOM   639  N NZ   . LYS B 2 11 ? 5.549   5.592   9.113   1.00 46.99 ? 11  LYS B NZ   1 
ATOM   640  H H    . LYS B 2 11 ? 5.193   4.809   3.140   1.00 20.51 ? 11  LYS B H    1 
ATOM   641  H HA   . LYS B 2 11 ? 2.909   3.621   3.559   1.00 21.32 ? 11  LYS B HA   1 
ATOM   642  H HB2  . LYS B 2 11 ? 3.988   5.998   4.590   1.00 22.45 ? 11  LYS B HB2  1 
ATOM   643  H HB3  . LYS B 2 11 ? 2.505   5.577   4.967   1.00 22.45 ? 11  LYS B HB3  1 
ATOM   644  H HG2  . LYS B 2 11 ? 3.168   4.053   6.369   1.00 22.48 ? 11  LYS B HG2  1 
ATOM   645  H HG3  . LYS B 2 11 ? 4.434   3.662   5.485   1.00 22.48 ? 11  LYS B HG3  1 
ATOM   646  H HD2  . LYS B 2 11 ? 5.736   5.041   6.543   1.00 28.68 ? 11  LYS B HD2  1 
ATOM   647  H HD3  . LYS B 2 11 ? 4.602   6.149   6.668   1.00 28.68 ? 11  LYS B HD3  1 
ATOM   648  H HE2  . LYS B 2 11 ? 3.703   5.060   8.498   1.00 30.51 ? 11  LYS B HE2  1 
ATOM   649  H HE3  . LYS B 2 11 ? 4.775   3.892   8.350   1.00 30.51 ? 11  LYS B HE3  1 
ATOM   650  H HZ1  . LYS B 2 11 ? 6.390   5.405   8.890   1.00 56.38 ? 11  LYS B HZ1  1 
ATOM   651  H HZ2  . LYS B 2 11 ? 5.415   6.467   9.024   1.00 56.38 ? 11  LYS B HZ2  1 
ATOM   652  H HZ3  . LYS B 2 11 ? 5.418   5.364   9.963   1.00 56.38 ? 11  LYS B HZ3  1 
ATOM   653  N N    . ALA B 2 12 ? 2.673   6.317   1.833   1.00 18.40 ? 12  ALA B N    1 
ATOM   654  C CA   . ALA B 2 12 ? 1.777   7.024   0.926   1.00 18.95 ? 12  ALA B CA   1 
ATOM   655  C C    . ALA B 2 12 ? 1.472   6.181   -0.305  1.00 18.27 ? 12  ALA B C    1 
ATOM   656  O O    . ALA B 2 12 ? 0.356   6.218   -0.834  1.00 18.72 ? 12  ALA B O    1 
ATOM   657  C CB   . ALA B 2 12 ? 2.384   8.367   0.524   1.00 19.61 ? 12  ALA B CB   1 
ATOM   658  H H    . ALA B 2 12 ? 3.458   6.662   1.906   1.00 22.08 ? 12  ALA B H    1 
ATOM   659  H HA   . ALA B 2 12 ? 0.939   7.200   1.384   1.00 22.74 ? 12  ALA B HA   1 
ATOM   660  H HB1  . ALA B 2 12 ? 1.774   8.822   -0.078  1.00 23.53 ? 12  ALA B HB1  1 
ATOM   661  H HB2  . ALA B 2 12 ? 2.523   8.902   1.322   1.00 23.53 ? 12  ALA B HB2  1 
ATOM   662  H HB3  . ALA B 2 12 ? 3.232   8.209   0.080   1.00 23.53 ? 12  ALA B HB3  1 
ATOM   663  N N    . ILE B 2 13 ? 2.456   5.413   -0.774  1.00 17.38 ? 13  ILE B N    1 
ATOM   664  C CA   . ILE B 2 13 ? 2.220   4.482   -1.875  1.00 24.56 ? 13  ILE B CA   1 
ATOM   665  C C    . ILE B 2 13 ? 1.175   3.448   -1.471  1.00 16.87 ? 13  ILE B C    1 
ATOM   666  O O    . ILE B 2 13 ? 0.245   3.146   -2.229  1.00 21.46 ? 13  ILE B O    1 
ATOM   667  C CB   . ILE B 2 13 ? 3.546   3.826   -2.303  1.00 24.42 ? 13  ILE B CB   1 
ATOM   668  C CG1  . ILE B 2 13 ? 4.325   4.787   -3.209  1.00 16.53 ? 13  ILE B CG1  1 
ATOM   669  C CG2  . ILE B 2 13 ? 3.307   2.477   -3.000  1.00 24.00 ? 13  ILE B CG2  1 
ATOM   670  C CD1  . ILE B 2 13 ? 5.727   4.338   -3.551  1.00 35.24 ? 13  ILE B CD1  1 
ATOM   671  H H    . ILE B 2 13 ? 3.262   5.411   -0.474  1.00 20.86 ? 13  ILE B H    1 
ATOM   672  H HA   . ILE B 2 13 ? 1.872   4.975   -2.635  1.00 29.47 ? 13  ILE B HA   1 
ATOM   673  H HB   . ILE B 2 13 ? 4.076   3.666   -1.507  1.00 29.30 ? 13  ILE B HB   1 
ATOM   674  H HG12 . ILE B 2 13 ? 3.838   4.890   -4.041  1.00 19.84 ? 13  ILE B HG12 1 
ATOM   675  H HG13 . ILE B 2 13 ? 4.393   5.646   -2.762  1.00 19.84 ? 13  ILE B HG13 1 
ATOM   676  H HG21 . ILE B 2 13 ? 4.163   2.097   -3.254  1.00 28.80 ? 13  ILE B HG21 1 
ATOM   677  H HG22 . ILE B 2 13 ? 2.850   1.882   -2.386  1.00 28.80 ? 13  ILE B HG22 1 
ATOM   678  H HG23 . ILE B 2 13 ? 2.762   2.622   -3.789  1.00 28.80 ? 13  ILE B HG23 1 
ATOM   679  H HD11 . ILE B 2 13 ? 6.141   5.002   -4.123  1.00 42.29 ? 13  ILE B HD11 1 
ATOM   680  H HD12 . ILE B 2 13 ? 6.237   4.243   -2.732  1.00 42.29 ? 13  ILE B HD12 1 
ATOM   681  H HD13 . ILE B 2 13 ? 5.681   3.486   -4.013  1.00 42.29 ? 13  ILE B HD13 1 
ATOM   682  N N    . ALA B 2 14 ? 1.306   2.894   -0.264  1.00 16.76 ? 14  ALA B N    1 
ATOM   683  C CA   . ALA B 2 14 ? 0.333   1.917   0.215   1.00 17.01 ? 14  ALA B CA   1 
ATOM   684  C C    . ALA B 2 14 ? -1.076  2.491   0.210   1.00 17.96 ? 14  ALA B C    1 
ATOM   685  O O    . ALA B 2 14 ? -2.043  1.779   -0.077  1.00 18.30 ? 14  ALA B O    1 
ATOM   686  C CB   . ALA B 2 14 ? 0.711   1.452   1.621   1.00 17.09 ? 14  ALA B CB   1 
ATOM   687  H H    . ALA B 2 14 ? 1.943   3.065   0.288   1.00 20.12 ? 14  ALA B H    1 
ATOM   688  H HA   . ALA B 2 14 ? 0.346   1.144   -0.371  1.00 20.41 ? 14  ALA B HA   1 
ATOM   689  H HB1  . ALA B 2 14 ? 0.057   0.805   1.925   1.00 20.51 ? 14  ALA B HB1  1 
ATOM   690  H HB2  . ALA B 2 14 ? 1.591   1.046   1.592   1.00 20.51 ? 14  ALA B HB2  1 
ATOM   691  H HB3  . ALA B 2 14 ? 0.720   2.219   2.215   1.00 20.51 ? 14  ALA B HB3  1 
ATOM   692  N N    . LYS B 2 15 ? -1.212  3.782   0.524   1.00 18.61 ? 15  LYS B N    1 
ATOM   693  C CA   . LYS B 2 15 ? -2.532  4.397   0.565   1.00 19.79 ? 15  LYS B CA   1 
ATOM   694  C C    . LYS B 2 15 ? -3.113  4.574   -0.834  1.00 28.08 ? 15  LYS B C    1 
ATOM   695  O O    . LYS B 2 15 ? -4.322  4.402   -1.032  1.00 20.80 ? 15  LYS B O    1 
ATOM   696  C CB   . LYS B 2 15 ? -2.463  5.740   1.293   1.00 25.56 ? 15  LYS B CB   1 
ATOM   697  C CG   . LYS B 2 15 ? -2.503  5.619   2.805   1.00 43.84 ? 15  LYS B CG   1 
ATOM   698  C CD   . LYS B 2 15 ? -2.730  6.971   3.461   1.00 43.34 ? 15  LYS B CD   1 
ATOM   699  C CE   . LYS B 2 15 ? -2.763  6.854   4.975   1.00 48.16 ? 15  LYS B CE   1 
ATOM   700  N NZ   . LYS B 2 15 ? -1.449  6.420   5.525   1.00 56.31 ? 15  LYS B NZ   1 
ATOM   701  H H    . LYS B 2 15 ? -0.562  4.313   0.714   1.00 22.33 ? 15  LYS B H    1 
ATOM   702  H HA   . LYS B 2 15 ? -3.132  3.819   1.063   1.00 23.74 ? 15  LYS B HA   1 
ATOM   703  H HB2  . LYS B 2 15 ? -1.636  6.183   1.052   1.00 30.67 ? 15  LYS B HB2  1 
ATOM   704  H HB3  . LYS B 2 15 ? -3.219  6.283   1.019   1.00 30.67 ? 15  LYS B HB3  1 
ATOM   705  H HG2  . LYS B 2 15 ? -3.230  5.030   3.061   1.00 52.61 ? 15  LYS B HG2  1 
ATOM   706  H HG3  . LYS B 2 15 ? -1.657  5.266   3.121   1.00 52.61 ? 15  LYS B HG3  1 
ATOM   707  H HD2  . LYS B 2 15 ? -2.008  7.570   3.217   1.00 52.01 ? 15  LYS B HD2  1 
ATOM   708  H HD3  . LYS B 2 15 ? -3.581  7.331   3.164   1.00 52.01 ? 15  LYS B HD3  1 
ATOM   709  H HE2  . LYS B 2 15 ? -2.981  7.719   5.357   1.00 57.79 ? 15  LYS B HE2  1 
ATOM   710  H HE3  . LYS B 2 15 ? -3.430  6.197   5.230   1.00 57.79 ? 15  LYS B HE3  1 
ATOM   711  H HZ1  . LYS B 2 15 ? -1.496  6.360   6.413   1.00 67.57 ? 15  LYS B HZ1  1 
ATOM   712  H HZ2  . LYS B 2 15 ? -1.227  5.624   5.193   1.00 67.57 ? 15  LYS B HZ2  1 
ATOM   713  H HZ3  . LYS B 2 15 ? -0.818  7.010   5.309   1.00 67.57 ? 15  LYS B HZ3  1 
ATOM   714  N N    . GLU B 2 16 ? -2.279  4.926   -1.816  1.00 19.40 ? 16  GLU B N    1 
ATOM   715  C CA   . GLU B 2 16 ? -2.769  5.023   -3.188  1.00 19.71 ? 16  GLU B CA   1 
ATOM   716  C C    . GLU B 2 16 ? -3.314  3.685   -3.669  1.00 19.45 ? 16  GLU B C    1 
ATOM   717  O O    . GLU B 2 16 ? -4.328  3.634   -4.372  1.00 20.22 ? 16  GLU B O    1 
ATOM   718  C CB   . GLU B 2 16 ? -1.660  5.498   -4.127  1.00 19.28 ? 16  GLU B CB   1 
ATOM   719  C CG   . GLU B 2 16 ? -1.084  6.863   -3.806  1.00 20.50 ? 16  GLU B CG   1 
ATOM   720  C CD   . GLU B 2 16 ? -2.063  7.991   -4.076  1.00 32.27 ? 16  GLU B CD   1 
ATOM   721  O OE1  . GLU B 2 16 ? -3.081  7.750   -4.762  1.00 41.73 ? 16  GLU B OE1  1 
ATOM   722  O OE2  . GLU B 2 16 ? -1.811  9.118   -3.604  1.00 51.12 ? 16  GLU B OE2  1 
ATOM   723  H H    . GLU B 2 16 ? -1.445  5.109   -1.717  1.00 23.28 ? 16  GLU B H    1 
ATOM   724  H HA   . GLU B 2 16 ? -3.491  5.672   -3.222  1.00 23.65 ? 16  GLU B HA   1 
ATOM   725  H HB2  . GLU B 2 16 ? -0.932  4.859   -4.091  1.00 23.13 ? 16  GLU B HB2  1 
ATOM   726  H HB3  . GLU B 2 16 ? -2.014  5.536   -5.029  1.00 23.13 ? 16  GLU B HB3  1 
ATOM   727  H HG2  . GLU B 2 16 ? -0.846  6.893   -2.866  1.00 24.60 ? 16  GLU B HG2  1 
ATOM   728  H HG3  . GLU B 2 16 ? -0.297  7.011   -4.353  1.00 24.60 ? 16  GLU B HG3  1 
ATOM   729  N N    . PHE B 2 17 ? -2.646  2.587   -3.308  1.00 18.56 ? 17  PHE B N    1 
ATOM   730  C CA   . PHE B 2 17 ? -3.103  1.268   -3.736  1.00 18.51 ? 17  PHE B CA   1 
ATOM   731  C C    . PHE B 2 17 ? -4.430  0.900   -3.084  1.00 19.44 ? 17  PHE B C    1 
ATOM   732  O O    . PHE B 2 17 ? -5.268  0.238   -3.706  1.00 20.00 ? 17  PHE B O    1 
ATOM   733  C CB   . PHE B 2 17 ? -2.047  0.213   -3.414  1.00 17.61 ? 17  PHE B CB   1 
ATOM   734  C CG   . PHE B 2 17 ? -0.931  0.139   -4.415  1.00 18.59 ? 17  PHE B CG   1 
ATOM   735  C CD1  . PHE B 2 17 ? -1.167  -0.305  -5.702  1.00 17.27 ? 17  PHE B CD1  1 
ATOM   736  C CD2  . PHE B 2 17 ? 0.360   0.490   -4.060  1.00 24.66 ? 17  PHE B CD2  1 
ATOM   737  C CE1  . PHE B 2 17 ? -0.138  -0.387  -6.622  1.00 18.13 ? 17  PHE B CE1  1 
ATOM   738  C CE2  . PHE B 2 17 ? 1.391   0.412   -4.975  1.00 21.86 ? 17  PHE B CE2  1 
ATOM   739  C CZ   . PHE B 2 17 ? 1.142   -0.027  -6.256  1.00 22.13 ? 17  PHE B CZ   1 
ATOM   740  H H    . PHE B 2 17 ? -1.937  2.580   -2.822  1.00 22.28 ? 17  PHE B H    1 
ATOM   741  H HA   . PHE B 2 17 ? -3.234  1.277   -4.697  1.00 22.21 ? 17  PHE B HA   1 
ATOM   742  H HB2  . PHE B 2 17 ? -1.655  0.417   -2.550  1.00 21.13 ? 17  PHE B HB2  1 
ATOM   743  H HB3  . PHE B 2 17 ? -2.474  -0.657  -3.383  1.00 21.13 ? 17  PHE B HB3  1 
ATOM   744  H HD1  . PHE B 2 17 ? -2.028  -0.548  -5.953  1.00 20.73 ? 17  PHE B HD1  1 
ATOM   745  H HD2  . PHE B 2 17 ? 0.534   0.785   -3.195  1.00 29.59 ? 17  PHE B HD2  1 
ATOM   746  H HE1  . PHE B 2 17 ? -0.309  -0.682  -7.487  1.00 21.75 ? 17  PHE B HE1  1 
ATOM   747  H HE2  . PHE B 2 17 ? 2.254   0.654   -4.726  1.00 26.23 ? 17  PHE B HE2  1 
ATOM   748  H HZ   . PHE B 2 17 ? 1.835   -0.079  -6.873  1.00 26.55 ? 17  PHE B HZ   1 
ATOM   749  N N    . LYS B 2 18 ? -4.630  1.293   -1.824  1.00 19.81 ? 18  LYS B N    1 
ATOM   750  C CA   . LYS B 2 18 ? -5.921  1.074   -1.180  1.00 24.25 ? 18  LYS B CA   1 
ATOM   751  C C    . LYS B 2 18 ? -7.023  1.836   -1.904  1.00 22.16 ? 18  LYS B C    1 
ATOM   752  O O    . LYS B 2 18 ? -8.115  1.307   -2.134  1.00 23.13 ? 18  LYS B O    1 
ATOM   753  C CB   . LYS B 2 18 ? -5.860  1.504   0.285   1.00 21.44 ? 18  LYS B CB   1 
ATOM   754  C CG   . LYS B 2 18 ? -4.980  0.637   1.166   1.00 20.74 ? 18  LYS B CG   1 
ATOM   755  C CD   . LYS B 2 18 ? -4.851  1.249   2.552   1.00 21.32 ? 18  LYS B CD   1 
ATOM   756  C CE   . LYS B 2 18 ? -3.796  0.542   3.378   1.00 26.79 ? 18  LYS B CE   1 
ATOM   757  N NZ   . LYS B 2 18 ? -3.507  1.270   4.646   1.00 21.26 ? 18  LYS B NZ   1 
ATOM   758  H H    . LYS B 2 18 ? -4.043  1.683   -1.331  1.00 23.77 ? 18  LYS B H    1 
ATOM   759  H HA   . LYS B 2 18 ? -6.135  0.129   -1.209  1.00 29.10 ? 18  LYS B HA   1 
ATOM   760  H HB2  . LYS B 2 18 ? -5.515  2.410   0.327   1.00 25.73 ? 18  LYS B HB2  1 
ATOM   761  H HB3  . LYS B 2 18 ? -6.757  1.480   0.652   1.00 25.73 ? 18  LYS B HB3  1 
ATOM   762  H HG2  . LYS B 2 18 ? -5.379  -0.243  1.255   1.00 24.88 ? 18  LYS B HG2  1 
ATOM   763  H HG3  . LYS B 2 18 ? -4.095  0.571   0.775   1.00 24.88 ? 18  LYS B HG3  1 
ATOM   764  H HD2  . LYS B 2 18 ? -4.596  2.181   2.468   1.00 25.59 ? 18  LYS B HD2  1 
ATOM   765  H HD3  . LYS B 2 18 ? -5.700  1.175   3.015   1.00 25.59 ? 18  LYS B HD3  1 
ATOM   766  H HE2  . LYS B 2 18 ? -4.110  -0.348  3.604   1.00 32.15 ? 18  LYS B HE2  1 
ATOM   767  H HE3  . LYS B 2 18 ? -2.973  0.486   2.866   1.00 32.15 ? 18  LYS B HE3  1 
ATOM   768  H HZ1  . LYS B 2 18 ? -2.886  0.835   5.112   1.00 25.52 ? 18  LYS B HZ1  1 
ATOM   769  H HZ2  . LYS B 2 18 ? -3.211  2.089   4.465   1.00 25.52 ? 18  LYS B HZ2  1 
ATOM   770  H HZ3  . LYS B 2 18 ? -4.246  1.330   5.137   1.00 25.52 ? 18  LYS B HZ3  1 
ATOM   771  N N    . ALA B 2 19 ? -6.750  3.091   -2.264  1.00 26.99 ? 19  ALA B N    1 
ATOM   772  C CA   . ALA B 2 19 ? -7.727  3.866   -3.019  1.00 23.49 ? 19  ALA B CA   1 
ATOM   773  C C    . ALA B 2 19 ? -7.976  3.245   -4.386  1.00 23.42 ? 19  ALA B C    1 
ATOM   774  O O    . ALA B 2 19 ? -9.110  3.237   -4.875  1.00 24.67 ? 19  ALA B O    1 
ATOM   775  C CB   . ALA B 2 19 ? -7.250  5.309   -3.157  1.00 23.72 ? 19  ALA B CB   1 
ATOM   776  H H    . ALA B 2 19 ? -6.020  3.508   -2.086  1.00 32.39 ? 19  ALA B H    1 
ATOM   777  H HA   . ALA B 2 19 ? -8.568  3.872   -2.535  1.00 28.19 ? 19  ALA B HA   1 
ATOM   778  H HB1  . ALA B 2 19 ? -7.909  5.813   -3.660  1.00 28.46 ? 19  ALA B HB1  1 
ATOM   779  H HB2  . ALA B 2 19 ? -7.146  5.694   -2.272  1.00 28.46 ? 19  ALA B HB2  1 
ATOM   780  H HB3  . ALA B 2 19 ? -6.400  5.318   -3.623  1.00 28.46 ? 19  ALA B HB3  1 
ATOM   781  N N    . ILE B 2 20 ? -6.927  2.711   -5.017  1.00 28.35 ? 20  ILE B N    1 
ATOM   782  C CA   . ILE B 2 20 ? -7.103  2.005   -6.283  1.00 22.26 ? 20  ILE B CA   1 
ATOM   783  C C    . ILE B 2 20 ? -8.023  0.807   -6.089  1.00 23.20 ? 20  ILE B C    1 
ATOM   784  O O    . ILE B 2 20 ? -8.943  0.570   -6.881  1.00 23.89 ? 20  ILE B O    1 
ATOM   785  C CB   . ILE B 2 20 ? -5.735  1.589   -6.858  1.00 24.59 ? 20  ILE B CB   1 
ATOM   786  C CG1  . ILE B 2 20 ? -5.003  2.814   -7.413  1.00 20.97 ? 20  ILE B CG1  1 
ATOM   787  C CG2  . ILE B 2 20 ? -5.897  0.511   -7.937  1.00 29.12 ? 20  ILE B CG2  1 
ATOM   788  C CD1  . ILE B 2 20 ? -3.588  2.533   -7.886  1.00 21.44 ? 20  ILE B CD1  1 
ATOM   789  H H    . ILE B 2 20 ? -6.115  2.744   -4.736  1.00 34.02 ? 20  ILE B H    1 
ATOM   790  H HA   . ILE B 2 20 ? -7.524  2.604   -6.921  1.00 26.71 ? 20  ILE B HA   1 
ATOM   791  H HB   . ILE B 2 20 ? -5.203  1.219   -6.136  1.00 29.51 ? 20  ILE B HB   1 
ATOM   792  H HG12 . ILE B 2 20 ? -5.504  3.159   -8.168  1.00 25.16 ? 20  ILE B HG12 1 
ATOM   793  H HG13 . ILE B 2 20 ? -4.954  3.489   -6.717  1.00 25.16 ? 20  ILE B HG13 1 
ATOM   794  H HG21 . ILE B 2 20 ? -5.021  0.271   -8.276  1.00 34.94 ? 20  ILE B HG21 1 
ATOM   795  H HG22 . ILE B 2 20 ? -6.324  -0.267  -7.544  1.00 34.94 ? 20  ILE B HG22 1 
ATOM   796  H HG23 . ILE B 2 20 ? -6.446  0.863   -8.655  1.00 34.94 ? 20  ILE B HG23 1 
ATOM   797  H HD11 . ILE B 2 20 ? -3.197  3.357   -8.220  1.00 25.72 ? 20  ILE B HD11 1 
ATOM   798  H HD12 . ILE B 2 20 ? -3.066  2.200   -7.139  1.00 25.72 ? 20  ILE B HD12 1 
ATOM   799  H HD13 . ILE B 2 20 ? -3.617  1.870   -8.593  1.00 25.72 ? 20  ILE B HD13 1 
ATOM   800  N N    . ALA B 2 21 ? -7.788  0.034   -5.033  1.00 22.38 ? 21  ALA B N    1 
ATOM   801  C CA   . ALA B 2 21 ? -8.631  -1.113  -4.722  1.00 23.17 ? 21  ALA B CA   1 
ATOM   802  C C    . ALA B 2 21 ? -10.085 -0.682  -4.568  1.00 24.84 ? 21  ALA B C    1 
ATOM   803  O O    . ALA B 2 21 ? -10.998 -1.399  -4.969  1.00 25.92 ? 21  ALA B O    1 
ATOM   804  C CB   . ALA B 2 21 ? -8.149  -1.799  -3.458  1.00 22.65 ? 21  ALA B CB   1 
ATOM   805  H H    . ALA B 2 21 ? -7.142  0.154   -4.478  1.00 26.85 ? 21  ALA B H    1 
ATOM   806  H HA   . ALA B 2 21 ? -8.581  -1.752  -5.451  1.00 27.80 ? 21  ALA B HA   1 
ATOM   807  H HB1  . ALA B 2 21 ? -8.725  -2.558  -3.272  1.00 27.18 ? 21  ALA B HB1  1 
ATOM   808  H HB2  . ALA B 2 21 ? -7.237  -2.100  -3.592  1.00 27.18 ? 21  ALA B HB2  1 
ATOM   809  H HB3  . ALA B 2 21 ? -8.186  -1.167  -2.723  1.00 27.18 ? 21  ALA B HB3  1 
HETATM 810  N N    . PHI B 2 22 ? -10.295 0.493   -3.987  1.00 25.28 ? 22  PHI B N    1 
HETATM 811  C CA   . PHI B 2 22 ? -11.626 1.007   -3.772  1.00 27.10 ? 22  PHI B CA   1 
HETATM 812  C CB   . PHI B 2 22 ? -11.739 2.289   -2.912  1.00 27.72 ? 22  PHI B CB   1 
HETATM 813  C CG   . PHI B 2 22 ? -13.145 2.761   -2.824  1.00 29.88 ? 22  PHI B CG   1 
HETATM 814  C CD1  . PHI B 2 22 ? -13.577 3.844   -3.599  1.00 30.85 ? 22  PHI B CD1  1 
HETATM 815  C CD2  . PHI B 2 22 ? -14.055 2.126   -1.969  1.00 31.21 ? 22  PHI B CD2  1 
HETATM 816  C CE1  . PHI B 2 22 ? -14.897 4.288   -3.519  1.00 39.13 ? 22  PHI B CE1  1 
HETATM 817  C CE2  . PHI B 2 22 ? -15.375 2.570   -1.892  1.00 40.65 ? 22  PHI B CE2  1 
HETATM 818  C CZ   . PHI B 2 22 ? -15.800 3.652   -2.666  1.00 34.42 ? 22  PHI B CZ   1 
HETATM 819  I I    . PHI B 2 22 ? -17.714 4.289   -2.550  1.00 45.52 ? 22  PHI B I    1 
HETATM 820  C C    . PHI B 2 22 ? -12.331 1.260   -5.104  1.00 28.05 ? 22  PHI B C    1 
HETATM 821  O O    . PHI B 2 22 ? -13.506 0.957   -5.316  1.00 29.63 ? 22  PHI B O    1 
HETATM 822  H H    . PHI B 2 22 ? -9.592  1.123   -3.649  1.00 30.33 ? 22  PHI B H    1 
HETATM 823  H HA   . PHI B 2 22 ? -12.198 0.190   -3.234  1.00 32.52 ? 22  PHI B HA   1 
HETATM 824  H HB2  . PHI B 2 22 ? -11.087 3.093   -3.351  1.00 33.26 ? 22  PHI B HB2  1 
HETATM 825  H HB3  . PHI B 2 22 ? -11.346 2.057   -1.886  1.00 33.26 ? 22  PHI B HB3  1 
HETATM 826  H HD1  . PHI B 2 22 ? -12.871 4.352   -4.274  1.00 37.02 ? 22  PHI B HD1  1 
HETATM 827  H HD2  . PHI B 2 22 ? -13.729 1.271   -1.355  1.00 37.45 ? 22  PHI B HD2  1 
HETATM 828  H HE1  . PHI B 2 22 ? -15.218 5.142   -4.137  1.00 46.96 ? 22  PHI B HE1  1 
HETATM 829  H HE2  . PHI B 2 22 ? -16.078 2.058   -1.214  1.00 48.78 ? 22  PHI B HE2  1 
ATOM   830  N N    . GLU B 2 23 ? -11.581 1.833   -6.042  1.00 27.24 ? 23  GLU B N    1 
ATOM   831  C CA   . GLU B 2 23 ? -12.126 2.145   -7.361  1.00 28.21 ? 23  GLU B CA   1 
ATOM   832  C C    . GLU B 2 23 ? -12.539 0.862   -8.080  1.00 28.54 ? 23  GLU B C    1 
ATOM   833  O O    . GLU B 2 23 ? -13.617 0.791   -8.669  1.00 30.15 ? 23  GLU B O    1 
ATOM   834  C CB   . GLU B 2 23 ? -11.108 2.918   -8.208  1.00 27.36 ? 23  GLU B CB   1 
ATOM   835  C CG   . GLU B 2 23 ? -10.647 4.235   -7.598  1.00 28.01 ? 23  GLU B CG   1 
ATOM   836  C CD   . GLU B 2 23 ? -11.752 5.272   -7.534  1.00 29.16 ? 23  GLU B CD   1 
ATOM   837  O OE1  . GLU B 2 23 ? -11.633 6.218   -6.729  1.00 48.47 ? 23  GLU B OE1  1 
ATOM   838  O OE2  . GLU B 2 23 ? -12.739 5.139   -8.288  1.00 43.28 ? 23  GLU B OE2  1 
ATOM   839  H H    . GLU B 2 23 ? -10.755 2.050   -5.941  1.00 32.69 ? 23  GLU B H    1 
ATOM   840  H HA   . GLU B 2 23 ? -12.914 2.700   -7.256  1.00 33.85 ? 23  GLU B HA   1 
ATOM   841  H HB2  . GLU B 2 23 ? -10.325 2.361   -8.335  1.00 32.83 ? 23  GLU B HB2  1 
ATOM   842  H HB3  . GLU B 2 23 ? -11.510 3.117   -9.068  1.00 32.83 ? 23  GLU B HB3  1 
ATOM   843  H HG2  . GLU B 2 23 ? -10.335 4.072   -6.694  1.00 33.61 ? 23  GLU B HG2  1 
ATOM   844  H HG3  . GLU B 2 23 ? -9.927  4.597   -8.138  1.00 33.61 ? 23  GLU B HG3  1 
ATOM   845  N N    . PHE B 2 24 ? -11.670 -0.150  -8.028  1.00 27.22 ? 24  PHE B N    1 
ATOM   846  C CA   . PHE B 2 24 ? -11.991 -1.432  -8.649  1.00 29.90 ? 24  PHE B CA   1 
ATOM   847  C C    . PHE B 2 24 ? -13.237 -2.046  -8.024  1.00 32.10 ? 24  PHE B C    1 
ATOM   848  O O    . PHE B 2 24 ? -14.063 -2.640  -8.726  1.00 33.30 ? 24  PHE B O    1 
ATOM   849  C CB   . PHE B 2 24 ? -10.806 -2.391  -8.530  1.00 28.80 ? 24  PHE B CB   1 
ATOM   850  C CG   . PHE B 2 24 ? -9.769  -2.217  -9.608  1.00 28.17 ? 24  PHE B CG   1 
ATOM   851  C CD1  . PHE B 2 24 ? -9.976  -2.740  -10.875 1.00 34.53 ? 24  PHE B CD1  1 
ATOM   852  C CD2  . PHE B 2 24 ? -8.586  -1.544  -9.353  1.00 32.50 ? 24  PHE B CD2  1 
ATOM   853  C CE1  . PHE B 2 24 ? -9.025  -2.587  -11.868 1.00 44.86 ? 24  PHE B CE1  1 
ATOM   854  C CE2  . PHE B 2 24 ? -7.632  -1.387  -10.342 1.00 36.68 ? 24  PHE B CE2  1 
ATOM   855  C CZ   . PHE B 2 24 ? -7.852  -1.909  -11.600 1.00 25.42 ? 24  PHE B CZ   1 
ATOM   856  H H    . PHE B 2 24 ? -10.899 -0.120  -7.645  1.00 32.66 ? 24  PHE B H    1 
ATOM   857  H HA   . PHE B 2 24 ? -12.169 -1.289  -9.592  1.00 35.88 ? 24  PHE B HA   1 
ATOM   858  H HB2  . PHE B 2 24 ? -10.372 -2.246  -7.676  1.00 34.55 ? 24  PHE B HB2  1 
ATOM   859  H HB3  . PHE B 2 24 ? -11.136 -3.302  -8.582  1.00 34.55 ? 24  PHE B HB3  1 
ATOM   860  H HD1  . PHE B 2 24 ? -10.764 -3.197  -11.061 1.00 41.44 ? 24  PHE B HD1  1 
ATOM   861  H HD2  . PHE B 2 24 ? -8.433  -1.189  -8.506  1.00 39.00 ? 24  PHE B HD2  1 
ATOM   862  H HE1  . PHE B 2 24 ? -9.177  -2.939  -12.715 1.00 53.83 ? 24  PHE B HE1  1 
ATOM   863  H HE2  . PHE B 2 24 ? -6.842  -0.931  -10.159 1.00 44.01 ? 24  PHE B HE2  1 
ATOM   864  H HZ   . PHE B 2 24 ? -7.212  -1.805  -12.267 1.00 30.50 ? 24  PHE B HZ   1 
ATOM   865  N N    . LYS B 2 25 ? -13.386 -1.922  -6.702  1.00 30.77 ? 25  LYS B N    1 
ATOM   866  C CA   . LYS B 2 25 ? -14.611 -2.380  -6.054  1.00 37.61 ? 25  LYS B CA   1 
ATOM   867  C C    . LYS B 2 25 ? -15.827 -1.654  -6.614  1.00 34.24 ? 25  LYS B C    1 
ATOM   868  O O    . LYS B 2 25 ? -16.860 -2.275  -6.888  1.00 41.01 ? 25  LYS B O    1 
ATOM   869  C CB   . LYS B 2 25 ? -14.523 -2.173  -4.539  1.00 44.08 ? 25  LYS B CB   1 
ATOM   870  C CG   . LYS B 2 25 ? -13.550 -3.098  -3.820  1.00 29.52 ? 25  LYS B CG   1 
ATOM   871  C CD   . LYS B 2 25 ? -13.610 -2.876  -2.312  1.00 36.86 ? 25  LYS B CD   1 
ATOM   872  C CE   . LYS B 2 25 ? -12.246 -2.555  -1.726  1.00 34.38 ? 25  LYS B CE   1 
ATOM   873  N NZ   . LYS B 2 25 ? -12.358 -1.830  -0.427  1.00 61.03 ? 25  LYS B NZ   1 
ATOM   874  H H    . LYS B 2 25 ? -12.803 -1.583  -6.169  1.00 36.92 ? 25  LYS B H    1 
ATOM   875  H HA   . LYS B 2 25 ? -14.723 -3.329  -6.223  1.00 45.13 ? 25  LYS B HA   1 
ATOM   876  H HB2  . LYS B 2 25 ? -14.241 -1.261  -4.368  1.00 52.89 ? 25  LYS B HB2  1 
ATOM   877  H HB3  . LYS B 2 25 ? -15.402 -2.319  -4.157  1.00 52.89 ? 25  LYS B HB3  1 
ATOM   878  H HG2  . LYS B 2 25 ? -13.787 -4.021  -4.004  1.00 35.42 ? 25  LYS B HG2  1 
ATOM   879  H HG3  . LYS B 2 25 ? -12.647 -2.914  -4.121  1.00 35.42 ? 25  LYS B HG3  1 
ATOM   880  H HD2  . LYS B 2 25 ? -14.202 -2.131  -2.124  1.00 44.24 ? 25  LYS B HD2  1 
ATOM   881  H HD3  . LYS B 2 25 ? -13.940 -3.681  -1.885  1.00 44.24 ? 25  LYS B HD3  1 
ATOM   882  H HE2  . LYS B 2 25 ? -11.763 -3.382  -1.572  1.00 41.26 ? 25  LYS B HE2  1 
ATOM   883  H HE3  . LYS B 2 25 ? -11.757 -1.992  -2.347  1.00 41.26 ? 25  LYS B HE3  1 
ATOM   884  H HZ1  . LYS B 2 25 ? -11.546 -1.655  -0.106  1.00 73.23 ? 25  LYS B HZ1  1 
ATOM   885  H HZ2  . LYS B 2 25 ? -12.795 -1.064  -0.544  1.00 73.23 ? 25  LYS B HZ2  1 
ATOM   886  H HZ3  . LYS B 2 25 ? -12.801 -2.329  0.162   1.00 73.23 ? 25  LYS B HZ3  1 
ATOM   887  N N    . ALA B 2 26 ? -15.726 -0.334  -6.788  1.00 32.81 ? 26  ALA B N    1 
ATOM   888  C CA   . ALA B 2 26 ? -16.847 0.424   -7.337  1.00 34.81 ? 26  ALA B CA   1 
ATOM   889  C C    . ALA B 2 26 ? -17.178 -0.035  -8.751  1.00 51.24 ? 26  ALA B C    1 
ATOM   890  O O    . ALA B 2 26 ? -18.349 -0.050  -9.150  1.00 37.57 ? 26  ALA B O    1 
ATOM   891  C CB   . ALA B 2 26 ? -16.531 1.920   -7.318  1.00 34.67 ? 26  ALA B CB   1 
ATOM   892  H H    . ALA B 2 26 ? -15.032 0.137   -6.599  1.00 39.38 ? 26  ALA B H    1 
ATOM   893  H HA   . ALA B 2 26 ? -17.629 0.276   -6.783  1.00 41.77 ? 26  ALA B HA   1 
ATOM   894  H HB1  . ALA B 2 26 ? -17.285 2.405   -7.686  1.00 41.60 ? 26  ALA B HB1  1 
ATOM   895  H HB2  . ALA B 2 26 ? -16.372 2.197   -6.402  1.00 41.60 ? 26  ALA B HB2  1 
ATOM   896  H HB3  . ALA B 2 26 ? -15.740 2.081   -7.855  1.00 41.60 ? 26  ALA B HB3  1 
ATOM   897  N N    . ILE B 2 27 ? -16.158 -0.408  -9.528  1.00 33.96 ? 27  ILE B N    1 
ATOM   898  C CA   . ILE B 2 27 ? -16.404 -0.958  -10.857 1.00 34.71 ? 27  ILE B CA   1 
ATOM   899  C C    . ILE B 2 27 ? -17.057 -2.330  -10.754 1.00 44.08 ? 27  ILE B C    1 
ATOM   900  O O    . ILE B 2 27 ? -17.820 -2.728  -11.642 1.00 49.92 ? 27  ILE B O    1 
ATOM   901  C CB   . ILE B 2 27 ? -15.092 -1.021  -11.664 1.00 37.21 ? 27  ILE B CB   1 
ATOM   902  C CG1  . ILE B 2 27 ? -14.546 0.390   -11.896 1.00 32.53 ? 27  ILE B CG1  1 
ATOM   903  C CG2  . ILE B 2 27 ? -15.317 -1.743  -12.995 1.00 38.88 ? 27  ILE B CG2  1 
ATOM   904  C CD1  . ILE B 2 27 ? -13.188 0.430   -12.568 1.00 35.75 ? 27  ILE B CD1  1 
ATOM   905  H H    . ILE B 2 27 ? -15.328 -0.354  -9.311  1.00 40.75 ? 27  ILE B H    1 
ATOM   906  H HA   . ILE B 2 27 ? -17.015 -0.372  -11.330 1.00 41.65 ? 27  ILE B HA   1 
ATOM   907  H HB   . ILE B 2 27 ? -14.440 -1.521  -11.150 1.00 44.65 ? 27  ILE B HB   1 
ATOM   908  H HG12 . ILE B 2 27 ? -15.169 0.875   -12.460 1.00 39.03 ? 27  ILE B HG12 1 
ATOM   909  H HG13 . ILE B 2 27 ? -14.465 0.837   -11.039 1.00 39.03 ? 27  ILE B HG13 1 
ATOM   910  H HG21 . ILE B 2 27 ? -14.479 -1.770  -13.483 1.00 46.65 ? 27  ILE B HG21 1 
ATOM   911  H HG22 . ILE B 2 27 ? -15.625 -2.645  -12.815 1.00 46.65 ? 27  ILE B HG22 1 
ATOM   912  H HG23 . ILE B 2 27 ? -15.984 -1.260  -13.506 1.00 46.65 ? 27  ILE B HG23 1 
ATOM   913  H HD11 . ILE B 2 27 ? -12.917 1.355   -12.677 1.00 42.90 ? 27  ILE B HD11 1 
ATOM   914  H HD12 . ILE B 2 27 ? -12.546 -0.040  -12.011 1.00 42.90 ? 27  ILE B HD12 1 
ATOM   915  H HD13 . ILE B 2 27 ? -13.252 -0.001  -13.434 1.00 42.90 ? 27  ILE B HD13 1 
ATOM   916  N N    . ALA B 2 28 ? -16.764 -3.078  -9.688  1.00 36.70 ? 28  ALA B N    1 
ATOM   917  C CA   . ALA B 2 28 ? -17.401 -4.375  -9.491  1.00 50.62 ? 28  ALA B CA   1 
ATOM   918  C C    . ALA B 2 28 ? -18.894 -4.241  -9.226  1.00 45.05 ? 28  ALA B C    1 
ATOM   919  O O    . ALA B 2 28 ? -19.639 -5.205  -9.436  1.00 54.70 ? 28  ALA B O    1 
ATOM   920  C CB   . ALA B 2 28 ? -16.735 -5.120  -8.335  1.00 40.78 ? 28  ALA B CB   1 
ATOM   921  H H    . ALA B 2 28 ? -16.204 -2.859  -9.072  1.00 44.04 ? 28  ALA B H    1 
ATOM   922  H HA   . ALA B 2 28 ? -17.288 -4.905  -10.294 1.00 60.74 ? 28  ALA B HA   1 
ATOM   923  H HB1  . ALA B 2 28 ? -17.172 -5.979  -8.220  1.00 48.93 ? 28  ALA B HB1  1 
ATOM   924  H HB2  . ALA B 2 28 ? -15.797 -5.252  -8.544  1.00 48.93 ? 28  ALA B HB2  1 
ATOM   925  H HB3  . ALA B 2 28 ? -16.823 -4.592  -7.526  1.00 48.93 ? 28  ALA B HB3  1 
ATOM   926  N N    . GLN B 2 29 ? -19.347 -3.072  -8.781  1.00 41.45 ? 29  GLN B N    1 
ATOM   927  C CA   . GLN B 2 29 ? -20.769 -2.819  -8.570  1.00 44.77 ? 29  GLN B CA   1 
ATOM   928  C C    . GLN B 2 29 ? -21.425 -2.188  -9.801  1.00 57.98 ? 29  GLN B C    1 
ATOM   929  O O    . GLN B 2 29 ? -22.480 -1.563  -9.700  1.00 63.47 ? 29  GLN B O    1 
ATOM   930  C CB   . GLN B 2 29 ? -20.966 -1.909  -7.357  1.00 49.62 ? 29  GLN B CB   1 
ATOM   931  C CG   . GLN B 2 29 ? -20.452 -2.498  -6.053  1.00 47.33 ? 29  GLN B CG   1 
ATOM   932  C CD   . GLN B 2 29 ? -20.173 -1.438  -5.009  1.00 48.77 ? 29  GLN B CD   1 
ATOM   933  O OE1  . GLN B 2 29 ? -20.834 -0.400  -4.968  1.00 57.10 ? 29  GLN B OE1  1 
ATOM   934  N NE2  . GLN B 2 29 ? -19.181 -1.690  -4.162  1.00 51.88 ? 29  GLN B NE2  1 
ATOM   935  H H    . GLN B 2 29 ? -18.843 -2.401  -8.592  1.00 49.74 ? 29  GLN B H    1 
ATOM   936  H HA   . GLN B 2 29 ? -21.217 -3.661  -8.391  1.00 53.73 ? 29  GLN B HA   1 
ATOM   937  H HB2  . GLN B 2 29 ? -20.494 -1.076  -7.512  1.00 59.54 ? 29  GLN B HB2  1 
ATOM   938  H HB3  . GLN B 2 29 ? -21.913 -1.734  -7.249  1.00 59.54 ? 29  GLN B HB3  1 
ATOM   939  H HG2  . GLN B 2 29 ? -21.119 -3.105  -5.696  1.00 56.79 ? 29  GLN B HG2  1 
ATOM   940  H HG3  . GLN B 2 29 ? -19.625 -2.976  -6.226  1.00 56.79 ? 29  GLN B HG3  1 
ATOM   941  H HE21 . GLN B 2 29 ? -18.737 -2.424  -4.226  1.00 62.25 ? 29  GLN B HE21 1 
ATOM   942  H HE22 . GLN B 2 29 ? -18.983 -1.119  -3.550  1.00 62.25 ? 29  GLN B HE22 1 
ATOM   943  N N    . LYS B 2 30 ? -20.797 -2.356  -10.961 1.00 68.78 ? 30  LYS B N    1 
ATOM   944  C CA   . LYS B 2 30 ? -21.269 -1.843  -12.066 1.00 62.17 ? 30  LYS B CA   1 
ATOM   945  C C    . LYS B 2 30 ? -21.275 -0.290  -12.149 1.00 61.75 ? 30  LYS B C    1 
ATOM   946  O O    . LYS B 2 30 ? -22.147 0.348   -11.621 1.00 62.66 ? 30  LYS B O    1 
ATOM   947  C CB   . LYS B 2 30 ? -22.305 -2.713  -12.783 1.00 65.59 ? 30  LYS B CB   1 
ATOM   948  C CG   . LYS B 2 30 ? -21.874 -4.156  -12.672 1.00 62.11 ? 30  LYS B CG   1 
ATOM   949  C CD   . LYS B 2 30 ? -22.499 -4.972  -13.789 1.00 70.68 ? 30  LYS B CD   1 
ATOM   950  C CE   . LYS B 2 30 ? -21.504 -5.136  -14.971 1.00 71.48 ? 30  LYS B CE   1 
ATOM   951  N NZ   . LYS B 2 30 ? -22.184 -4.780  -16.238 1.00 70.82 1 30  LYS B NZ   1 
ATOM   952  H H    . LYS B 2 30 ? -20.037 -2.823  -11.020 1.00 82.54 ? 30  LYS B H    1 
ATOM   953  H HA   . LYS B 2 30 ? -20.542 -1.981  -12.735 1.00 74.61 ? 30  LYS B HA   1 
ATOM   954  H HB2  . LYS B 2 30 ? -23.157 -2.600  -12.371 1.00 78.71 ? 30  LYS B HB2  1 
ATOM   955  H HB3  . LYS B 2 30 ? -22.357 -2.461  -13.709 1.00 78.71 ? 30  LYS B HB3  1 
ATOM   956  H HG2  . LYS B 2 30 ? -20.908 -4.208  -12.738 1.00 74.53 ? 30  LYS B HG2  1 
ATOM   957  H HG3  . LYS B 2 30 ? -22.161 -4.511  -11.811 1.00 74.53 ? 30  LYS B HG3  1 
ATOM   958  H HD2  . LYS B 2 30 ? -22.744 -5.862  -13.443 1.00 84.82 ? 30  LYS B HD2  1 
ATOM   959  H HD3  . LYS B 2 30 ? -23.314 -4.512  -14.112 1.00 84.82 ? 30  LYS B HD3  1 
ATOM   960  H HE2  . LYS B 2 30 ? -20.731 -4.541  -14.834 1.00 85.78 ? 30  LYS B HE2  1 
ATOM   961  H HE3  . LYS B 2 30 ? -21.201 -6.060  -15.014 1.00 85.78 ? 30  LYS B HE3  1 
ATOM   962  H HZ1  . LYS B 2 30 ? -21.605 -4.913  -16.945 1.00 84.98 ? 30  LYS B HZ1  1 
ATOM   963  H HZ2  . LYS B 2 30 ? -22.943 -5.321  -16.349 1.00 84.98 ? 30  LYS B HZ2  1 
ATOM   964  H HZ3  . LYS B 2 30 ? -22.438 -3.897  -16.212 1.00 84.98 ? 30  LYS B HZ3  1 
HETATM 965  N N    . NH2 B 2 31 ? -20.221 0.391   -12.871 1.00 49.17 ? 31  NH2 B N    1 
HETATM 966  H HN1  . NH2 B 2 31 ? -19.556 -0.094  -13.273 1.00 59.01 ? 31  NH2 B HN1  1 
HETATM 967  H HN2  . NH2 B 2 31 ? -20.217 1.309   -12.926 1.00 59.01 ? 31  NH2 B HN2  1 
HETATM 968  O O    . HOH C 3 .  ? -2.363  -9.817  6.570   1.00 33.59 ? 101 HOH A O    1 
HETATM 969  O O    . HOH C 3 .  ? 6.144   3.928   12.353  0.50 41.04 ? 102 HOH A O    1 
HETATM 970  O O    . HOH C 3 .  ? -12.504 -7.320  -3.226  1.00 30.29 ? 103 HOH A O    1 
HETATM 971  O O    . HOH C 3 .  ? 16.314  -0.579  14.704  1.00 42.55 ? 104 HOH A O    1 
HETATM 972  O O    . HOH C 3 .  ? -1.812  -13.107 -4.838  1.00 44.58 ? 105 HOH A O    1 
HETATM 973  O O    . HOH C 3 .  ? -4.180  -3.082  2.981   1.00 25.09 ? 106 HOH A O    1 
HETATM 974  O O    . HOH C 3 .  ? -0.322  3.552   4.596   1.00 30.17 ? 107 HOH A O    1 
HETATM 975  O O    . HOH C 3 .  ? 8.737   -8.311  10.707  0.50 30.94 ? 108 HOH A O    1 
HETATM 976  O O    . HOH C 3 .  ? -0.012  -2.493  8.005   1.00 31.75 ? 109 HOH A O    1 
HETATM 977  O O    . HOH C 3 .  ? 13.002  5.566   12.462  1.00 35.46 ? 110 HOH A O    1 
HETATM 978  O O    . HOH C 3 .  ? -3.039  -1.789  5.125   1.00 27.87 ? 111 HOH A O    1 
HETATM 979  O O    . HOH C 3 .  ? 7.708   -4.781  8.831   1.00 39.26 ? 112 HOH A O    1 
HETATM 980  O O    . HOH C 3 .  ? -5.937  -8.429  0.912   1.00 19.05 ? 113 HOH A O    1 
HETATM 981  O O    . HOH C 3 .  ? -0.217  -8.641  2.309   1.00 39.57 ? 114 HOH A O    1 
HETATM 982  O O    . HOH C 3 .  ? 2.070   -4.233  7.224   1.00 37.78 ? 115 HOH A O    1 
HETATM 983  O O    . HOH C 3 .  ? -11.680 -11.765 -3.976  1.00 43.64 ? 116 HOH A O    1 
HETATM 984  O O    . HOH C 3 .  ? -7.814  -7.048  2.158   1.00 42.41 ? 117 HOH A O    1 
HETATM 985  O O    . HOH C 3 .  ? -15.041 -9.042  -12.466 1.00 54.02 ? 118 HOH A O    1 
HETATM 986  O O    . HOH C 3 .  ? 10.702  6.641   13.039  1.00 35.80 ? 119 HOH A O    1 
HETATM 987  O O    . HOH C 3 .  ? 9.997   -3.152  11.571  1.00 51.70 ? 120 HOH A O    1 
HETATM 988  O O    . HOH C 3 .  ? 1.766   -9.019  4.396   1.00 22.54 ? 121 HOH A O    1 
HETATM 989  O O    . HOH C 3 .  ? 11.838  -4.133  12.575  1.00 43.88 ? 122 HOH A O    1 
HETATM 990  O O    . HOH C 3 .  ? 14.621  8.026   12.587  1.00 31.34 ? 123 HOH A O    1 
HETATM 991  O O    . HOH C 3 .  ? -8.692  0.395   2.876   1.00 46.45 ? 124 HOH A O    1 
HETATM 992  O O    . HOH C 3 .  ? 23.217  2.452   7.388   1.00 40.18 ? 125 HOH A O    1 
HETATM 993  O O    . HOH C 3 .  ? 21.879  4.169   5.056   1.00 43.59 ? 126 HOH A O    1 
HETATM 994  O O    . HOH D 3 .  ? 4.538   10.664  -0.885  1.00 35.76 ? 101 HOH B O    1 
HETATM 995  O O    . HOH D 3 .  ? -14.903 5.658   -7.814  1.00 34.39 ? 102 HOH B O    1 
HETATM 996  O O    . HOH D 3 .  ? -13.720 7.077   -5.906  1.00 42.78 ? 103 HOH B O    1 
HETATM 997  O O    . HOH D 3 .  ? 6.211   11.492  1.965   1.00 35.69 ? 104 HOH B O    1 
HETATM 998  O O    . HOH D 3 .  ? 6.588   12.101  -3.103  1.00 47.95 ? 105 HOH B O    1 
HETATM 999  O O    . HOH D 3 .  ? -20.315 1.485   -8.621  1.00 34.54 ? 106 HOH B O    1 
HETATM 1000 O O    . HOH D 3 .  ? 9.231   11.251  2.157   1.00 44.34 ? 107 HOH B O    1 
HETATM 1001 O O    . HOH D 3 .  ? 12.995  12.278  7.177   1.00 31.42 ? 108 HOH B O    1 
HETATM 1002 O O    . HOH D 3 .  ? -1.060  8.564   -0.908  1.00 34.86 ? 109 HOH B O    1 
HETATM 1003 O O    . HOH D 3 .  ? -10.401 5.565   -4.196  1.00 35.47 ? 110 HOH B O    1 
HETATM 1004 O O    . HOH D 3 .  ? 3.496   9.170   4.486   1.00 24.67 ? 111 HOH B O    1 
HETATM 1005 O O    . HOH D 3 .  ? -9.287  -0.159  0.112   1.00 27.85 ? 112 HOH B O    1 
HETATM 1006 O O    . HOH D 3 .  ? 16.524  8.437   7.983   1.00 32.97 ? 113 HOH B O    1 
HETATM 1007 O O    . HOH D 3 .  ? 0.613   8.063   4.078   1.00 28.50 ? 114 HOH B O    1 
HETATM 1008 O O    . HOH D 3 .  ? -20.354 2.861   -5.104  1.00 39.78 ? 115 HOH B O    1 
HETATM 1009 O O    . HOH D 3 .  ? -6.760  5.523   0.921   1.00 36.02 ? 116 HOH B O    1 
HETATM 1010 O O    . HOH D 3 .  ? 15.595  9.338   10.338  1.00 44.11 ? 117 HOH B O    1 
HETATM 1011 O O    . HOH D 3 .  ? 8.906   12.436  4.760   1.00 32.89 ? 118 HOH B O    1 
HETATM 1012 O O    . HOH D 3 .  ? 21.733  6.660   5.458   1.00 50.17 ? 119 HOH B O    1 
# 
loop_
_atom_site_anisotrop.id 
_atom_site_anisotrop.type_symbol 
_atom_site_anisotrop.pdbx_label_atom_id 
_atom_site_anisotrop.pdbx_label_alt_id 
_atom_site_anisotrop.pdbx_label_comp_id 
_atom_site_anisotrop.pdbx_label_asym_id 
_atom_site_anisotrop.pdbx_label_seq_id 
_atom_site_anisotrop.pdbx_PDB_ins_code 
_atom_site_anisotrop.U[1][1] 
_atom_site_anisotrop.U[2][2] 
_atom_site_anisotrop.U[3][3] 
_atom_site_anisotrop.U[1][2] 
_atom_site_anisotrop.U[1][3] 
_atom_site_anisotrop.U[2][3] 
_atom_site_anisotrop.pdbx_auth_seq_id 
_atom_site_anisotrop.pdbx_auth_comp_id 
_atom_site_anisotrop.pdbx_auth_asym_id 
_atom_site_anisotrop.pdbx_auth_atom_id 
1   C C   . ACE A 1  ? 0.4336 0.3577 0.4987 -0.1134 -0.0895 0.0088  1  ACE A C   
2   O O   . ACE A 1  ? 0.4336 0.3567 0.4938 -0.1101 -0.0714 0.0139  1  ACE A O   
3   C CH3 . ACE A 1  ? 0.4387 0.3966 0.5432 -0.1312 -0.1001 0.0104  1  ACE A CH3 
4   N N   . GLU A 2  ? 0.4469 0.3441 0.4829 -0.1019 -0.1011 0.0021  2  GLU A N   
5   C CA  . GLU A 2  ? 0.4443 0.3121 0.4435 -0.0853 -0.0914 0.0004  2  GLU A CA  
6   C C   . GLU A 2  ? 0.4131 0.3046 0.4231 -0.0697 -0.0771 0.0035  2  GLU A C   
7   O O   . GLU A 2  ? 0.4018 0.2822 0.3961 -0.0613 -0.0620 0.0056  2  GLU A O   
8   C CB  . GLU A 2  ? 0.5210 0.3596 0.4865 -0.0778 -0.1066 -0.0075 2  GLU A CB  
9   C CG  . GLU A 2  ? 0.6063 0.4084 0.5483 -0.0888 -0.1180 -0.0137 2  GLU A CG  
10  C CD  . GLU A 2  ? 0.5430 0.3556 0.5076 -0.1077 -0.1371 -0.0158 2  GLU A CD  
11  O OE1 . GLU A 2  ? 0.6256 0.4715 0.6167 -0.1083 -0.1460 -0.0146 2  GLU A OE1 
12  O OE2 . GLU A 2  ? 0.5998 0.3868 0.5566 -0.1219 -0.1443 -0.0186 2  GLU A OE2 
19  N N   . LEU A 3  ? 0.4018 0.3254 0.4398 -0.0657 -0.0833 0.0031  3  LEU A N   
20  C CA  . LEU A 3  ? 0.5000 0.4433 0.5495 -0.0502 -0.0722 0.0044  3  LEU A CA  
21  C C   . LEU A 3  ? 0.3567 0.3199 0.4232 -0.0529 -0.0520 0.0080  3  LEU A C   
22  O O   . LEU A 3  ? 0.3421 0.3023 0.3994 -0.0414 -0.0388 0.0084  3  LEU A O   
23  C CB  . LEU A 3  ? 0.3738 0.3471 0.4533 -0.0447 -0.0850 0.0028  3  LEU A CB  
24  C CG  . LEU A 3  ? 0.3966 0.3520 0.4571 -0.0409 -0.1066 0.0005  3  LEU A CG  
25  C CD1 . LEU A 3  ? 0.5115 0.5003 0.6086 -0.0421 -0.1234 -0.0005 3  LEU A CD1 
26  C CD2 . LEU A 3  ? 0.3967 0.3303 0.4281 -0.0239 -0.1042 0.0021  3  LEU A CD2 
38  N N   . GLU A 4  ? 0.5020 0.4861 0.5924 -0.0693 -0.0497 0.0107  4  GLU A N   
39  C CA  . GLU A 4  ? 0.3437 0.3472 0.4461 -0.0738 -0.0303 0.0151  4  GLU A CA  
40  C C   . GLU A 4  ? 0.3519 0.3206 0.4202 -0.0746 -0.0208 0.0190  4  GLU A C   
41  O O   . GLU A 4  ? 0.3351 0.3103 0.4000 -0.0689 -0.0050 0.0212  4  GLU A O   
42  C CB  . GLU A 4  ? 0.4506 0.4852 0.5850 -0.0937 -0.0303 0.0192  4  GLU A CB  
43  C CG  . GLU A 4  ? 0.4463 0.5232 0.6210 -0.0928 -0.0390 0.0152  4  GLU A CG  
44  C CD  . GLU A 4  ? 0.5302 0.5981 0.7086 -0.1032 -0.0620 0.0136  4  GLU A CD  
45  O OE1 . GLU A 4  ? 0.6595 0.6901 0.8068 -0.0961 -0.0748 0.0102  4  GLU A OE1 
46  O OE2 . GLU A 4  ? 0.3980 0.4974 0.6099 -0.1192 -0.0672 0.0156  4  GLU A OE2 
53  N N   . ALA A 5  ? 0.3714 0.3034 0.4148 -0.0806 -0.0310 0.0190  5  ALA A N   
54  C CA  . ALA A 5  ? 0.4108 0.3086 0.4226 -0.0775 -0.0237 0.0214  5  ALA A CA  
55  C C   . ALA A 5  ? 0.3660 0.2526 0.3574 -0.0580 -0.0175 0.0180  5  ALA A C   
56  O O   . ALA A 5  ? 0.5057 0.3826 0.4830 -0.0528 -0.0057 0.0209  5  ALA A O   
57  C CB  . ALA A 5  ? 0.4096 0.2694 0.3999 -0.0859 -0.0372 0.0194  5  ALA A CB  
63  N N   . ILE A 6  ? 0.5164 0.4048 0.5062 -0.0479 -0.0262 0.0129  6  ILE A N   
64  C CA  . ILE A 6  ? 0.4041 0.2833 0.3763 -0.0316 -0.0207 0.0115  6  ILE A CA  
65  C C   . ILE A 6  ? 0.3303 0.2349 0.3207 -0.0254 -0.0070 0.0130  6  ILE A C   
66  O O   . ILE A 6  ? 0.3219 0.2181 0.2982 -0.0171 0.0030  0.0139  6  ILE A O   
67  C CB  . ILE A 6  ? 0.4619 0.3356 0.4267 -0.0243 -0.0346 0.0079  6  ILE A CB  
68  C CG1 . ILE A 6  ? 0.3920 0.2358 0.3294 -0.0284 -0.0464 0.0043  6  ILE A CG1 
69  C CG2 . ILE A 6  ? 0.3544 0.2234 0.3066 -0.0097 -0.0285 0.0088  6  ILE A CG2 
70  C CD1 . ILE A 6  ? 0.4834 0.3246 0.4137 -0.0252 -0.0635 0.0012  6  ILE A CD1 
82  N N   . ALA A 7  ? 0.3208 0.2582 0.3430 -0.0290 -0.0066 0.0123  7  ALA A N   
83  C CA  . ALA A 7  ? 0.3020 0.2645 0.3411 -0.0226 0.0067  0.0113  7  ALA A CA  
84  C C   . ALA A 7  ? 0.2985 0.2608 0.3294 -0.0291 0.0212  0.0155  7  ALA A C   
85  O O   . ALA A 7  ? 0.2880 0.2518 0.3123 -0.0211 0.0318  0.0146  7  ALA A O   
86  C CB  . ALA A 7  ? 0.3471 0.3481 0.4239 -0.0247 0.0047  0.0082  7  ALA A CB  
92  N N   . GLN A 8  ? 0.3101 0.2695 0.3410 -0.0442 0.0205  0.0208  8  GLN A N   
93  C CA  . GLN A 8  ? 0.3123 0.2686 0.3333 -0.0515 0.0322  0.0274  8  GLN A CA  
94  C C   . GLN A 8  ? 0.3129 0.2395 0.3042 -0.0418 0.0354  0.0283  8  GLN A C   
95  O O   . GLN A 8  ? 0.3372 0.2692 0.3226 -0.0387 0.0465  0.0305  8  GLN A O   
96  C CB  . GLN A 8  ? 0.3318 0.2803 0.3545 -0.0699 0.0268  0.0344  8  GLN A CB  
97  C CG  . GLN A 8  ? 0.4597 0.4000 0.4699 -0.0790 0.0361  0.0442  8  GLN A CG  
98  C CD  . GLN A 8  ? 0.5413 0.4663 0.5517 -0.0981 0.0283  0.0519  8  GLN A CD  
99  O OE1 . GLN A 8  ? 0.5844 0.4930 0.5954 -0.1023 0.0143  0.0484  8  GLN A OE1 
100 N NE2 . GLN A 8  ? 0.6111 0.5405 0.6201 -0.1107 0.0365  0.0632  8  GLN A NE2 
109 N N   . LYS A 9  ? 0.3235 0.2207 0.2959 -0.0369 0.0258  0.0260  9  LYS A N   
110 C CA  . LYS A 9  ? 0.4231 0.2958 0.3702 -0.0277 0.0293  0.0265  9  LYS A CA  
111 C C   . LYS A 9  ? 0.3081 0.1898 0.2545 -0.0148 0.0355  0.0231  9  LYS A C   
112 O O   . LYS A 9  ? 0.3034 0.1797 0.2383 -0.0095 0.0431  0.0249  9  LYS A O   
113 C CB  . LYS A 9  ? 0.4321 0.2740 0.3592 -0.0256 0.0185  0.0235  9  LYS A CB  
114 C CG  . LYS A 9  ? 0.3681 0.1926 0.2922 -0.0384 0.0113  0.0260  9  LYS A CG  
115 C CD  . LYS A 9  ? 0.3908 0.1876 0.2970 -0.0364 -0.0015 0.0194  9  LYS A CD  
116 C CE  . LYS A 9  ? 0.4474 0.2233 0.3515 -0.0501 -0.0107 0.0207  9  LYS A CE  
117 N NZ  . LYS A 9  ? 0.4443 0.2002 0.3373 -0.0506 -0.0050 0.0266  9  LYS A NZ  
131 N N   . PHE A 10 ? 0.3498 0.2444 0.3093 -0.0098 0.0311  0.0187  10 PHE A N   
132 C CA  . PHE A 10 ? 0.3969 0.2982 0.3582 0.0010  0.0360  0.0159  10 PHE A CA  
133 C C   . PHE A 10 ? 0.2763 0.1985 0.2487 0.0004  0.0476  0.0152  10 PHE A C   
134 O O   . PHE A 10 ? 0.2695 0.1902 0.2355 0.0071  0.0534  0.0139  10 PHE A O   
135 C CB  . PHE A 10 ? 0.2873 0.1967 0.2624 0.0064  0.0270  0.0121  10 PHE A CB  
136 C CG  . PHE A 10 ? 0.2998 0.1870 0.2565 0.0107  0.0169  0.0130  10 PHE A CG  
137 C CD1 . PHE A 10 ? 0.3032 0.1714 0.2364 0.0156  0.0207  0.0151  10 PHE A CD1 
138 C CD2 . PHE A 10 ? 0.3610 0.2490 0.3236 0.0094  0.0036  0.0119  10 PHE A CD2 
139 C CE1 . PHE A 10 ? 0.3764 0.2274 0.2903 0.0189  0.0131  0.0161  10 PHE A CE1 
140 C CE2 . PHE A 10 ? 0.4504 0.3187 0.3918 0.0129  -0.0058 0.0130  10 PHE A CE2 
141 C CZ  . PHE A 10 ? 0.4147 0.2648 0.3308 0.0176  -0.0001 0.0151  10 PHE A CZ  
151 N N   . GLU A 11 ? 0.2761 0.2192 0.2645 -0.0083 0.0512  0.0162  11 GLU A N   
152 C CA  . GLU A 11 ? 0.2695 0.2336 0.2637 -0.0097 0.0633  0.0155  11 GLU A CA  
153 C C   . GLU A 11 ? 0.6029 0.5529 0.5761 -0.0135 0.0688  0.0223  11 GLU A C   
154 O O   . GLU A 11 ? 0.3135 0.2705 0.2810 -0.0099 0.0766  0.0212  11 GLU A O   
155 C CB  . GLU A 11 ? 0.3593 0.3537 0.3767 -0.0189 0.0669  0.0154  11 GLU A CB  
156 C CG  . GLU A 11 ? 0.3024 0.3175 0.3456 -0.0118 0.0623  0.0072  11 GLU A CG  
157 C CD  . GLU A 11 ? 0.4621 0.5081 0.5316 -0.0221 0.0633  0.0079  11 GLU A CD  
158 O OE1 . GLU A 11 ? 0.4089 0.4532 0.4745 -0.0372 0.0641  0.0163  11 GLU A OE1 
159 O OE2 . GLU A 11 ? 0.2617 0.3340 0.3573 -0.0151 0.0627  0.0002  11 GLU A OE2 
166 N N   . ALA A 12 ? 0.2872 0.2160 0.2483 -0.0201 0.0635  0.0291  12 ALA A N   
167 C CA  . ALA A 12 ? 0.2950 0.2067 0.2365 -0.0208 0.0663  0.0356  12 ALA A CA  
168 C C   . ALA A 12 ? 0.3652 0.2641 0.2935 -0.0085 0.0667  0.0325  12 ALA A C   
169 O O   . ALA A 12 ? 0.3378 0.2381 0.2577 -0.0058 0.0719  0.0349  12 ALA A O   
170 C CB  . ALA A 12 ? 0.3994 0.2869 0.3318 -0.0285 0.0587  0.0416  12 ALA A CB  
176 N N   . ILE A 13 ? 0.4212 0.3098 0.3482 -0.0017 0.0607  0.0278  13 ILE A N   
177 C CA  . ILE A 13 ? 0.3025 0.1831 0.2196 0.0081  0.0620  0.0257  13 ILE A CA  
178 C C   . ILE A 13 ? 0.2685 0.1668 0.1941 0.0115  0.0681  0.0222  13 ILE A C   
179 O O   . ILE A 13 ? 0.2976 0.1948 0.2159 0.0152  0.0718  0.0228  13 ILE A O   
180 C CB  . ILE A 13 ? 0.2850 0.1536 0.1981 0.0127  0.0548  0.0227  13 ILE A CB  
181 C CG1 . ILE A 13 ? 0.3819 0.2285 0.2792 0.0122  0.0496  0.0240  13 ILE A CG1 
182 C CG2 . ILE A 13 ? 0.3897 0.2572 0.2984 0.0205  0.0570  0.0214  13 ILE A CG2 
183 C CD1 . ILE A 13 ? 0.3653 0.2006 0.2543 0.0154  0.0418  0.0208  13 ILE A CD1 
195 N N   . ALA A 14 ? 0.2631 0.1786 0.2054 0.0106  0.0685  0.0173  14 ALA A N   
196 C CA  . ALA A 14 ? 0.2558 0.1865 0.2058 0.0147  0.0738  0.0112  14 ALA A CA  
197 C C   . ALA A 14 ? 0.2568 0.1962 0.1989 0.0111  0.0814  0.0134  14 ALA A C   
198 O O   . ALA A 14 ? 0.3055 0.2459 0.2424 0.0149  0.0838  0.0105  14 ALA A O   
199 C CB  . ALA A 14 ? 0.3702 0.3203 0.3412 0.0155  0.0737  0.0044  14 ALA A CB  
205 N N   . LYS A 15 ? 0.3543 0.2996 0.2944 0.0028  0.0841  0.0194  15 LYS A N   
206 C CA  . LYS A 15 ? 0.2687 0.2215 0.1982 -0.0013 0.0901  0.0238  15 LYS A CA  
207 C C   . LYS A 15 ? 0.3916 0.3273 0.3055 0.0028  0.0876  0.0284  15 LYS A C   
208 O O   . LYS A 15 ? 0.2712 0.2143 0.1781 0.0041  0.0905  0.0278  15 LYS A O   
209 C CB  . LYS A 15 ? 0.2799 0.2371 0.2087 -0.0129 0.0919  0.0328  15 LYS A CB  
210 C CG  . LYS A 15 ? 0.4892 0.4584 0.4065 -0.0187 0.0986  0.0387  15 LYS A CG  
211 C CD  . LYS A 15 ? 0.5097 0.4863 0.4283 -0.0326 0.1014  0.0489  15 LYS A CD  
212 C CE  . LYS A 15 ? 0.5563 0.5455 0.4601 -0.0392 0.1081  0.0566  15 LYS A CE  
213 N NZ  . LYS A 15 ? 0.6475 0.6533 0.5553 -0.0546 0.1139  0.0659  15 LYS A NZ  
227 N N   . LYS A 16 ? 0.2730 0.1879 0.1818 0.0056  0.0818  0.0318  16 LYS A N   
228 C CA  . LYS A 16 ? 0.3503 0.2526 0.2474 0.0109  0.0801  0.0357  16 LYS A CA  
229 C C   . LYS A 16 ? 0.3131 0.2206 0.2125 0.0173  0.0810  0.0300  16 LYS A C   
230 O O   . LYS A 16 ? 0.2666 0.1767 0.1606 0.0197  0.0815  0.0320  16 LYS A O   
231 C CB  . LYS A 16 ? 0.2845 0.1649 0.1753 0.0136  0.0749  0.0384  16 LYS A CB  
232 C CG  . LYS A 16 ? 0.3923 0.2618 0.2794 0.0062  0.0720  0.0449  16 LYS A CG  
233 C CD  . LYS A 16 ? 0.4139 0.2578 0.2913 0.0109  0.0661  0.0458  16 LYS A CD  
234 C CE  . LYS A 16 ? 0.3877 0.2177 0.2646 0.0017  0.0607  0.0493  16 LYS A CE  
235 N NZ  . LYS A 16 ? 0.4565 0.2879 0.3317 -0.0075 0.0618  0.0594  16 LYS A NZ  
249 N N   . PHE A 17 ? 0.2594 0.1676 0.1673 0.0195  0.0799  0.0238  17 PHE A N   
250 C CA  . PHE A 17 ? 0.2539 0.1647 0.1648 0.0232  0.0799  0.0193  17 PHE A CA  
251 C C   . PHE A 17 ? 0.2530 0.1789 0.1663 0.0217  0.0829  0.0141  17 PHE A C   
252 O O   . PHE A 17 ? 0.2525 0.1807 0.1640 0.0227  0.0824  0.0127  17 PHE A O   
253 C CB  . PHE A 17 ? 0.5353 0.4404 0.4540 0.0254  0.0765  0.0153  17 PHE A CB  
254 C CG  . PHE A 17 ? 0.2560 0.1465 0.1677 0.0277  0.0734  0.0196  17 PHE A CG  
255 C CD1 . PHE A 17 ? 0.3815 0.2682 0.2863 0.0300  0.0747  0.0231  17 PHE A CD1 
256 C CD2 . PHE A 17 ? 0.3463 0.2295 0.2581 0.0275  0.0690  0.0199  17 PHE A CD2 
257 C CE1 . PHE A 17 ? 0.3614 0.2376 0.2576 0.0325  0.0736  0.0262  17 PHE A CE1 
258 C CE2 . PHE A 17 ? 0.4250 0.2950 0.3263 0.0297  0.0661  0.0228  17 PHE A CE2 
259 C CZ  . PHE A 17 ? 0.3923 0.2590 0.2848 0.0325  0.0692  0.0258  17 PHE A CZ  
269 N N   . GLU A 18 ? 0.2547 0.1929 0.1720 0.0186  0.0863  0.0109  18 GLU A N   
270 C CA  . GLU A 18 ? 0.2585 0.2125 0.1735 0.0172  0.0902  0.0051  18 GLU A CA  
271 C C   . GLU A 18 ? 0.2966 0.2523 0.1975 0.0146  0.0904  0.0126  18 GLU A C   
272 O O   . GLU A 18 ? 0.2680 0.2311 0.1640 0.0149  0.0900  0.0085  18 GLU A O   
273 C CB  . GLU A 18 ? 0.4102 0.3810 0.3317 0.0143  0.0957  0.0009  18 GLU A CB  
274 C CG  . GLU A 18 ? 0.2579 0.2324 0.1964 0.0195  0.0950  -0.0097 18 GLU A CG  
275 C CD  . GLU A 18 ? 0.4457 0.4406 0.3954 0.0171  0.1007  -0.0129 18 GLU A CD  
276 O OE1 . GLU A 18 ? 0.5482 0.5520 0.4918 0.0091  0.1051  -0.0047 18 GLU A OE1 
277 O OE2 . GLU A 18 ? 0.3046 0.3072 0.2706 0.0232  0.1003  -0.0230 18 GLU A OE2 
284 N N   . ALA A 19 ? 0.2689 0.2165 0.1631 0.0122  0.0894  0.0234  19 ALA A N   
285 C CA  . ALA A 19 ? 0.2777 0.2241 0.1593 0.0115  0.0874  0.0320  19 ALA A CA  
286 C C   . ALA A 19 ? 0.2730 0.2153 0.1556 0.0173  0.0833  0.0313  19 ALA A C   
287 O O   . ALA A 19 ? 0.2779 0.2284 0.1547 0.0175  0.0812  0.0326  19 ALA A O   
288 C CB  . ALA A 19 ? 0.3963 0.3290 0.2721 0.0090  0.0856  0.0432  19 ALA A CB  
294 N N   . ILE A 20 ? 0.2668 0.1986 0.1566 0.0214  0.0819  0.0297  20 ILE A N   
295 C CA  . ILE A 20 ? 0.2613 0.1935 0.1547 0.0254  0.0797  0.0293  20 ILE A CA  
296 C C   . ILE A 20 ? 0.2591 0.2024 0.1571 0.0229  0.0790  0.0215  20 ILE A C   
297 O O   . ILE A 20 ? 0.3028 0.2538 0.2014 0.0231  0.0761  0.0222  20 ILE A O   
298 C CB  . ILE A 20 ? 0.2571 0.1774 0.1547 0.0288  0.0799  0.0293  20 ILE A CB  
299 C CG1 . ILE A 20 ? 0.2640 0.1722 0.1551 0.0327  0.0793  0.0355  20 ILE A CG1 
300 C CG2 . ILE A 20 ? 0.4157 0.3408 0.3196 0.0301  0.0794  0.0284  20 ILE A CG2 
301 C CD1 . ILE A 20 ? 0.4010 0.2975 0.2916 0.0359  0.0796  0.0344  20 ILE A CD1 
313 N N   . ALA A 21 ? 0.2579 0.2020 0.1602 0.0211  0.0806  0.0132  21 ALA A N   
314 C CA  . ALA A 21 ? 0.2605 0.2106 0.1669 0.0194  0.0789  0.0032  21 ALA A CA  
315 C C   . ALA A 21 ? 0.2809 0.2442 0.1779 0.0170  0.0776  0.0017  21 ALA A C   
316 O O   . ALA A 21 ? 0.2721 0.2394 0.1706 0.0153  0.0731  -0.0016 21 ALA A O   
317 C CB  . ALA A 21 ? 0.2618 0.2112 0.1741 0.0204  0.0809  -0.0065 21 ALA A CB  
323 N N   . PHI A 22 ? 0.2749 0.2453 0.1614 0.0156  0.0809  0.0050  22 PHI A N   
324 C CA  . PHI A 22 ? 0.2871 0.2706 0.1606 0.0128  0.0796  0.0045  22 PHI A CA  
325 C CB  . PHI A 22 ? 0.2976 0.2898 0.1580 0.0092  0.0851  0.0091  22 PHI A CB  
326 C CG  . PHI A 22 ? 0.2953 0.2921 0.1627 0.0089  0.0923  0.0002  22 PHI A CG  
327 C CD1 . PHI A 22 ? 0.3752 0.3697 0.2466 0.0069  0.0967  0.0074  22 PHI A CD1 
328 C CD2 . PHI A 22 ? 0.3896 0.3927 0.2614 0.0112  0.0936  -0.0161 22 PHI A CD2 
329 C CE1 . PHI A 22 ? 0.3248 0.3278 0.2069 0.0071  0.1028  -0.0011 22 PHI A CE1 
330 C CE2 . PHI A 22 ? 0.3180 0.3276 0.1999 0.0134  0.0999  -0.0254 22 PHI A CE2 
331 C CZ  . PHI A 22 ? 0.3895 0.4011 0.2774 0.0114  0.1047  -0.0176 22 PHI A CZ  
332 I I   . PHI A 22 ? 0.3812 0.4091 0.2896 0.0156  0.1128  -0.0312 22 PHI A I   
333 C C   . PHI A 22 ? 0.3293 0.3141 0.1994 0.0137  0.0730  0.0135  22 PHI A C   
334 O O   . PHI A 22 ? 0.2988 0.2942 0.1619 0.0118  0.0681  0.0115  22 PHI A O   
343 N N   . LYS A 23 ? 0.2823 0.2572 0.1581 0.0174  0.0723  0.0231  23 LYS A N   
344 C CA  . LYS A 23 ? 0.2838 0.2616 0.1615 0.0210  0.0665  0.0308  23 LYS A CA  
345 C C   . LYS A 23 ? 0.2783 0.2637 0.1683 0.0199  0.0628  0.0245  23 LYS A C   
346 O O   . LYS A 23 ? 0.2837 0.2812 0.1745 0.0194  0.0565  0.0260  23 LYS A O   
347 C CB  . LYS A 23 ? 0.3153 0.2804 0.1969 0.0270  0.0677  0.0395  23 LYS A CB  
348 C CG  . LYS A 23 ? 0.2905 0.2450 0.1606 0.0269  0.0686  0.0478  23 LYS A CG  
349 C CD  . LYS A 23 ? 0.4801 0.4405 0.3383 0.0265  0.0630  0.0566  23 LYS A CD  
350 C CE  . LYS A 23 ? 0.5060 0.4526 0.3525 0.0245  0.0632  0.0673  23 LYS A CE  
351 N NZ  . LYS A 23 ? 0.6197 0.5722 0.4502 0.0212  0.0582  0.0769  23 LYS A NZ  
365 N N   . PHE A 24 ? 0.3765 0.3544 0.2764 0.0186  0.0658  0.0185  24 PHE A N   
366 C CA  . PHE A 24 ? 0.2684 0.2511 0.1802 0.0149  0.0622  0.0139  24 PHE A CA  
367 C C   . PHE A 24 ? 0.2790 0.2692 0.1865 0.0094  0.0569  0.0036  24 PHE A C   
368 O O   . PHE A 24 ? 0.2832 0.2827 0.1975 0.0051  0.0504  0.0018  24 PHE A O   
369 C CB  . PHE A 24 ? 0.2622 0.2319 0.1828 0.0139  0.0656  0.0115  24 PHE A CB  
370 C CG  . PHE A 24 ? 0.3002 0.2673 0.2265 0.0177  0.0689  0.0204  24 PHE A CG  
371 C CD1 . PHE A 24 ? 0.3946 0.3736 0.3316 0.0163  0.0675  0.0247  24 PHE A CD1 
372 C CD2 . PHE A 24 ? 0.3032 0.2580 0.2244 0.0222  0.0734  0.0235  24 PHE A CD2 
373 C CE1 . PHE A 24 ? 0.4021 0.3820 0.3434 0.0206  0.0724  0.0314  24 PHE A CE1 
374 C CE2 . PHE A 24 ? 0.3325 0.2849 0.2558 0.0263  0.0766  0.0296  24 PHE A CE2 
375 C CZ  . PHE A 24 ? 0.3441 0.3096 0.2767 0.0260  0.0770  0.0332  24 PHE A CZ  
385 N N   . GLU A 25 ? 0.2856 0.2733 0.1822 0.0091  0.0598  -0.0041 25 GLU A N   
386 C CA  . GLU A 25 ? 0.3003 0.2957 0.1885 0.0052  0.0554  -0.0159 25 GLU A CA  
387 C C   . GLU A 25 ? 0.3097 0.3202 0.1875 0.0039  0.0490  -0.0103 25 GLU A C   
388 O O   . GLU A 25 ? 0.3211 0.3397 0.1974 -0.0007 0.0411  -0.0177 25 GLU A O   
389 C CB  . GLU A 25 ? 0.3072 0.3020 0.1850 0.0069  0.0619  -0.0250 25 GLU A CB  
390 C CG  . GLU A 25 ? 0.3037 0.2853 0.1932 0.0090  0.0650  -0.0346 25 GLU A CG  
391 C CD  . GLU A 25 ? 0.4997 0.4866 0.3821 0.0118  0.0711  -0.0467 25 GLU A CD  
392 O OE1 . GLU A 25 ? 0.6503 0.6422 0.5301 0.0137  0.0785  -0.0409 25 GLU A OE1 
393 O OE2 . GLU A 25 ? 0.7739 0.7607 0.6540 0.0121  0.0685  -0.0628 25 GLU A OE2 
400 N N   . ALA A 26 ? 0.3588 0.3720 0.2300 0.0077  0.0508  0.0030  26 ALA A N   
401 C CA  . ALA A 26 ? 0.3193 0.3451 0.1806 0.0079  0.0431  0.0108  26 ALA A CA  
402 C C   . ALA A 26 ? 0.3147 0.3496 0.1928 0.0081  0.0348  0.0139  26 ALA A C   
403 O O   . ALA A 26 ? 0.3266 0.3755 0.2012 0.0052  0.0250  0.0127  26 ALA A O   
404 C CB  . ALA A 26 ? 0.3218 0.3428 0.1734 0.0123  0.0459  0.0254  26 ALA A CB  
410 N N   . ILE A 27 ? 0.2993 0.3289 0.1957 0.0111  0.0384  0.0181  27 ILE A N   
411 C CA  . ILE A 27 ? 0.4028 0.4459 0.3185 0.0103  0.0327  0.0207  27 ILE A CA  
412 C C   . ILE A 27 ? 0.3219 0.3692 0.2446 0.0001  0.0271  0.0091  27 ILE A C   
413 O O   . ILE A 27 ? 0.4339 0.4981 0.3662 -0.0042 0.0177  0.0088  27 ILE A O   
414 C CB  . ILE A 27 ? 0.3029 0.3408 0.2340 0.0152  0.0401  0.0270  27 ILE A CB  
415 C CG1 . ILE A 27 ? 0.3381 0.3683 0.2618 0.0256  0.0439  0.0367  27 ILE A CG1 
416 C CG2 . ILE A 27 ? 0.3565 0.4139 0.3094 0.0136  0.0362  0.0299  27 ILE A CG2 
417 C CD1 . ILE A 27 ? 0.2695 0.2899 0.2016 0.0307  0.0523  0.0394  27 ILE A CD1 
429 N N   . ALA A 28 ? 0.3325 0.3639 0.2518 -0.0037 0.0316  -0.0009 28 ALA A N   
430 C CA  . ALA A 28 ? 0.3306 0.3595 0.2556 -0.0129 0.0253  -0.0131 28 ALA A CA  
431 C C   . ALA A 28 ? 0.3577 0.3972 0.2686 -0.0167 0.0156  -0.0221 28 ALA A C   
432 O O   . ALA A 28 ? 0.3629 0.4086 0.2816 -0.0251 0.0055  -0.0289 28 ALA A O   
433 C CB  . ALA A 28 ? 0.5366 0.5438 0.4595 -0.0131 0.0312  -0.0226 28 ALA A CB  
439 N N   . GLN A 29 ? 0.3627 0.4045 0.2517 -0.0118 0.0180  -0.0221 29 GLN A N   
440 C CA  . GLN A 29 ? 0.4064 0.4601 0.2768 -0.0149 0.0093  -0.0290 29 GLN A CA  
441 C C   . GLN A 29 ? 0.4602 0.5334 0.3393 -0.0169 -0.0029 -0.0202 29 GLN A C   
442 O O   . GLN A 29 ? 0.4891 0.5727 0.3625 -0.0233 -0.0149 -0.0283 29 GLN A O   
443 C CB  . GLN A 29 ? 0.4657 0.5205 0.3106 -0.0101 0.0158  -0.0258 29 GLN A CB  
444 C CG  . GLN A 29 ? 0.3949 0.4593 0.2139 -0.0137 0.0102  -0.0370 29 GLN A CG  
445 C CD  . GLN A 29 ? 0.4072 0.4626 0.2235 -0.0169 0.0112  -0.0596 29 GLN A CD  
446 O OE1 . GLN A 29 ? 0.5405 0.6005 0.3485 -0.0223 0.0006  -0.0727 29 GLN A OE1 
447 N NE2 . GLN A 29 ? 0.4248 0.4663 0.2483 -0.0130 0.0225  -0.0648 29 GLN A NE2 
456 N N   . LYS A 30 ? 0.6872 0.7655 0.5801 -0.0107 -0.0003 -0.0046 30 LYS A N   
457 C CA  . LYS A 30 ? 0.5980 0.6953 0.5043 -0.0099 -0.0097 0.0039  30 LYS A CA  
458 C C   . LYS A 30 ? 0.6914 0.7954 0.5866 0.0001  -0.0122 0.0186  30 LYS A C   
459 O O   . LYS A 30 ? 0.8102 0.9164 0.7201 0.0083  -0.0091 0.0298  30 LYS A O   
460 C CB  . LYS A 30 ? 0.6766 0.7893 0.5989 -0.0202 -0.0223 -0.0035 30 LYS A CB  
461 C CG  . LYS A 30 ? 0.5929 0.6958 0.5362 -0.0275 -0.0170 -0.0090 30 LYS A CG  
462 C CD  . LYS A 30 ? 0.6606 0.7669 0.6093 -0.0412 -0.0295 -0.0221 30 LYS A CD  
463 C CE  . LYS A 30 ? 0.6108 0.6918 0.5400 -0.0446 -0.0272 -0.0396 30 LYS A CE  
464 N NZ  . LYS A 30 ? 0.6838 0.7708 0.5973 -0.0514 -0.0413 -0.0536 30 LYS A NZ  
478 N N   . NH2 A 31 ? 0.5660 0.6722 0.4317 -0.0004 -0.0183 0.0193  31 NH2 A N   
481 C C   . ACE B 1  ? 0.3708 0.2965 0.3537 -0.0482 0.0184  -0.0271 1  ACE B C   
482 O O   . ACE B 1  ? 0.4166 0.3265 0.3912 -0.0387 0.0224  -0.0316 1  ACE B O   
483 C CH3 . ACE B 1  ? 0.4093 0.3399 0.3918 -0.0556 0.0073  -0.0401 1  ACE B CH3 
484 N N   . GLU B 2  ? 0.3338 0.2751 0.3266 -0.0525 0.0232  -0.0112 2  GLU B N   
485 C CA  . GLU B 2  ? 0.4001 0.3384 0.3910 -0.0461 0.0334  0.0012  2  GLU B CA  
486 C C   . GLU B 2  ? 0.3038 0.2497 0.2815 -0.0316 0.0408  0.0001  2  GLU B C   
487 O O   . GLU B 2  ? 0.2990 0.2316 0.2696 -0.0241 0.0459  0.0014  2  GLU B O   
488 C CB  . GLU B 2  ? 0.3323 0.2899 0.3356 -0.0532 0.0384  0.0166  2  GLU B CB  
489 C CG  . GLU B 2  ? 0.4701 0.4469 0.4908 -0.0672 0.0316  0.0184  2  GLU B CG  
490 C CD  . GLU B 2  ? 0.4262 0.3817 0.4553 -0.0831 0.0228  0.0172  2  GLU B CD  
491 O OE1 . GLU B 2  ? 0.8189 0.7436 0.8405 -0.0817 0.0217  0.0157  2  GLU B OE1 
492 O OE2 . GLU B 2  ? 0.6123 0.5816 0.6570 -0.0973 0.0158  0.0184  2  GLU B OE2 
499 N N   . LEU B 3  ? 0.3084 0.2751 0.2832 -0.0285 0.0401  -0.0015 3  LEU B N   
500 C CA  . LEU B 3  ? 0.2912 0.2636 0.2533 -0.0168 0.0462  -0.0001 3  LEU B CA  
501 C C   . LEU B 3  ? 0.2899 0.2473 0.2401 -0.0114 0.0472  -0.0107 3  LEU B C   
502 O O   . LEU B 3  ? 0.2818 0.2328 0.2259 -0.0041 0.0536  -0.0077 3  LEU B O   
503 C CB  . LEU B 3  ? 0.3901 0.3851 0.3503 -0.0152 0.0428  0.0009  3  LEU B CB  
504 C CG  . LEU B 3  ? 0.3597 0.3770 0.3335 -0.0159 0.0428  0.0115  3  LEU B CG  
505 C CD1 . LEU B 3  ? 0.3822 0.3985 0.3592 -0.0096 0.0526  0.0218  3  LEU B CD1 
506 C CD2 . LEU B 3  ? 0.5128 0.5396 0.5037 -0.0289 0.0357  0.0106  3  LEU B CD2 
518 N N   . LYS B 4  ? 0.4191 0.3721 0.3663 -0.0147 0.0408  -0.0241 4  LYS B N   
519 C CA  . LYS B 4  ? 0.4668 0.4093 0.4047 -0.0085 0.0428  -0.0361 4  LYS B CA  
520 C C   . LYS B 4  ? 0.3106 0.2326 0.2551 -0.0055 0.0450  -0.0354 4  LYS B C   
521 O O   . LYS B 4  ? 0.3058 0.2248 0.2462 0.0023  0.0502  -0.0378 4  LYS B O   
522 C CB  . LYS B 4  ? 0.3316 0.2725 0.2648 -0.0121 0.0353  -0.0530 4  LYS B CB  
523 C CG  . LYS B 4  ? 0.4983 0.4311 0.4235 -0.0044 0.0381  -0.0687 4  LYS B CG  
524 C CD  . LYS B 4  ? 0.5350 0.4866 0.4426 -0.0015 0.0411  -0.0761 4  LYS B CD  
525 C CE  . LYS B 4  ? 0.5211 0.4685 0.4222 0.0053  0.0439  -0.0955 4  LYS B CE  
526 N NZ  . LYS B 4  ? 0.6769 0.6071 0.5816 0.0026  0.0340  -0.1127 4  LYS B NZ  
540 N N   . ALA B 5  ? 0.4145 0.3232 0.3697 -0.0125 0.0402  -0.0307 5  ALA B N   
541 C CA  . ALA B 5  ? 0.3531 0.2407 0.3130 -0.0099 0.0403  -0.0275 5  ALA B CA  
542 C C   . ALA B 5  ? 0.3958 0.2883 0.3521 -0.0041 0.0483  -0.0153 5  ALA B C   
543 O O   . ALA B 5  ? 0.3547 0.2364 0.3100 0.0026  0.0497  -0.0163 5  ALA B O   
544 C CB  . ALA B 5  ? 0.3808 0.2535 0.3508 -0.0209 0.0335  -0.0214 5  ALA B CB  
550 N N   . ILE B 6  ? 0.2918 0.2002 0.2464 -0.0060 0.0528  -0.0047 6  ILE B N   
551 C CA  . ILE B 6  ? 0.2790 0.1908 0.2280 0.0003  0.0598  0.0043  6  ILE B CA  
552 C C   . ILE B 6  ? 0.2727 0.1878 0.2141 0.0081  0.0629  -0.0017 6  ILE B C   
553 O O   . ILE B 6  ? 0.2682 0.1771 0.2068 0.0131  0.0658  0.0011  6  ILE B O   
554 C CB  . ILE B 6  ? 0.2710 0.2003 0.2210 -0.0011 0.0637  0.0142  6  ILE B CB  
555 C CG1 . ILE B 6  ? 0.2775 0.2064 0.2361 -0.0094 0.0634  0.0225  6  ILE B CG1 
556 C CG2 . ILE B 6  ? 0.3409 0.2721 0.2824 0.0072  0.0700  0.0198  6  ILE B CG2 
557 C CD1 . ILE B 6  ? 0.2718 0.2237 0.2363 -0.0109 0.0673  0.0300  6  ILE B CD1 
569 N N   . ALA B 7  ? 0.2746 0.2008 0.2121 0.0083  0.0622  -0.0094 7  ALA B N   
570 C CA  . ALA B 7  ? 0.2719 0.2040 0.2018 0.0135  0.0663  -0.0139 7  ALA B CA  
571 C C   . ALA B 7  ? 0.2766 0.1988 0.2112 0.0176  0.0664  -0.0228 7  ALA B C   
572 O O   . ALA B 7  ? 0.3024 0.2266 0.2361 0.0217  0.0705  -0.0216 7  ALA B O   
573 C CB  . ALA B 7  ? 0.2784 0.2247 0.2005 0.0116  0.0653  -0.0203 7  ALA B CB  
579 N N   . GLN B 8  ? 0.2889 0.1999 0.2302 0.0166  0.0609  -0.0318 8  GLN B N   
580 C CA  . GLN B 8  ? 0.2965 0.1975 0.2448 0.0229  0.0594  -0.0413 8  GLN B CA  
581 C C   . GLN B 8  ? 0.2907 0.1807 0.2441 0.0258  0.0589  -0.0315 8  GLN B C   
582 O O   . GLN B 8  ? 0.3822 0.2740 0.3404 0.0322  0.0604  -0.0352 8  GLN B O   
583 C CB  . GLN B 8  ? 0.4439 0.3293 0.3983 0.0214  0.0514  -0.0523 8  GLN B CB  
584 C CG  . GLN B 8  ? 0.4878 0.3826 0.4354 0.0191  0.0503  -0.0656 8  GLN B CG  
585 C CD  . GLN B 8  ? 0.4186 0.3305 0.3599 0.0264  0.0574  -0.0773 8  GLN B CD  
586 O OE1 . GLN B 8  ? 0.6694 0.6006 0.6000 0.0245  0.0634  -0.0728 8  GLN B OE1 
587 N NE2 . GLN B 8  ? 0.7212 0.6266 0.6697 0.0348  0.0566  -0.0922 8  GLN B NE2 
596 N N   . GLU B 9  ? 0.2892 0.1703 0.2416 0.0207  0.0567  -0.0192 9  GLU B N   
597 C CA  . GLU B 9  ? 0.2877 0.1583 0.2404 0.0229  0.0556  -0.0098 9  GLU B CA  
598 C C   . GLU B 9  ? 0.2747 0.1565 0.2223 0.0265  0.0612  -0.0061 9  GLU B C   
599 O O   . GLU B 9  ? 0.2979 0.1758 0.2488 0.0310  0.0594  -0.0058 9  GLU B O   
600 C CB  . GLU B 9  ? 0.2914 0.1545 0.2411 0.0159  0.0543  0.0027  9  GLU B CB  
601 C CG  . GLU B 9  ? 0.4876 0.3334 0.4438 0.0103  0.0468  0.0023  9  GLU B CG  
602 C CD  . GLU B 9  ? 0.3237 0.1486 0.2847 0.0155  0.0393  0.0013  9  GLU B CD  
603 O OE1 . GLU B 9  ? 0.7048 0.5242 0.6608 0.0172  0.0388  0.0112  9  GLU B OE1 
604 O OE2 . GLU B 9  ? 0.8396 0.6536 0.8089 0.0189  0.0333  -0.0101 9  GLU B OE2 
611 N N   . PHE B 10 ? 0.3261 0.2212 0.2663 0.0244  0.0666  -0.0031 10 PHE B N   
612 C CA  . PHE B 10 ? 0.2581 0.1596 0.1929 0.0265  0.0707  0.0007  10 PHE B CA  
613 C C   . PHE B 10 ? 0.2577 0.1676 0.1984 0.0295  0.0722  -0.0075 10 PHE B C   
614 O O   . PHE B 10 ? 0.2548 0.1656 0.1971 0.0308  0.0726  -0.0050 10 PHE B O   
615 C CB  . PHE B 10 ? 0.2536 0.1650 0.1801 0.0245  0.0744  0.0055  10 PHE B CB  
616 C CG  . PHE B 10 ? 0.2526 0.1603 0.1748 0.0242  0.0751  0.0145  10 PHE B CG  
617 C CD1 . PHE B 10 ? 0.4509 0.3489 0.3687 0.0263  0.0750  0.0197  10 PHE B CD1 
618 C CD2 . PHE B 10 ? 0.2765 0.1926 0.1988 0.0221  0.0757  0.0171  10 PHE B CD2 
619 C CE1 . PHE B 10 ? 0.4402 0.3372 0.3523 0.0271  0.0772  0.0262  10 PHE B CE1 
620 C CE2 . PHE B 10 ? 0.4857 0.4032 0.4065 0.0230  0.0777  0.0244  10 PHE B CE2 
621 C CZ  . PHE B 10 ? 0.4863 0.3943 0.4013 0.0259  0.0793  0.0285  10 PHE B CZ  
631 N N   . LYS B 11 ? 0.2626 0.1802 0.2069 0.0302  0.0731  -0.0179 11 LYS B N   
632 C CA  . LYS B 11 ? 0.2646 0.1940 0.2163 0.0341  0.0760  -0.0274 11 LYS B CA  
633 C C   . LYS B 11 ? 0.4156 0.3364 0.3809 0.0400  0.0710  -0.0303 11 LYS B C   
634 O O   . LYS B 11 ? 0.2823 0.2135 0.2560 0.0424  0.0726  -0.0313 11 LYS B O   
635 C CB  . LYS B 11 ? 0.2738 0.2123 0.2247 0.0352  0.0780  -0.0405 11 LYS B CB  
636 C CG  . LYS B 11 ? 0.2738 0.2275 0.2106 0.0301  0.0834  -0.0385 11 LYS B CG  
637 C CD  . LYS B 11 ? 0.3411 0.2951 0.2718 0.0287  0.0806  -0.0476 11 LYS B CD  
638 C CE  . LYS B 11 ? 0.3578 0.3319 0.2763 0.0273  0.0864  -0.0541 11 LYS B CE  
639 N NZ  . LYS B 11 ? 0.6339 0.6074 0.5440 0.0252  0.0817  -0.0634 11 LYS B NZ  
653 N N   . ALA B 12 ? 0.2759 0.1782 0.2448 0.0417  0.0637  -0.0306 12 ALA B N   
654 C CA  . ALA B 12 ? 0.2827 0.1740 0.2633 0.0480  0.0566  -0.0314 12 ALA B CA  
655 C C   . ALA B 12 ? 0.2766 0.1643 0.2533 0.0463  0.0544  -0.0193 12 ALA B C   
656 O O   . ALA B 12 ? 0.2782 0.1680 0.2653 0.0513  0.0502  -0.0202 12 ALA B O   
657 C CB  . ALA B 12 ? 0.2980 0.1664 0.2806 0.0485  0.0482  -0.0318 12 ALA B CB  
663 N N   . ILE B 13 ? 0.2714 0.1552 0.2339 0.0401  0.0568  -0.0090 13 ILE B N   
664 C CA  . ILE B 13 ? 0.3659 0.2460 0.3211 0.0387  0.0553  0.0002  13 ILE B CA  
665 C C   . ILE B 13 ? 0.2618 0.1572 0.2219 0.0386  0.0585  -0.0024 13 ILE B C   
666 O O   . ILE B 13 ? 0.3186 0.2136 0.2833 0.0398  0.0536  -0.0007 13 ILE B O   
667 C CB  . ILE B 13 ? 0.3710 0.2463 0.3106 0.0339  0.0588  0.0089  13 ILE B CB  
668 C CG1 . ILE B 13 ? 0.2774 0.1380 0.2129 0.0323  0.0547  0.0151  13 ILE B CG1 
669 C CG2 . ILE B 13 ? 0.3690 0.2440 0.2989 0.0331  0.0598  0.0142  13 ILE B CG2 
670 C CD1 . ILE B 13 ? 0.5179 0.3793 0.4418 0.0280  0.0597  0.0225  13 ILE B CD1 
682 N N   . ALA B 14 ? 0.2559 0.1658 0.2152 0.0359  0.0660  -0.0059 14 ALA B N   
683 C CA  . ALA B 14 ? 0.2523 0.1777 0.2161 0.0332  0.0699  -0.0065 14 ALA B CA  
684 C C   . ALA B 14 ? 0.2538 0.1913 0.2373 0.0378  0.0675  -0.0139 14 ALA B C   
685 O O   . ALA B 14 ? 0.2525 0.1992 0.2436 0.0353  0.0664  -0.0119 14 ALA B O   
686 C CB  . ALA B 14 ? 0.2507 0.1899 0.2087 0.0294  0.0782  -0.0083 14 ALA B CB  
692 N N   . LYS B 15 ? 0.2586 0.1962 0.2521 0.0449  0.0657  -0.0230 15 LYS B N   
693 C CA  . LYS B 15 ? 0.2620 0.2127 0.2771 0.0523  0.0633  -0.0317 15 LYS B CA  
694 C C   . LYS B 15 ? 0.3686 0.3077 0.3907 0.0556  0.0518  -0.0262 15 LYS B C   
695 O O   . LYS B 15 ? 0.2654 0.2201 0.3050 0.0582  0.0490  -0.0286 15 LYS B O   
696 C CB  . LYS B 15 ? 0.3327 0.2827 0.3558 0.0608  0.0635  -0.0447 15 LYS B CB  
697 C CG  . LYS B 15 ? 0.5573 0.5292 0.5792 0.0599  0.0749  -0.0549 15 LYS B CG  
698 C CD  . LYS B 15 ? 0.5474 0.5197 0.5797 0.0708  0.0742  -0.0716 15 LYS B CD  
699 C CE  . LYS B 15 ? 0.6026 0.5981 0.6293 0.0699  0.0860  -0.0829 15 LYS B CE  
700 N NZ  . LYS B 15 ? 0.7163 0.7042 0.7192 0.0604  0.0887  -0.0771 15 LYS B NZ  
714 N N   . GLU B 16 ? 0.2715 0.1855 0.2803 0.0551  0.0448  -0.0184 16 GLU B N   
715 C CA  . GLU B 16 ? 0.2790 0.1812 0.2887 0.0573  0.0332  -0.0115 16 GLU B CA  
716 C C   . GLU B 16 ? 0.2739 0.1848 0.2805 0.0508  0.0328  -0.0064 16 GLU B C   
717 O O   . GLU B 16 ? 0.2784 0.1938 0.2960 0.0531  0.0239  -0.0058 16 GLU B O   
718 C CB  . GLU B 16 ? 0.2885 0.1645 0.2794 0.0553  0.0283  -0.0023 16 GLU B CB  
719 C CG  . GLU B 16 ? 0.3075 0.1700 0.3015 0.0591  0.0261  -0.0054 16 GLU B CG  
720 C CD  . GLU B 16 ? 0.4525 0.3090 0.4646 0.0694  0.0151  -0.0099 16 GLU B CD  
721 O OE1 . GLU B 16 ? 0.5677 0.4297 0.5884 0.0732  0.0076  -0.0078 16 GLU B OE1 
722 O OE2 . GLU B 16 ? 0.6927 0.5380 0.7114 0.0741  0.0127  -0.0159 16 GLU B OE2 
729 N N   . PHE B 17 ? 0.2672 0.1790 0.2592 0.0430  0.0409  -0.0028 17 PHE B N   
730 C CA  . PHE B 17 ? 0.2669 0.1818 0.2545 0.0361  0.0394  0.0015  17 PHE B CA  
731 C C   . PHE B 17 ? 0.2627 0.2033 0.2726 0.0337  0.0412  -0.0033 17 PHE B C   
732 O O   . PHE B 17 ? 0.2664 0.2113 0.2825 0.0295  0.0345  -0.0011 17 PHE B O   
733 C CB  . PHE B 17 ? 0.2645 0.1719 0.2327 0.0297  0.0468  0.0062  17 PHE B CB  
734 C CG  . PHE B 17 ? 0.2911 0.1769 0.2382 0.0307  0.0443  0.0119  17 PHE B CG  
735 C CD1 . PHE B 17 ? 0.2819 0.1556 0.2187 0.0300  0.0362  0.0152  17 PHE B CD1 
736 C CD2 . PHE B 17 ? 0.3730 0.2534 0.3103 0.0318  0.0503  0.0135  17 PHE B CD2 
737 C CE1 . PHE B 17 ? 0.3053 0.1626 0.2210 0.0312  0.0359  0.0197  17 PHE B CE1 
738 C CE2 . PHE B 17 ? 0.3482 0.2141 0.2681 0.0323  0.0498  0.0187  17 PHE B CE2 
739 C CZ  . PHE B 17 ? 0.3591 0.2140 0.2676 0.0324  0.0435  0.0217  17 PHE B CZ  
749 N N   . LYS B 18 ? 0.2569 0.2168 0.2789 0.0356  0.0504  -0.0102 18 LYS B N   
750 C CA  . LYS B 18 ? 0.2952 0.2855 0.3407 0.0338  0.0542  -0.0152 18 LYS B CA  
751 C C   . LYS B 18 ? 0.2581 0.2568 0.3269 0.0421  0.0436  -0.0197 18 LYS B C   
752 O O   . LYS B 18 ? 0.2583 0.2759 0.3449 0.0381  0.0401  -0.0192 18 LYS B O   
753 C CB  . LYS B 18 ? 0.2515 0.2613 0.3020 0.0360  0.0668  -0.0233 18 LYS B CB  
754 C CG  . LYS B 18 ? 0.2500 0.2578 0.2800 0.0269  0.0765  -0.0181 18 LYS B CG  
755 C CD  . LYS B 18 ? 0.2512 0.2767 0.2822 0.0304  0.0872  -0.0273 18 LYS B CD  
756 C CE  . LYS B 18 ? 0.3302 0.3500 0.3378 0.0228  0.0940  -0.0211 18 LYS B CE  
757 N NZ  . LYS B 18 ? 0.2571 0.2901 0.2607 0.0267  0.1022  -0.0313 18 LYS B NZ  
771 N N   . ALA B 19 ? 0.3236 0.3081 0.3938 0.0536  0.0374  -0.0234 19 ALA B N   
772 C CA  . ALA B 19 ? 0.2709 0.2593 0.3623 0.0634  0.0249  -0.0262 19 ALA B CA  
773 C C   . ALA B 19 ? 0.2768 0.2529 0.3604 0.0583  0.0118  -0.0167 19 ALA B C   
774 O O   . ALA B 19 ? 0.2804 0.2719 0.3850 0.0607  0.0021  -0.0177 19 ALA B O   
775 C CB  . ALA B 19 ? 0.2808 0.2490 0.3713 0.0756  0.0194  -0.0300 19 ALA B CB  
781 N N   . ILE B 20 ? 0.3577 0.3080 0.4115 0.0515  0.0109  -0.0083 20 ILE B N   
782 C CA  . ILE B 20 ? 0.2888 0.2269 0.3301 0.0462  -0.0005 -0.0011 20 ILE B CA  
783 C C   . ILE B 20 ? 0.2897 0.2483 0.3435 0.0363  -0.0002 -0.0019 20 ILE B C   
784 O O   . ILE B 20 ? 0.2929 0.2577 0.3572 0.0348  -0.0128 -0.0009 20 ILE B O   
785 C CB  . ILE B 20 ? 0.3390 0.2494 0.3459 0.0418  0.0019  0.0059  20 ILE B CB  
786 C CG1 . ILE B 20 ? 0.3036 0.1937 0.2994 0.0492  -0.0024 0.0096  20 ILE B CG1 
787 C CG2 . ILE B 20 ? 0.4051 0.3052 0.3959 0.0347  -0.0065 0.0103  20 ILE B CG2 
788 C CD1 . ILE B 20 ? 0.3266 0.1958 0.2921 0.0451  0.0026  0.0161  20 ILE B CD1 
800 N N   . ALA B 21 ? 0.2759 0.2451 0.3291 0.0284  0.0132  -0.0027 21 ALA B N   
801 C CA  . ALA B 21 ? 0.2756 0.2635 0.3411 0.0164  0.0145  -0.0018 21 ALA B CA  
802 C C   . ALA B 21 ? 0.2733 0.2950 0.3756 0.0191  0.0103  -0.0070 21 ALA B C   
803 O O   . ALA B 21 ? 0.2781 0.3127 0.3940 0.0104  0.0026  -0.0053 21 ALA B O   
804 C CB  . ALA B 21 ? 0.2688 0.2636 0.3281 0.0084  0.0300  -0.0004 21 ALA B CB  
810 N N   . PHI B 22 ? 0.2681 0.3048 0.3876 0.0317  0.0147  -0.0143 22 PHI B N   
811 C CA  . PHI B 22 ? 0.2669 0.3387 0.4242 0.0379  0.0120  -0.0212 22 PHI B CA  
812 C CB  . PHI B 22 ? 0.2640 0.3506 0.4386 0.0536  0.0198  -0.0322 22 PHI B CB  
813 C CG  . PHI B 22 ? 0.2650 0.3894 0.4809 0.0620  0.0159  -0.0401 22 PHI B CG  
814 C CD1 . PHI B 22 ? 0.2742 0.3923 0.5056 0.0784  0.0005  -0.0434 22 PHI B CD1 
815 C CD2 . PHI B 22 ? 0.2590 0.4269 0.4999 0.0537  0.0274  -0.0433 22 PHI B CD2 
816 C CE1 . PHI B 22 ? 0.3526 0.5083 0.6259 0.0886  -0.0041 -0.0514 22 PHI B CE1 
817 C CE2 . PHI B 22 ? 0.3508 0.5594 0.6343 0.0624  0.0247  -0.0513 22 PHI B CE2 
818 C CZ  . PHI B 22 ? 0.2679 0.4710 0.5690 0.0810  0.0085  -0.0561 22 PHI B CZ  
819 I I   . PHI B 22 ? 0.3650 0.6313 0.7332 0.0967  0.0034  -0.0685 22 PHI B I   
820 C C   . PHI B 22 ? 0.2769 0.3442 0.4446 0.0425  -0.0084 -0.0189 22 PHI B C   
821 O O   . PHI B 22 ? 0.2783 0.3734 0.4740 0.0392  -0.0155 -0.0201 22 PHI B O   
830 N N   . GLU B 23 ? 0.2861 0.3188 0.4301 0.0494  -0.0186 -0.0148 23 GLU B N   
831 C CA  . GLU B 23 ? 0.3002 0.3244 0.4472 0.0542  -0.0392 -0.0110 23 GLU B CA  
832 C C   . GLU B 23 ? 0.3063 0.3314 0.4469 0.0393  -0.0480 -0.0062 23 GLU B C   
833 O O   . GLU B 23 ? 0.3136 0.3560 0.4758 0.0390  -0.0625 -0.0066 23 GLU B O   
834 C CB  . GLU B 23 ? 0.3125 0.2978 0.4291 0.0615  -0.0465 -0.0051 23 GLU B CB  
835 C CG  . GLU B 23 ? 0.3214 0.2996 0.4430 0.0748  -0.0408 -0.0093 23 GLU B CG  
836 C CD  . GLU B 23 ? 0.3179 0.3148 0.4753 0.0901  -0.0505 -0.0157 23 GLU B CD  
837 O OE1 . GLU B 23 ? 0.5576 0.5567 0.7273 0.1013  -0.0437 -0.0237 23 GLU B OE1 
838 O OE2 . GLU B 23 ? 0.4869 0.4966 0.6609 0.0917  -0.0658 -0.0137 23 GLU B OE2 
845 N N   . PHE B 24 ? 0.3059 0.3110 0.4172 0.0275  -0.0403 -0.0024 24 PHE B N   
846 C CA  . PHE B 24 ? 0.3442 0.3447 0.4470 0.0129  -0.0486 0.0004  24 PHE B CA  
847 C C   . PHE B 24 ? 0.3473 0.3857 0.4863 0.0027  -0.0474 -0.0020 24 PHE B C   
848 O O   . PHE B 24 ? 0.3568 0.4026 0.5059 -0.0059 -0.0619 -0.0013 24 PHE B O   
849 C CB  . PHE B 24 ? 0.3512 0.3237 0.4192 0.0043  -0.0390 0.0036  24 PHE B CB  
850 C CG  . PHE B 24 ? 0.3676 0.3045 0.3984 0.0095  -0.0449 0.0067  24 PHE B CG  
851 C CD1 . PHE B 24 ? 0.4592 0.3803 0.4726 0.0056  -0.0608 0.0077  24 PHE B CD1 
852 C CD2 . PHE B 24 ? 0.4336 0.3549 0.4463 0.0176  -0.0346 0.0083  24 PHE B CD2 
853 C CE1 . PHE B 24 ? 0.6117 0.5036 0.5891 0.0102  -0.0644 0.0103  24 PHE B CE1 
854 C CE2 . PHE B 24 ? 0.5068 0.4000 0.4867 0.0211  -0.0383 0.0121  24 PHE B CE2 
855 C CZ  . PHE B 24 ? 0.3750 0.2543 0.3366 0.0179  -0.0523 0.0131  24 PHE B CZ  
865 N N   . LYS B 25 ? 0.3154 0.3797 0.4739 0.0023  -0.0303 -0.0049 25 LYS B N   
866 C CA  . LYS B 25 ? 0.3754 0.4823 0.5712 -0.0074 -0.0269 -0.0067 25 LYS B CA  
867 C C   . LYS B 25 ? 0.3111 0.4466 0.5431 0.0016  -0.0415 -0.0110 25 LYS B C   
868 O O   . LYS B 25 ? 0.3805 0.5406 0.6373 -0.0095 -0.0506 -0.0101 25 LYS B O   
869 C CB  . LYS B 25 ? 0.4452 0.5770 0.6527 -0.0067 -0.0047 -0.0098 25 LYS B CB  
870 C CG  . LYS B 25 ? 0.2771 0.3891 0.4553 -0.0188 0.0089  -0.0041 25 LYS B CG  
871 C CD  . LYS B 25 ? 0.3564 0.4979 0.5463 -0.0188 0.0295  -0.0070 25 LYS B CD  
872 C CE  . LYS B 25 ? 0.3442 0.4596 0.5025 -0.0120 0.0403  -0.0070 25 LYS B CE  
873 N NZ  . LYS B 25 ? 0.6681 0.8124 0.8384 -0.0048 0.0569  -0.0146 25 LYS B NZ  
887 N N   . ALA B 26 ? 0.2924 0.4249 0.5295 0.0218  -0.0451 -0.0154 26 ALA B N   
888 C CA  . ALA B 26 ? 0.2977 0.4551 0.5697 0.0334  -0.0609 -0.0190 26 ALA B CA  
889 C C   . ALA B 26 ? 0.5141 0.6561 0.7767 0.0272  -0.0847 -0.0134 26 ALA B C   
890 O O   . ALA B 26 ? 0.3199 0.4920 0.6158 0.0267  -0.0989 -0.0148 26 ALA B O   
891 C CB  . ALA B 26 ? 0.2992 0.4454 0.5727 0.0564  -0.0622 -0.0236 26 ALA B CB  
897 N N   . ILE B 27 ? 0.3253 0.4226 0.5424 0.0226  -0.0897 -0.0076 27 ILE B N   
898 C CA  . ILE B 27 ? 0.3456 0.4263 0.5469 0.0154  -0.1114 -0.0036 27 ILE B CA  
899 C C   . ILE B 27 ? 0.4549 0.5521 0.6680 -0.0059 -0.1134 -0.0038 27 ILE B C   
900 O O   . ILE B 27 ? 0.5243 0.6274 0.7451 -0.0127 -0.1337 -0.0035 27 ILE B O   
901 C CB  . ILE B 27 ? 0.4114 0.4427 0.5595 0.0165  -0.1132 0.0011  27 ILE B CB  
902 C CG1 . ILE B 27 ? 0.3608 0.3758 0.4992 0.0352  -0.1145 0.0035  27 ILE B CG1 
903 C CG2 . ILE B 27 ? 0.4456 0.4596 0.5720 0.0076  -0.1341 0.0033  27 ILE B CG2 
904 C CD1 . ILE B 27 ? 0.4325 0.4044 0.5213 0.0358  -0.1125 0.0091  27 ILE B CD1 
916 N N   . ALA B 28 ? 0.3591 0.4625 0.5727 -0.0177 -0.0941 -0.0039 28 ALA B N   
917 C CA  . ALA B 28 ? 0.5262 0.6441 0.7530 -0.0398 -0.0955 -0.0023 28 ALA B CA  
918 C C   . ALA B 28 ? 0.4197 0.5915 0.7006 -0.0436 -0.1011 -0.0045 28 ALA B C   
919 O O   . ALA B 28 ? 0.5323 0.7177 0.8285 -0.0626 -0.1103 -0.0029 28 ALA B O   
920 C CB  . ALA B 28 ? 0.4076 0.5194 0.6225 -0.0508 -0.0733 0.0005  28 ALA B CB  
926 N N   . GLN B 29 ? 0.3536 0.5565 0.6649 -0.0259 -0.0962 -0.0090 29 GLN B N   
927 C CA  . GLN B 29 ? 0.3584 0.6175 0.7254 -0.0255 -0.1014 -0.0125 29 GLN B CA  
928 C C   . GLN B 29 ? 0.5204 0.7822 0.9004 -0.0137 -0.1289 -0.0136 29 GLN B C   
929 O O   . GLN B 29 ? 0.5596 0.8658 0.9862 -0.0039 -0.1349 -0.0178 29 GLN B O   
930 C CB  . GLN B 29 ? 0.3983 0.6930 0.7940 -0.0106 -0.0807 -0.0189 29 GLN B CB  
931 C CG  . GLN B 29 ? 0.3711 0.6705 0.7565 -0.0226 -0.0539 -0.0174 29 GLN B CG  
932 C CD  . GLN B 29 ? 0.3821 0.6963 0.7748 -0.0037 -0.0346 -0.0251 29 GLN B CD  
933 O OE1 . GLN B 29 ? 0.4672 0.8097 0.8926 0.0153  -0.0376 -0.0335 29 GLN B OE1 
934 N NE2 . GLN B 29 ? 0.4385 0.7322 0.8004 -0.0081 -0.0156 -0.0234 29 GLN B NE2 
943 N N   . LYS B 30 ? 0.6865 0.9023 1.0247 -0.0142 -0.1457 -0.0099 30 LYS B N   
944 C CA  . LYS B 30 ? 0.6023 0.8158 0.9441 -0.0048 -0.1703 -0.0093 30 LYS B CA  
945 C C   . LYS B 30 ? 0.5925 0.8082 0.9455 0.0230  -0.1741 -0.0108 30 LYS B C   
946 O O   . LYS B 30 ? 0.5741 0.8323 0.9743 0.0341  -0.1725 -0.0155 30 LYS B O   
947 C CB  . LYS B 30 ? 0.6322 0.8660 0.9941 -0.0222 -0.1922 -0.0089 30 LYS B CB  
948 C CG  . LYS B 30 ? 0.6042 0.8158 0.9399 -0.0474 -0.1860 -0.0072 30 LYS B CG  
949 C CD  . LYS B 30 ? 0.7155 0.9221 1.0480 -0.0632 -0.2134 -0.0074 30 LYS B CD  
950 C CE  . LYS B 30 ? 0.7661 0.9137 1.0362 -0.0601 -0.2261 -0.0068 30 LYS B CE  
951 N NZ  . LYS B 30 ? 0.7560 0.9071 1.0277 -0.0551 -0.2571 -0.0070 30 LYS B NZ  
965 N N   . NH2 B 31 ? 0.4651 0.6312 0.7720 0.0353  -0.1795 -0.0061 31 NH2 B N   
# 
loop_
_pdbx_poly_seq_scheme.asym_id 
_pdbx_poly_seq_scheme.entity_id 
_pdbx_poly_seq_scheme.seq_id 
_pdbx_poly_seq_scheme.mon_id 
_pdbx_poly_seq_scheme.ndb_seq_num 
_pdbx_poly_seq_scheme.pdb_seq_num 
_pdbx_poly_seq_scheme.auth_seq_num 
_pdbx_poly_seq_scheme.pdb_mon_id 
_pdbx_poly_seq_scheme.auth_mon_id 
_pdbx_poly_seq_scheme.pdb_strand_id 
_pdbx_poly_seq_scheme.pdb_ins_code 
_pdbx_poly_seq_scheme.hetero 
A 1 1  ACE 1  1  1  ACE ACE A . n 
A 1 2  GLU 2  2  2  GLU GLU A . n 
A 1 3  LEU 3  3  3  LEU LEU A . n 
A 1 4  GLU 4  4  4  GLU GLU A . n 
A 1 5  ALA 5  5  5  ALA ALA A . n 
A 1 6  ILE 6  6  6  ILE ILE A . n 
A 1 7  ALA 7  7  7  ALA ALA A . n 
A 1 8  GLN 8  8  8  GLN GLN A . n 
A 1 9  LYS 9  9  9  LYS LYS A . n 
A 1 10 PHE 10 10 10 PHE PHE A . n 
A 1 11 GLU 11 11 11 GLU GLU A . n 
A 1 12 ALA 12 12 12 ALA ALA A . n 
A 1 13 ILE 13 13 13 ILE ILE A . n 
A 1 14 ALA 14 14 14 ALA ALA A . n 
A 1 15 LYS 15 15 15 LYS LYS A . n 
A 1 16 LYS 16 16 16 LYS LYS A . n 
A 1 17 PHE 17 17 17 PHE PHE A . n 
A 1 18 GLU 18 18 18 GLU GLU A . n 
A 1 19 ALA 19 19 19 ALA ALA A . n 
A 1 20 ILE 20 20 20 ILE ILE A . n 
A 1 21 ALA 21 21 21 ALA ALA A . n 
A 1 22 PHI 22 22 22 PHI PHI A . n 
A 1 23 LYS 23 23 23 LYS LYS A . n 
A 1 24 PHE 24 24 24 PHE PHE A . n 
A 1 25 GLU 25 25 25 GLU GLU A . n 
A 1 26 ALA 26 26 26 ALA ALA A . n 
A 1 27 ILE 27 27 27 ILE ILE A . n 
A 1 28 ALA 28 28 28 ALA ALA A . n 
A 1 29 GLN 29 29 29 GLN GLN A . n 
A 1 30 LYS 30 30 30 LYS LYA A . n 
A 1 31 NH2 31 31 30 NH2 LYA A . n 
B 2 1  ACE 1  1  1  ACE ACE B . n 
B 2 2  GLU 2  2  2  GLU GLU B . n 
B 2 3  LEU 3  3  3  LEU LEU B . n 
B 2 4  LYS 4  4  4  LYS LYS B . n 
B 2 5  ALA 5  5  5  ALA ALA B . n 
B 2 6  ILE 6  6  6  ILE ILE B . n 
B 2 7  ALA 7  7  7  ALA ALA B . n 
B 2 8  GLN 8  8  8  GLN GLN B . n 
B 2 9  GLU 9  9  9  GLU GLU B . n 
B 2 10 PHE 10 10 10 PHE PHE B . n 
B 2 11 LYS 11 11 11 LYS LYS B . n 
B 2 12 ALA 12 12 12 ALA ALA B . n 
B 2 13 ILE 13 13 13 ILE ILE B . n 
B 2 14 ALA 14 14 14 ALA ALA B . n 
B 2 15 LYS 15 15 15 LYS LYS B . n 
B 2 16 GLU 16 16 16 GLU GLU B . n 
B 2 17 PHE 17 17 17 PHE PHE B . n 
B 2 18 LYS 18 18 18 LYS LYS B . n 
B 2 19 ALA 19 19 19 ALA ALA B . n 
B 2 20 ILE 20 20 20 ILE ILE B . n 
B 2 21 ALA 21 21 21 ALA ALA B . n 
B 2 22 PHI 22 22 22 PHI PHI B . n 
B 2 23 GLU 23 23 23 GLU GLU B . n 
B 2 24 PHE 24 24 24 PHE PHE B . n 
B 2 25 LYS 25 25 25 LYS LYS B . n 
B 2 26 ALA 26 26 26 ALA ALA B . n 
B 2 27 ILE 27 27 27 ILE ILE B . n 
B 2 28 ALA 28 28 28 ALA ALA B . n 
B 2 29 GLN 29 29 29 GLN GLN B . n 
B 2 30 LYS 30 30 30 LYS LYA B . n 
B 2 31 NH2 31 31 30 NH2 LYA B . n 
# 
loop_
_pdbx_nonpoly_scheme.asym_id 
_pdbx_nonpoly_scheme.entity_id 
_pdbx_nonpoly_scheme.mon_id 
_pdbx_nonpoly_scheme.ndb_seq_num 
_pdbx_nonpoly_scheme.pdb_seq_num 
_pdbx_nonpoly_scheme.auth_seq_num 
_pdbx_nonpoly_scheme.pdb_mon_id 
_pdbx_nonpoly_scheme.auth_mon_id 
_pdbx_nonpoly_scheme.pdb_strand_id 
_pdbx_nonpoly_scheme.pdb_ins_code 
C 3 HOH 1  101 29 HOH HOH A . 
C 3 HOH 2  102 4  HOH HOH A . 
C 3 HOH 3  103 35 HOH HOH A . 
C 3 HOH 4  104 21 HOH HOH A . 
C 3 HOH 5  105 6  HOH HOH A . 
C 3 HOH 6  106 19 HOH HOH A . 
C 3 HOH 7  107 8  HOH HOH A . 
C 3 HOH 8  108 26 HOH HOH A . 
C 3 HOH 9  109 13 HOH HOH A . 
C 3 HOH 10 110 9  HOH HOH A . 
C 3 HOH 11 111 34 HOH HOH A . 
C 3 HOH 12 112 3  HOH HOH A . 
C 3 HOH 13 113 10 HOH HOH A . 
C 3 HOH 14 114 25 HOH HOH A . 
C 3 HOH 15 115 2  HOH HOH A . 
C 3 HOH 16 116 28 HOH HOH A . 
C 3 HOH 17 117 44 HOH HOH A . 
C 3 HOH 18 118 14 HOH HOH A . 
C 3 HOH 19 119 18 HOH HOH A . 
C 3 HOH 20 120 38 HOH HOH A . 
C 3 HOH 21 121 15 HOH HOH A . 
C 3 HOH 22 122 33 HOH HOH A . 
C 3 HOH 23 123 22 HOH HOH A . 
C 3 HOH 24 124 32 HOH HOH A . 
C 3 HOH 25 125 39 HOH HOH A . 
C 3 HOH 26 126 43 HOH HOH A . 
D 3 HOH 1  101 20 HOH HOH B . 
D 3 HOH 2  102 24 HOH HOH B . 
D 3 HOH 3  103 7  HOH HOH B . 
D 3 HOH 4  104 23 HOH HOH B . 
D 3 HOH 5  105 41 HOH HOH B . 
D 3 HOH 6  106 30 HOH HOH B . 
D 3 HOH 7  107 5  HOH HOH B . 
D 3 HOH 8  108 27 HOH HOH B . 
D 3 HOH 9  109 1  HOH HOH B . 
D 3 HOH 10 110 40 HOH HOH B . 
D 3 HOH 11 111 11 HOH HOH B . 
D 3 HOH 12 112 37 HOH HOH B . 
D 3 HOH 13 113 17 HOH HOH B . 
D 3 HOH 14 114 12 HOH HOH B . 
D 3 HOH 15 115 31 HOH HOH B . 
D 3 HOH 16 116 36 HOH HOH B . 
D 3 HOH 17 117 45 HOH HOH B . 
D 3 HOH 18 118 16 HOH HOH B . 
D 3 HOH 19 119 42 HOH HOH B . 
# 
_pdbx_struct_assembly.id                   1 
_pdbx_struct_assembly.details              author_and_software_defined_assembly 
_pdbx_struct_assembly.method_details       PISA 
_pdbx_struct_assembly.oligomeric_details   hexameric 
_pdbx_struct_assembly.oligomeric_count     6 
# 
_pdbx_struct_assembly_gen.assembly_id       1 
_pdbx_struct_assembly_gen.oper_expression   1,2,3 
_pdbx_struct_assembly_gen.asym_id_list      A,B,C,D 
# 
loop_
_pdbx_struct_assembly_prop.biol_id 
_pdbx_struct_assembly_prop.type 
_pdbx_struct_assembly_prop.value 
_pdbx_struct_assembly_prop.details 
1 'ABSA (A^2)' 12130 ? 
1 MORE         -123  ? 
1 'SSA (A^2)'  8740  ? 
# 
loop_
_pdbx_struct_oper_list.id 
_pdbx_struct_oper_list.type 
_pdbx_struct_oper_list.name 
_pdbx_struct_oper_list.symmetry_operation 
_pdbx_struct_oper_list.matrix[1][1] 
_pdbx_struct_oper_list.matrix[1][2] 
_pdbx_struct_oper_list.matrix[1][3] 
_pdbx_struct_oper_list.vector[1] 
_pdbx_struct_oper_list.matrix[2][1] 
_pdbx_struct_oper_list.matrix[2][2] 
_pdbx_struct_oper_list.matrix[2][3] 
_pdbx_struct_oper_list.vector[2] 
_pdbx_struct_oper_list.matrix[3][1] 
_pdbx_struct_oper_list.matrix[3][2] 
_pdbx_struct_oper_list.matrix[3][3] 
_pdbx_struct_oper_list.vector[3] 
1 'identity operation'         1_555 x,y,z       1.0000000000 0.0000000000  0.0000000000 0.0000000000 0.0000000000  1.0000000000  0.0000000000  0.0000000000  0.0000000000 0.0000000000  1.0000000000  0.0000000000   
2 'crystal symmetry operation' 2_565 -y,x-y+1,z  0.5840465584 0.5871160407  0.5605215182 6.0669844049 -0.3045578303 -0.4815877045 0.8217772271  5.3490143088  0.7524188632 -0.6506673786 -0.1024588539 -11.1697341681 
3 'crystal symmetry operation' 3_455 -x+y-1,-x,z 0.5840465584 -0.3045578303 0.7524188632 6.4900015156 0.5871160407  -0.4815877045 -0.6506673786 -8.2537859918 0.5605215182 0.8217772271  -0.1024588539 -8.9408116173 
# 
loop_
_pdbx_struct_special_symmetry.id 
_pdbx_struct_special_symmetry.PDB_model_num 
_pdbx_struct_special_symmetry.auth_asym_id 
_pdbx_struct_special_symmetry.auth_comp_id 
_pdbx_struct_special_symmetry.auth_seq_id 
_pdbx_struct_special_symmetry.PDB_ins_code 
_pdbx_struct_special_symmetry.label_asym_id 
_pdbx_struct_special_symmetry.label_comp_id 
_pdbx_struct_special_symmetry.label_seq_id 
1 1 A HOH 102 ? C HOH . 
2 1 A HOH 108 ? C HOH . 
# 
loop_
_pdbx_audit_revision_history.ordinal 
_pdbx_audit_revision_history.data_content_type 
_pdbx_audit_revision_history.major_revision 
_pdbx_audit_revision_history.minor_revision 
_pdbx_audit_revision_history.revision_date 
1 'Structure model' 1 0 2017-10-04 
2 'Structure model' 1 1 2017-10-11 
3 'Structure model' 1 2 2017-10-25 
4 'Structure model' 2 0 2022-12-14 
# 
_pdbx_audit_revision_details.ordinal             1 
_pdbx_audit_revision_details.revision_ordinal    1 
_pdbx_audit_revision_details.data_content_type   'Structure model' 
_pdbx_audit_revision_details.provider            repository 
_pdbx_audit_revision_details.type                'Initial release' 
_pdbx_audit_revision_details.description         ? 
_pdbx_audit_revision_details.details             ? 
# 
loop_
_pdbx_audit_revision_group.ordinal 
_pdbx_audit_revision_group.revision_ordinal 
_pdbx_audit_revision_group.data_content_type 
_pdbx_audit_revision_group.group 
1  2 'Structure model' 'Database references'     
2  3 'Structure model' 'Database references'     
3  4 'Structure model' 'Atomic model'            
4  4 'Structure model' 'Data collection'         
5  4 'Structure model' 'Database references'     
6  4 'Structure model' 'Derived calculations'    
7  4 'Structure model' 'Non-polymer description' 
8  4 'Structure model' 'Polymer sequence'        
9  4 'Structure model' 'Source and taxonomy'     
10 4 'Structure model' 'Structure summary'       
# 
loop_
_pdbx_audit_revision_category.ordinal 
_pdbx_audit_revision_category.revision_ordinal 
_pdbx_audit_revision_category.data_content_type 
_pdbx_audit_revision_category.category 
1  2 'Structure model' citation                 
2  3 'Structure model' citation                 
3  4 'Structure model' atom_site                
4  4 'Structure model' atom_site_anisotrop      
5  4 'Structure model' chem_comp                
6  4 'Structure model' database_2               
7  4 'Structure model' entity                   
8  4 'Structure model' entity_poly              
9  4 'Structure model' entity_poly_seq          
10 4 'Structure model' pdbx_entity_src_syn      
11 4 'Structure model' pdbx_poly_seq_scheme     
12 4 'Structure model' pdbx_validate_rmsd_angle 
13 4 'Structure model' pdbx_validate_rmsd_bond  
14 4 'Structure model' struct_conf              
15 4 'Structure model' struct_conn              
16 4 'Structure model' struct_ref_seq           
# 
loop_
_pdbx_audit_revision_item.ordinal 
_pdbx_audit_revision_item.revision_ordinal 
_pdbx_audit_revision_item.data_content_type 
_pdbx_audit_revision_item.item 
1  2 'Structure model' '_citation.title'                           
2  3 'Structure model' '_citation.journal_volume'                  
3  3 'Structure model' '_citation.page_first'                      
4  3 'Structure model' '_citation.page_last'                       
5  4 'Structure model' '_atom_site.B_iso_or_equiv'                 
6  4 'Structure model' '_atom_site.Cartn_x'                        
7  4 'Structure model' '_atom_site.Cartn_y'                        
8  4 'Structure model' '_atom_site.Cartn_z'                        
9  4 'Structure model' '_atom_site.auth_atom_id'                   
10 4 'Structure model' '_atom_site.auth_comp_id'                   
11 4 'Structure model' '_atom_site.auth_seq_id'                    
12 4 'Structure model' '_atom_site.group_PDB'                      
13 4 'Structure model' '_atom_site.label_atom_id'                  
14 4 'Structure model' '_atom_site.label_comp_id'                  
15 4 'Structure model' '_atom_site.label_seq_id'                   
16 4 'Structure model' '_atom_site.pdbx_formal_charge'             
17 4 'Structure model' '_atom_site.type_symbol'                    
18 4 'Structure model' '_atom_site_anisotrop.U[1][1]'              
19 4 'Structure model' '_atom_site_anisotrop.U[1][2]'              
20 4 'Structure model' '_atom_site_anisotrop.U[1][3]'              
21 4 'Structure model' '_atom_site_anisotrop.U[2][2]'              
22 4 'Structure model' '_atom_site_anisotrop.U[2][3]'              
23 4 'Structure model' '_atom_site_anisotrop.U[3][3]'              
24 4 'Structure model' '_atom_site_anisotrop.id'                   
25 4 'Structure model' '_atom_site_anisotrop.pdbx_auth_atom_id'    
26 4 'Structure model' '_atom_site_anisotrop.pdbx_auth_comp_id'    
27 4 'Structure model' '_atom_site_anisotrop.pdbx_auth_seq_id'     
28 4 'Structure model' '_atom_site_anisotrop.pdbx_label_atom_id'   
29 4 'Structure model' '_atom_site_anisotrop.pdbx_label_comp_id'   
30 4 'Structure model' '_atom_site_anisotrop.pdbx_label_seq_id'    
31 4 'Structure model' '_atom_site_anisotrop.type_symbol'          
32 4 'Structure model' '_chem_comp.formula'                        
33 4 'Structure model' '_chem_comp.formula_weight'                 
34 4 'Structure model' '_chem_comp.id'                             
35 4 'Structure model' '_chem_comp.mon_nstd_flag'                  
36 4 'Structure model' '_chem_comp.name'                           
37 4 'Structure model' '_chem_comp.type'                           
38 4 'Structure model' '_database_2.pdbx_DOI'                      
39 4 'Structure model' '_database_2.pdbx_database_accession'       
40 4 'Structure model' '_entity.formula_weight'                    
41 4 'Structure model' '_entity_poly.pdbx_seq_one_letter_code'     
42 4 'Structure model' '_entity_poly.pdbx_seq_one_letter_code_can' 
43 4 'Structure model' '_pdbx_entity_src_syn.pdbx_end_seq_num'     
44 4 'Structure model' '_struct_conf.end_auth_comp_id'             
45 4 'Structure model' '_struct_conf.end_label_comp_id'            
46 4 'Structure model' '_struct_conn.pdbx_dist_value'              
47 4 'Structure model' '_struct_conn.ptnr1_auth_comp_id'           
48 4 'Structure model' '_struct_conn.ptnr1_auth_seq_id'            
49 4 'Structure model' '_struct_conn.ptnr1_label_comp_id'          
50 4 'Structure model' '_struct_conn.ptnr1_label_seq_id'           
51 4 'Structure model' '_struct_conn.ptnr2_auth_comp_id'           
52 4 'Structure model' '_struct_conn.ptnr2_auth_seq_id'            
53 4 'Structure model' '_struct_conn.ptnr2_label_comp_id'          
54 4 'Structure model' '_struct_conn.ptnr2_label_seq_id'           
55 4 'Structure model' '_struct_ref_seq.db_align_end'              
56 4 'Structure model' '_struct_ref_seq.pdbx_auth_seq_align_end'   
57 4 'Structure model' '_struct_ref_seq.seq_align_end'             
# 
_pdbx_refine_tls.pdbx_refine_id   'X-RAY DIFFRACTION' 
_pdbx_refine_tls.id               1 
_pdbx_refine_tls.details          ? 
_pdbx_refine_tls.method           refined 
_pdbx_refine_tls.origin_x         -0.3250 
_pdbx_refine_tls.origin_y         0.1186 
_pdbx_refine_tls.origin_z         0.0231 
_pdbx_refine_tls.T[1][1]          0.2513 
_pdbx_refine_tls.T[2][2]          0.1818 
_pdbx_refine_tls.T[3][3]          0.2110 
_pdbx_refine_tls.T[1][2]          0.0256 
_pdbx_refine_tls.T[1][3]          0.0714 
_pdbx_refine_tls.T[2][3]          0.0013 
_pdbx_refine_tls.L[1][1]          2.5311 
_pdbx_refine_tls.L[2][2]          2.0641 
_pdbx_refine_tls.L[3][3]          2.5475 
_pdbx_refine_tls.L[1][2]          0.1593 
_pdbx_refine_tls.L[1][3]          0.8457 
_pdbx_refine_tls.L[2][3]          0.0248 
_pdbx_refine_tls.S[1][1]          -0.1054 
_pdbx_refine_tls.S[1][2]          -0.3014 
_pdbx_refine_tls.S[1][3]          0.0909 
_pdbx_refine_tls.S[2][1]          -0.0627 
_pdbx_refine_tls.S[2][2]          -0.0777 
_pdbx_refine_tls.S[2][3]          0.3120 
_pdbx_refine_tls.S[3][1]          -0.0467 
_pdbx_refine_tls.S[3][2]          -0.2793 
_pdbx_refine_tls.S[3][3]          0.0340 
# 
_pdbx_refine_tls_group.pdbx_refine_id      'X-RAY DIFFRACTION' 
_pdbx_refine_tls_group.id                  1 
_pdbx_refine_tls_group.refine_tls_id       1 
_pdbx_refine_tls_group.beg_auth_asym_id    ? 
_pdbx_refine_tls_group.beg_auth_seq_id     ? 
_pdbx_refine_tls_group.beg_label_asym_id   ? 
_pdbx_refine_tls_group.beg_label_seq_id    ? 
_pdbx_refine_tls_group.end_auth_asym_id    ? 
_pdbx_refine_tls_group.end_auth_seq_id     ? 
_pdbx_refine_tls_group.end_label_asym_id   ? 
_pdbx_refine_tls_group.end_label_seq_id    ? 
_pdbx_refine_tls_group.selection           ? 
_pdbx_refine_tls_group.selection_details   all 
# 
loop_
_software.citation_id 
_software.classification 
_software.compiler_name 
_software.compiler_version 
_software.contact_author 
_software.contact_author_email 
_software.date 
_software.description 
_software.dependencies 
_software.hardware 
_software.language 
_software.location 
_software.mods 
_software.name 
_software.os 
_software.os_version 
_software.type 
_software.version 
_software.pdbx_ordinal 
? refinement        ? ? ? ? ? ? ? ? ? ? ? PHENIX  ? ? ? '(1.10_2155: ???)' 1 
? 'data processing' ? ? ? ? ? ? ? ? ? ? ? iMOSFLM ? ? ? .                  2 
? 'data reduction'  ? ? ? ? ? ? ? ? ? ? ? Aimless ? ? ? .                  3 
? phasing           ? ? ? ? ? ? ? ? ? ? ? PHENIX  ? ? ? .                  4 
# 
_pdbx_validate_close_contact.id               1 
_pdbx_validate_close_contact.PDB_model_num    1 
_pdbx_validate_close_contact.auth_atom_id_1   HZ3 
_pdbx_validate_close_contact.auth_asym_id_1   A 
_pdbx_validate_close_contact.auth_comp_id_1   LYS 
_pdbx_validate_close_contact.auth_seq_id_1    15 
_pdbx_validate_close_contact.PDB_ins_code_1   ? 
_pdbx_validate_close_contact.label_alt_id_1   ? 
_pdbx_validate_close_contact.auth_atom_id_2   O 
_pdbx_validate_close_contact.auth_asym_id_2   A 
_pdbx_validate_close_contact.auth_comp_id_2   HOH 
_pdbx_validate_close_contact.auth_seq_id_2    101 
_pdbx_validate_close_contact.PDB_ins_code_2   ? 
_pdbx_validate_close_contact.label_alt_id_2   ? 
_pdbx_validate_close_contact.dist             1.50 
# 
_pdbx_validate_symm_contact.id                1 
_pdbx_validate_symm_contact.PDB_model_num     1 
_pdbx_validate_symm_contact.auth_atom_id_1    O 
_pdbx_validate_symm_contact.auth_asym_id_1    A 
_pdbx_validate_symm_contact.auth_comp_id_1    HOH 
_pdbx_validate_symm_contact.auth_seq_id_1     104 
_pdbx_validate_symm_contact.PDB_ins_code_1    ? 
_pdbx_validate_symm_contact.label_alt_id_1    ? 
_pdbx_validate_symm_contact.site_symmetry_1   1_555 
_pdbx_validate_symm_contact.auth_atom_id_2    O 
_pdbx_validate_symm_contact.auth_asym_id_2    A 
_pdbx_validate_symm_contact.auth_comp_id_2    HOH 
_pdbx_validate_symm_contact.auth_seq_id_2     109 
_pdbx_validate_symm_contact.PDB_ins_code_2    ? 
_pdbx_validate_symm_contact.label_alt_id_2    ? 
_pdbx_validate_symm_contact.site_symmetry_2   5_555 
_pdbx_validate_symm_contact.dist              1.84 
# 
loop_
_pdbx_validate_rmsd_bond.id 
_pdbx_validate_rmsd_bond.PDB_model_num 
_pdbx_validate_rmsd_bond.auth_atom_id_1 
_pdbx_validate_rmsd_bond.auth_asym_id_1 
_pdbx_validate_rmsd_bond.auth_comp_id_1 
_pdbx_validate_rmsd_bond.auth_seq_id_1 
_pdbx_validate_rmsd_bond.PDB_ins_code_1 
_pdbx_validate_rmsd_bond.label_alt_id_1 
_pdbx_validate_rmsd_bond.auth_atom_id_2 
_pdbx_validate_rmsd_bond.auth_asym_id_2 
_pdbx_validate_rmsd_bond.auth_comp_id_2 
_pdbx_validate_rmsd_bond.auth_seq_id_2 
_pdbx_validate_rmsd_bond.PDB_ins_code_2 
_pdbx_validate_rmsd_bond.label_alt_id_2 
_pdbx_validate_rmsd_bond.bond_value 
_pdbx_validate_rmsd_bond.bond_target_value 
_pdbx_validate_rmsd_bond.bond_deviation 
_pdbx_validate_rmsd_bond.bond_standard_deviation 
_pdbx_validate_rmsd_bond.linker_flag 
1 1 N A LYS 30 ? ? CA A LYS 30 ? ? 1.312 1.459 -0.147 0.020 N 
2 1 N B LYS 30 ? ? CA B LYS 30 ? ? 1.306 1.459 -0.153 0.020 N 
# 
_pdbx_validate_rmsd_angle.id                         1 
_pdbx_validate_rmsd_angle.PDB_model_num              1 
_pdbx_validate_rmsd_angle.auth_atom_id_1             CB 
_pdbx_validate_rmsd_angle.auth_asym_id_1             B 
_pdbx_validate_rmsd_angle.auth_comp_id_1             LYS 
_pdbx_validate_rmsd_angle.auth_seq_id_1              30 
_pdbx_validate_rmsd_angle.PDB_ins_code_1             ? 
_pdbx_validate_rmsd_angle.label_alt_id_1             ? 
_pdbx_validate_rmsd_angle.auth_atom_id_2             CA 
_pdbx_validate_rmsd_angle.auth_asym_id_2             B 
_pdbx_validate_rmsd_angle.auth_comp_id_2             LYS 
_pdbx_validate_rmsd_angle.auth_seq_id_2              30 
_pdbx_validate_rmsd_angle.PDB_ins_code_2             ? 
_pdbx_validate_rmsd_angle.label_alt_id_2             ? 
_pdbx_validate_rmsd_angle.auth_atom_id_3             C 
_pdbx_validate_rmsd_angle.auth_asym_id_3             B 
_pdbx_validate_rmsd_angle.auth_comp_id_3             LYS 
_pdbx_validate_rmsd_angle.auth_seq_id_3              30 
_pdbx_validate_rmsd_angle.PDB_ins_code_3             ? 
_pdbx_validate_rmsd_angle.label_alt_id_3             ? 
_pdbx_validate_rmsd_angle.angle_value                122.67 
_pdbx_validate_rmsd_angle.angle_target_value         110.40 
_pdbx_validate_rmsd_angle.angle_deviation            12.27 
_pdbx_validate_rmsd_angle.angle_standard_deviation   2.00 
_pdbx_validate_rmsd_angle.linker_flag                N 
# 
_pdbx_distant_solvent_atoms.id                                1 
_pdbx_distant_solvent_atoms.PDB_model_num                     1 
_pdbx_distant_solvent_atoms.auth_atom_id                      O 
_pdbx_distant_solvent_atoms.label_alt_id                      ? 
_pdbx_distant_solvent_atoms.auth_asym_id                      A 
_pdbx_distant_solvent_atoms.auth_comp_id                      HOH 
_pdbx_distant_solvent_atoms.auth_seq_id                       126 
_pdbx_distant_solvent_atoms.PDB_ins_code                      ? 
_pdbx_distant_solvent_atoms.neighbor_macromolecule_distance   6.61 
_pdbx_distant_solvent_atoms.neighbor_ligand_distance          . 
# 
_pdbx_entity_nonpoly.entity_id   3 
_pdbx_entity_nonpoly.name        water 
_pdbx_entity_nonpoly.comp_id     HOH 
# 
_pdbx_struct_assembly_auth_evidence.id                     1 
_pdbx_struct_assembly_auth_evidence.assembly_id            1 
_pdbx_struct_assembly_auth_evidence.experimental_support   'gel filtration' 
_pdbx_struct_assembly_auth_evidence.details                'Ran on SEC as a hexamer' 
# 
